data_4QNP
#
_entry.id   4QNP
#
_cell.length_a   144.290
_cell.length_b   202.951
_cell.length_c   143.968
_cell.angle_alpha   90.00
_cell.angle_beta   90.00
_cell.angle_gamma   90.00
#
_symmetry.space_group_name_H-M   'C 2 2 2'
#
loop_
_entity.id
_entity.type
_entity.pdbx_description
1 polymer Neuraminidase
2 polymer 'neutralizing antibody, light chain'
3 polymer 'neutralizing antibody, heavy chain'
4 branched 2-acetamido-2-deoxy-beta-D-glucopyranose-(1-4)-2-acetamido-2-deoxy-beta-D-glucopyranose
5 non-polymer 2-acetamido-2-deoxy-beta-D-glucopyranose
6 non-polymer 'CALCIUM ION'
7 water water
#
loop_
_entity_poly.entity_id
_entity_poly.type
_entity_poly.pdbx_seq_one_letter_code
_entity_poly.pdbx_strand_id
1 'polypeptide(L)'
;SVKLAGNSSLCPVSGWAIYSKDNSVRIGSKGDVFVIREPFISCSPLECRTFFLTQGALLNDKHSNGTIKDRSPYRTLMSC
PIGEVPSPYNSRFESVAWSASACHDGINWLTIGISGPDNGAVAVLKYNGIITDTIKSWRNNILRTQESECACVNGSCFTV
MTDGPSNGQASYKIFRIEKGKIVKSVEMNAPNYHYEECSCYPDSSEITCVCRDNWHGSNRPWVSFNQNLEYQIGYICSGI
FGDNPRPNDKTGSCGPVSSNGANGVKGFSFKYGNGVWIGRTKSISSRNGFEMIWDPNGWTGTDNNFSIKQDIVGINEWSG
YSGSFVQHPELTGLDCIRPCFWVELIRGRPKENTIWTSGSSISFCGVNSDTVGWSWPDGAELPFTI
;
A,B
2 'polypeptide(L)'
;QIVLSQSPAILSASPGEKVTMTCRTSSSVSYMHWYQQKPGSSPKPWIYATSNLASGVPFRFSGSGSGTSYSLTISRVEAE
DAATYYCQQWNSNPPTFGGGTKLEIKRADAAPTVSIFPPSSEQLTSGGASVVCFLNNFYPKDINVKWKIDGSERQNGVLN
SWTDQDSKDSTYSMSSTLTLTKDEYERHNSYTCEATHKTSTSPIVKSFNRNE
;
F,L
3 'polypeptide(L)'
;QVKLQESGGGLVQPKGSLKLSCAASGFTFNTYAMNWVRQAPGKGLEWVARIRSKSNNYATFYADSVKDRFTISRDDSQSM
LYLQMHNLKTDDTAMYYCVRPSIYYYASGYLDVWGAGTTVTVSSAKTTAPSVYPLAPVCGDTTGSSVTLGCLVKGYFPEP
VTLTWNSGSLSSGVHTFPAVLQSDLYTLSSSVTVTSSTWPSQSITCNVAHPASSTKVDKKIEPR
;
E,H
#
# COMPACT_ATOMS: atom_id res chain seq x y z
N SER A 1 4.52 26.14 -21.44
CA SER A 1 5.50 25.73 -22.50
C SER A 1 6.92 26.36 -22.42
N VAL A 2 7.11 27.59 -21.93
CA VAL A 2 8.50 28.13 -21.76
C VAL A 2 8.72 28.81 -20.42
N LYS A 3 9.82 28.44 -19.74
CA LYS A 3 10.17 29.01 -18.45
C LYS A 3 10.40 30.55 -18.50
N LEU A 4 9.96 31.23 -17.44
CA LEU A 4 10.10 32.67 -17.31
C LEU A 4 11.57 33.01 -17.17
N ALA A 5 12.05 33.92 -18.00
CA ALA A 5 13.45 34.33 -17.92
C ALA A 5 13.76 35.02 -16.59
N GLY A 6 12.93 35.97 -16.20
CA GLY A 6 13.16 36.74 -15.00
C GLY A 6 14.39 37.63 -15.04
N ASN A 7 14.82 38.04 -16.20
CA ASN A 7 16.11 38.73 -16.31
C ASN A 7 15.99 40.26 -16.46
N SER A 8 14.79 40.74 -16.80
CA SER A 8 14.56 42.16 -16.96
C SER A 8 14.39 42.76 -15.59
N SER A 9 14.50 44.09 -15.52
CA SER A 9 14.28 44.78 -14.23
C SER A 9 12.84 45.25 -14.01
N LEU A 10 12.56 45.85 -12.85
CA LEU A 10 11.22 46.26 -12.54
C LEU A 10 10.80 47.44 -13.34
N CYS A 11 9.59 47.38 -13.87
CA CYS A 11 9.03 48.48 -14.61
C CYS A 11 9.03 49.73 -13.76
N PRO A 12 9.49 50.83 -14.36
CA PRO A 12 9.36 52.09 -13.65
C PRO A 12 7.86 52.31 -13.37
N VAL A 13 7.52 52.96 -12.27
CA VAL A 13 6.14 52.97 -11.83
C VAL A 13 5.81 54.24 -11.06
N SER A 14 4.89 55.07 -11.59
CA SER A 14 4.57 56.37 -10.97
C SER A 14 3.34 56.34 -10.05
N GLY A 15 2.63 55.22 -10.06
CA GLY A 15 1.46 55.10 -9.21
C GLY A 15 0.78 53.77 -9.45
N TRP A 16 -0.32 53.57 -8.73
CA TRP A 16 -0.92 52.26 -8.63
C TRP A 16 -2.37 52.33 -9.06
N ALA A 17 -2.73 51.43 -9.97
CA ALA A 17 -4.05 51.39 -10.57
C ALA A 17 -4.79 50.16 -10.09
N ILE A 18 -6.10 50.33 -9.86
CA ILE A 18 -6.88 49.23 -9.32
C ILE A 18 -7.06 48.10 -10.36
N TYR A 19 -6.91 46.87 -9.87
CA TYR A 19 -6.84 45.69 -10.71
C TYR A 19 -7.96 44.74 -10.43
N SER A 20 -8.17 44.46 -9.16
CA SER A 20 -9.28 43.59 -8.78
C SER A 20 -9.87 43.95 -7.46
N LYS A 21 -11.10 43.51 -7.25
CA LYS A 21 -11.70 43.48 -5.92
C LYS A 21 -12.79 42.41 -5.90
N ASP A 22 -12.74 41.53 -4.92
CA ASP A 22 -13.67 40.38 -4.91
C ASP A 22 -15.02 40.57 -4.15
N ASN A 23 -15.07 41.49 -3.19
CA ASN A 23 -16.24 41.72 -2.33
C ASN A 23 -16.74 40.46 -1.60
N SER A 24 -15.81 39.56 -1.24
CA SER A 24 -16.15 38.28 -0.66
C SER A 24 -17.18 38.34 0.47
N VAL A 25 -16.92 39.19 1.45
CA VAL A 25 -17.65 39.14 2.69
C VAL A 25 -19.06 39.69 2.46
N ARG A 26 -19.20 40.74 1.64
CA ARG A 26 -20.55 41.29 1.33
C ARG A 26 -21.44 40.23 0.68
N ILE A 27 -20.84 39.52 -0.29
CA ILE A 27 -21.50 38.48 -1.03
C ILE A 27 -21.77 37.30 -0.13
N GLY A 28 -20.80 36.95 0.71
CA GLY A 28 -20.91 35.79 1.64
C GLY A 28 -22.02 35.92 2.67
N SER A 29 -22.46 37.14 2.91
CA SER A 29 -23.68 37.39 3.67
C SER A 29 -24.79 36.42 3.25
N LYS A 30 -24.89 36.14 1.95
CA LYS A 30 -25.87 35.16 1.46
C LYS A 30 -25.25 33.99 0.71
N GLY A 31 -24.22 34.25 -0.09
CA GLY A 31 -23.61 33.19 -0.90
C GLY A 31 -22.93 32.08 -0.10
N ASP A 32 -22.42 31.11 -0.84
CA ASP A 32 -21.60 30.05 -0.27
C ASP A 32 -20.13 30.35 -0.51
N VAL A 33 -19.53 31.08 0.42
CA VAL A 33 -18.18 31.63 0.33
C VAL A 33 -17.37 31.16 1.54
N PHE A 34 -16.13 30.79 1.30
CA PHE A 34 -15.29 30.28 2.37
C PHE A 34 -14.95 31.41 3.35
N VAL A 35 -14.83 31.06 4.63
CA VAL A 35 -14.05 31.90 5.53
C VAL A 35 -12.59 31.71 5.14
N ILE A 36 -11.90 32.81 4.90
CA ILE A 36 -10.54 32.74 4.37
C ILE A 36 -9.64 33.73 5.11
N ARG A 37 -8.34 33.56 4.90
CA ARG A 37 -7.31 34.52 5.33
C ARG A 37 -6.09 34.37 4.39
N GLU A 38 -5.06 35.22 4.50
CA GLU A 38 -3.83 35.11 3.68
C GLU A 38 -4.16 35.13 2.17
N PRO A 39 -5.07 36.00 1.71
CA PRO A 39 -5.55 35.91 0.31
C PRO A 39 -4.61 36.45 -0.75
N PHE A 40 -3.45 35.82 -0.94
CA PHE A 40 -2.42 36.34 -1.89
C PHE A 40 -2.69 36.09 -3.39
N ILE A 41 -1.99 36.79 -4.28
CA ILE A 41 -2.17 36.61 -5.71
C ILE A 41 -0.86 36.13 -6.35
N SER A 42 -0.97 35.35 -7.41
CA SER A 42 0.17 34.94 -8.23
C SER A 42 -0.30 34.65 -9.68
N CYS A 43 0.59 34.88 -10.65
CA CYS A 43 0.21 34.87 -12.05
C CYS A 43 0.99 33.85 -12.86
N SER A 44 0.30 33.21 -13.81
CA SER A 44 0.94 32.32 -14.82
C SER A 44 1.29 33.10 -16.09
N PRO A 45 1.79 32.42 -17.12
CA PRO A 45 1.87 33.17 -18.38
C PRO A 45 0.49 33.39 -19.02
N LEU A 46 -0.53 32.67 -18.53
CA LEU A 46 -1.91 32.78 -19.04
C LEU A 46 -2.94 33.51 -18.17
N GLU A 47 -2.83 33.46 -16.85
CA GLU A 47 -3.87 34.00 -15.96
C GLU A 47 -3.36 34.24 -14.53
N CYS A 48 -3.98 35.19 -13.85
CA CYS A 48 -3.66 35.47 -12.48
C CYS A 48 -4.73 34.89 -11.63
N ARG A 49 -4.34 34.41 -10.48
CA ARG A 49 -5.22 33.66 -9.58
C ARG A 49 -4.99 34.12 -8.18
N THR A 50 -6.02 34.11 -7.35
CA THR A 50 -5.82 34.36 -5.94
C THR A 50 -5.84 33.05 -5.15
N PHE A 51 -4.80 32.87 -4.34
CA PHE A 51 -4.65 31.73 -3.48
C PHE A 51 -5.05 32.13 -2.06
N PHE A 52 -5.53 31.21 -1.24
CA PHE A 52 -6.00 31.56 0.11
C PHE A 52 -6.10 30.36 1.05
N LEU A 53 -6.13 30.62 2.36
CA LEU A 53 -6.26 29.55 3.36
C LEU A 53 -7.66 29.48 3.93
N THR A 54 -8.34 28.38 3.72
CA THR A 54 -9.69 28.21 4.23
C THR A 54 -9.54 27.54 5.55
N GLN A 55 -10.52 27.75 6.42
CA GLN A 55 -10.69 26.93 7.63
C GLN A 55 -11.60 25.74 7.32
N GLY A 56 -12.17 25.73 6.12
CA GLY A 56 -12.97 24.61 5.65
C GLY A 56 -14.38 24.82 6.11
N ALA A 57 -14.87 26.03 5.90
CA ALA A 57 -16.12 26.46 6.50
C ALA A 57 -16.65 27.64 5.72
N LEU A 58 -17.94 27.93 5.87
CA LEU A 58 -18.55 28.98 5.09
C LEU A 58 -19.01 30.17 5.96
N LEU A 59 -18.88 31.39 5.42
CA LEU A 59 -19.48 32.53 6.07
C LEU A 59 -20.93 32.19 6.40
N ASN A 60 -21.36 32.62 7.60
CA ASN A 60 -22.73 32.44 8.11
C ASN A 60 -23.10 31.00 8.41
N ASP A 61 -22.13 30.16 8.73
CA ASP A 61 -22.37 28.79 9.21
C ASP A 61 -21.60 28.63 10.50
N LYS A 62 -22.15 27.80 11.39
CA LYS A 62 -21.56 27.54 12.73
C LYS A 62 -20.07 27.16 12.73
N HIS A 63 -19.58 26.49 11.67
CA HIS A 63 -18.16 26.05 11.63
C HIS A 63 -17.18 27.21 11.40
N SER A 64 -17.71 28.39 11.12
CA SER A 64 -16.89 29.62 11.10
C SER A 64 -16.54 30.12 12.52
N ASN A 65 -17.07 29.44 13.55
CA ASN A 65 -16.71 29.75 14.94
C ASN A 65 -15.18 29.74 15.00
N GLY A 66 -14.60 30.87 15.41
CA GLY A 66 -13.13 31.10 15.32
C GLY A 66 -12.33 30.59 16.50
N THR A 67 -12.99 29.82 17.39
CA THR A 67 -12.36 29.15 18.53
C THR A 67 -11.24 28.17 18.09
N ILE A 68 -11.37 27.59 16.90
CA ILE A 68 -10.31 26.77 16.28
C ILE A 68 -8.98 27.56 16.31
N LYS A 69 -7.94 26.90 16.86
CA LYS A 69 -6.55 27.32 16.73
C LYS A 69 -6.19 27.57 15.25
N ASP A 70 -5.29 28.53 15.00
CA ASP A 70 -4.90 28.89 13.62
C ASP A 70 -4.35 27.76 12.79
N ARG A 71 -3.68 26.81 13.42
CA ARG A 71 -3.02 25.79 12.68
C ARG A 71 -3.71 24.47 12.90
N SER A 72 -4.93 24.37 12.36
CA SER A 72 -5.74 23.16 12.51
C SER A 72 -5.48 22.22 11.36
N PRO A 73 -5.91 20.95 11.50
CA PRO A 73 -5.87 20.01 10.36
C PRO A 73 -6.99 20.22 9.32
N TYR A 74 -7.87 21.16 9.55
CA TYR A 74 -8.91 21.44 8.56
C TYR A 74 -8.43 22.46 7.54
N ARG A 75 -7.37 23.19 7.86
CA ARG A 75 -6.95 24.28 6.98
C ARG A 75 -6.32 23.81 5.68
N THR A 76 -6.81 24.39 4.59
CA THR A 76 -6.29 24.09 3.30
C THR A 76 -6.04 25.31 2.45
N LEU A 77 -5.15 25.11 1.48
CA LEU A 77 -4.74 26.11 0.55
C LEU A 77 -5.47 25.81 -0.75
N MET A 78 -6.18 26.81 -1.27
CA MET A 78 -7.00 26.71 -2.49
C MET A 78 -6.77 27.96 -3.34
N SER A 79 -7.28 27.93 -4.57
CA SER A 79 -7.21 29.08 -5.44
C SER A 79 -8.46 29.23 -6.28
N CYS A 80 -8.76 30.46 -6.66
CA CYS A 80 -9.85 30.77 -7.57
C CYS A 80 -9.37 31.87 -8.54
N PRO A 81 -10.10 32.09 -9.64
CA PRO A 81 -9.67 33.16 -10.54
C PRO A 81 -9.65 34.50 -9.82
N ILE A 82 -8.74 35.35 -10.24
CA ILE A 82 -8.65 36.67 -9.65
C ILE A 82 -10.02 37.42 -9.59
N GLY A 83 -10.28 38.07 -8.47
CA GLY A 83 -11.46 38.89 -8.31
C GLY A 83 -12.80 38.18 -8.15
N GLU A 84 -12.84 36.85 -8.31
CA GLU A 84 -14.04 36.05 -8.00
C GLU A 84 -14.04 35.71 -6.52
N VAL A 85 -15.22 35.52 -5.95
CA VAL A 85 -15.33 35.13 -4.53
C VAL A 85 -14.79 33.73 -4.32
N PRO A 86 -14.04 33.52 -3.23
CA PRO A 86 -13.57 32.18 -2.93
C PRO A 86 -14.76 31.34 -2.48
N SER A 87 -15.22 30.47 -3.38
CA SER A 87 -16.40 29.67 -3.16
C SER A 87 -16.05 28.21 -3.36
N PRO A 88 -16.73 27.31 -2.61
CA PRO A 88 -16.56 25.86 -2.88
C PRO A 88 -16.92 25.47 -4.29
N TYR A 89 -17.72 26.28 -4.98
CA TYR A 89 -18.15 25.97 -6.35
C TYR A 89 -17.21 26.46 -7.44
N ASN A 90 -16.39 27.48 -7.20
CA ASN A 90 -15.52 28.02 -8.25
C ASN A 90 -14.03 27.94 -7.95
N SER A 91 -13.65 27.15 -6.94
CA SER A 91 -12.27 27.12 -6.39
C SER A 91 -11.55 25.78 -6.60
N ARG A 92 -10.23 25.85 -6.71
CA ARG A 92 -9.44 24.69 -7.00
C ARG A 92 -8.70 24.29 -5.71
N PHE A 93 -8.65 23.00 -5.41
CA PHE A 93 -7.90 22.55 -4.26
C PHE A 93 -6.42 22.52 -4.60
N GLU A 94 -5.56 22.91 -3.64
CA GLU A 94 -4.09 22.98 -3.85
C GLU A 94 -3.27 22.15 -2.85
N SER A 95 -3.42 22.41 -1.54
CA SER A 95 -2.67 21.68 -0.49
C SER A 95 -3.36 21.77 0.86
N VAL A 96 -3.09 20.80 1.70
CA VAL A 96 -3.51 20.86 3.07
C VAL A 96 -2.44 21.65 3.73
N ALA A 97 -2.80 22.86 4.16
CA ALA A 97 -1.81 23.81 4.70
C ALA A 97 -2.39 24.89 5.66
N TRP A 98 -1.62 25.20 6.72
CA TRP A 98 -1.90 26.37 7.58
C TRP A 98 -0.82 27.46 7.40
N SER A 99 0.13 27.22 6.51
CA SER A 99 1.04 28.29 6.06
C SER A 99 1.47 27.85 4.67
N ALA A 100 1.59 28.80 3.75
CA ALA A 100 1.70 28.47 2.31
C ALA A 100 2.43 29.47 1.44
N SER A 101 2.78 29.04 0.25
CA SER A 101 3.35 29.93 -0.76
C SER A 101 3.02 29.40 -2.12
N ALA A 102 3.18 30.18 -3.19
CA ALA A 102 2.95 29.65 -4.54
C ALA A 102 3.50 30.53 -5.62
N CYS A 103 3.96 29.92 -6.72
CA CYS A 103 4.46 30.68 -7.85
C CYS A 103 4.50 29.77 -9.08
N HIS A 104 4.53 30.35 -10.28
CA HIS A 104 4.55 29.59 -11.54
C HIS A 104 5.91 29.85 -12.19
N ASP A 105 6.55 28.82 -12.76
CA ASP A 105 7.91 28.99 -13.31
C ASP A 105 7.95 29.24 -14.83
N GLY A 106 6.76 29.34 -15.41
CA GLY A 106 6.55 29.48 -16.87
C GLY A 106 5.99 28.22 -17.54
N ILE A 107 6.14 27.09 -16.83
CA ILE A 107 5.72 25.77 -17.27
C ILE A 107 4.66 25.22 -16.34
N ASN A 108 4.89 25.14 -15.05
CA ASN A 108 3.81 24.76 -14.13
C ASN A 108 3.77 25.50 -12.81
N TRP A 109 2.68 25.33 -12.09
CA TRP A 109 2.58 25.83 -10.70
C TRP A 109 3.38 25.02 -9.69
N LEU A 110 4.04 25.72 -8.79
CA LEU A 110 4.57 25.12 -7.58
C LEU A 110 3.69 25.57 -6.38
N THR A 111 3.32 24.64 -5.51
CA THR A 111 2.65 25.06 -4.27
C THR A 111 3.42 24.53 -3.11
N ILE A 112 3.29 25.16 -1.96
CA ILE A 112 4.06 24.81 -0.78
C ILE A 112 3.07 24.95 0.35
N GLY A 113 2.79 23.83 1.00
CA GLY A 113 1.75 23.76 1.99
C GLY A 113 2.24 23.03 3.20
N ILE A 114 2.23 23.76 4.33
CA ILE A 114 2.75 23.30 5.59
C ILE A 114 1.61 22.88 6.50
N SER A 115 1.68 21.63 6.94
CA SER A 115 0.76 21.11 7.90
C SER A 115 1.51 20.20 8.90
N GLY A 116 0.77 19.54 9.78
CA GLY A 116 1.36 18.71 10.84
C GLY A 116 1.38 19.48 12.15
N PRO A 117 2.01 18.89 13.18
CA PRO A 117 2.06 19.53 14.50
C PRO A 117 3.09 20.65 14.62
N ASP A 118 2.90 21.49 15.63
CA ASP A 118 3.79 22.61 15.88
C ASP A 118 5.24 22.14 16.02
N ASN A 119 5.47 21.02 16.68
CA ASN A 119 6.86 20.60 16.87
C ASN A 119 7.43 19.74 15.71
N GLY A 120 6.68 19.63 14.62
CA GLY A 120 7.09 18.72 13.56
C GLY A 120 6.39 18.96 12.24
N ALA A 121 6.27 20.22 11.84
CA ALA A 121 5.54 20.49 10.66
C ALA A 121 6.35 20.15 9.38
N VAL A 122 5.61 19.71 8.36
CA VAL A 122 6.15 19.35 7.10
C VAL A 122 5.60 20.22 6.02
N ALA A 123 6.48 20.81 5.23
CA ALA A 123 6.05 21.47 4.01
C ALA A 123 6.03 20.45 2.92
N VAL A 124 4.94 20.45 2.17
CA VAL A 124 4.77 19.56 1.05
C VAL A 124 4.77 20.35 -0.23
N LEU A 125 5.64 19.96 -1.14
CA LEU A 125 5.84 20.69 -2.38
C LEU A 125 5.20 19.92 -3.50
N LYS A 126 4.38 20.62 -4.27
CA LYS A 126 3.77 20.06 -5.46
C LYS A 126 4.13 20.88 -6.67
N TYR A 127 4.25 20.17 -7.81
CA TYR A 127 4.58 20.75 -9.09
C TYR A 127 3.58 20.14 -10.06
N ASN A 128 2.73 20.98 -10.62
CA ASN A 128 1.58 20.54 -11.38
C ASN A 128 0.72 19.70 -10.50
N GLY A 129 0.56 20.10 -9.25
CA GLY A 129 -0.28 19.36 -8.29
C GLY A 129 0.14 17.94 -7.95
N ILE A 130 1.40 17.62 -8.24
CA ILE A 130 2.00 16.30 -7.89
C ILE A 130 3.03 16.53 -6.82
N ILE A 131 2.97 15.77 -5.75
CA ILE A 131 3.99 15.94 -4.71
C ILE A 131 5.38 15.60 -5.24
N THR A 132 6.28 16.55 -5.13
CA THR A 132 7.61 16.42 -5.68
C THR A 132 8.72 16.49 -4.62
N ASP A 133 8.41 16.93 -3.41
CA ASP A 133 9.39 17.00 -2.34
C ASP A 133 8.69 17.35 -1.05
N THR A 134 9.44 17.27 0.04
CA THR A 134 8.95 17.69 1.37
C THR A 134 10.11 18.23 2.19
N ILE A 135 9.80 19.01 3.21
CA ILE A 135 10.83 19.43 4.19
C ILE A 135 10.25 19.60 5.62
N LYS A 136 10.88 18.91 6.58
CA LYS A 136 10.45 18.93 7.98
C LYS A 136 11.03 20.10 8.67
N SER A 137 10.29 20.51 9.70
CA SER A 137 10.75 21.44 10.72
C SER A 137 12.11 21.02 11.16
N TRP A 138 13.05 21.97 11.19
CA TRP A 138 14.42 21.72 11.66
C TRP A 138 14.74 22.35 13.05
N ARG A 139 13.95 23.33 13.50
CA ARG A 139 14.02 23.81 14.91
C ARG A 139 12.80 23.37 15.71
N ASN A 140 11.93 22.57 15.13
CA ASN A 140 10.84 22.01 15.92
C ASN A 140 10.00 23.07 16.58
N ASN A 141 9.67 24.10 15.82
CA ASN A 141 8.91 25.23 16.34
C ASN A 141 8.23 26.12 15.26
N ILE A 142 7.17 25.56 14.68
CA ILE A 142 6.22 26.21 13.78
C ILE A 142 6.91 26.66 12.53
N LEU A 143 7.37 25.67 11.78
CA LEU A 143 7.84 25.91 10.45
C LEU A 143 6.76 26.68 9.70
N ARG A 144 7.18 27.75 9.05
CA ARG A 144 6.26 28.64 8.39
C ARG A 144 6.98 29.36 7.24
N THR A 145 6.20 29.89 6.29
CA THR A 145 6.74 30.48 5.07
C THR A 145 5.98 31.75 4.66
N GLN A 146 6.01 32.10 3.38
CA GLN A 146 5.69 33.47 2.94
C GLN A 146 4.27 34.04 3.15
N GLU A 147 3.23 33.23 2.93
CA GLU A 147 1.83 33.73 2.79
C GLU A 147 1.69 34.70 1.60
N SER A 148 2.60 34.57 0.65
CA SER A 148 2.49 35.24 -0.63
C SER A 148 3.36 34.49 -1.66
N GLU A 149 3.42 34.97 -2.89
CA GLU A 149 4.04 34.25 -3.97
C GLU A 149 5.52 34.15 -3.84
N CYS A 150 6.05 32.97 -4.16
CA CYS A 150 7.46 32.80 -4.32
C CYS A 150 7.83 33.52 -5.61
N ALA A 151 9.12 33.55 -5.92
CA ALA A 151 9.64 34.23 -7.08
C ALA A 151 10.41 33.28 -7.98
N CYS A 152 10.11 33.25 -9.26
CA CYS A 152 10.83 32.33 -10.14
C CYS A 152 11.70 33.06 -11.12
N VAL A 153 12.82 32.43 -11.46
CA VAL A 153 13.76 32.97 -12.45
C VAL A 153 14.53 31.87 -13.17
N ASN A 154 14.64 31.98 -14.49
CA ASN A 154 15.48 31.06 -15.23
C ASN A 154 15.19 29.58 -14.88
N GLY A 155 13.93 29.26 -14.73
CA GLY A 155 13.49 27.90 -14.44
C GLY A 155 13.67 27.43 -13.01
N SER A 156 14.07 28.34 -12.13
CA SER A 156 14.16 28.02 -10.72
C SER A 156 13.23 28.93 -9.93
N CYS A 157 12.58 28.41 -8.89
CA CYS A 157 11.76 29.27 -7.99
C CYS A 157 12.34 29.32 -6.62
N PHE A 158 12.11 30.45 -5.93
CA PHE A 158 12.83 30.75 -4.71
C PHE A 158 11.92 31.15 -3.56
N THR A 159 12.17 30.62 -2.36
CA THR A 159 11.37 31.03 -1.21
C THR A 159 12.15 31.14 0.09
N VAL A 160 11.49 31.64 1.14
CA VAL A 160 12.09 31.79 2.45
C VAL A 160 11.20 31.15 3.47
N MET A 161 11.82 30.45 4.42
CA MET A 161 11.12 29.82 5.52
C MET A 161 11.83 30.04 6.85
N THR A 162 11.01 30.11 7.89
CA THR A 162 11.44 30.46 9.21
C THR A 162 11.00 29.35 10.15
N ASP A 163 11.88 28.97 11.06
CA ASP A 163 11.54 28.00 12.11
C ASP A 163 12.18 28.56 13.40
N GLY A 164 11.41 28.55 14.50
CA GLY A 164 11.86 29.06 15.78
C GLY A 164 10.81 29.91 16.51
N PRO A 165 11.21 30.60 17.57
CA PRO A 165 10.40 31.60 18.25
C PRO A 165 9.96 32.73 17.34
N SER A 166 8.83 33.32 17.67
CA SER A 166 8.34 34.49 16.97
C SER A 166 8.66 35.77 17.74
N ASN A 167 9.32 35.64 18.88
CA ASN A 167 9.60 36.78 19.76
C ASN A 167 11.03 36.74 20.31
N GLY A 168 11.94 36.21 19.48
CA GLY A 168 13.36 36.09 19.79
C GLY A 168 14.12 35.64 18.54
N GLN A 169 15.40 35.32 18.69
CA GLN A 169 16.15 34.82 17.55
C GLN A 169 15.56 33.52 17.04
N ALA A 170 15.37 33.44 15.74
CA ALA A 170 14.96 32.20 15.10
C ALA A 170 15.92 31.89 13.92
N SER A 171 15.56 30.87 13.15
CA SER A 171 16.40 30.38 12.07
C SER A 171 15.68 30.64 10.77
N TYR A 172 16.41 31.14 9.78
CA TYR A 172 15.84 31.59 8.51
C TYR A 172 16.55 30.80 7.37
N LYS A 173 15.77 30.21 6.45
CA LYS A 173 16.37 29.50 5.33
C LYS A 173 15.88 30.07 4.02
N ILE A 174 16.79 30.18 3.04
CA ILE A 174 16.39 30.38 1.67
C ILE A 174 16.66 29.11 0.91
N PHE A 175 15.77 28.86 -0.05
CA PHE A 175 15.73 27.68 -0.87
C PHE A 175 15.66 28.03 -2.34
N ARG A 176 16.35 27.21 -3.13
CA ARG A 176 16.22 27.21 -4.58
C ARG A 176 15.49 25.96 -4.98
N ILE A 177 14.34 26.10 -5.60
CA ILE A 177 13.47 24.99 -5.90
C ILE A 177 13.37 24.88 -7.41
N GLU A 178 13.60 23.68 -7.95
CA GLU A 178 13.62 23.51 -9.39
C GLU A 178 12.73 22.33 -9.81
N LYS A 179 11.67 22.64 -10.54
CA LYS A 179 10.64 21.68 -10.86
C LYS A 179 10.06 21.05 -9.61
N GLY A 180 9.95 21.83 -8.56
CA GLY A 180 9.34 21.35 -7.31
C GLY A 180 10.24 20.50 -6.45
N LYS A 181 11.52 20.39 -6.79
CA LYS A 181 12.48 19.66 -5.93
C LYS A 181 13.47 20.67 -5.36
N ILE A 182 13.64 20.67 -4.06
CA ILE A 182 14.67 21.50 -3.46
C ILE A 182 16.08 21.09 -3.93
N VAL A 183 16.78 22.00 -4.56
CA VAL A 183 18.16 21.71 -5.08
C VAL A 183 19.28 22.39 -4.30
N LYS A 184 18.94 23.49 -3.61
CA LYS A 184 19.83 24.18 -2.68
C LYS A 184 19.07 24.75 -1.48
N SER A 185 19.74 24.81 -0.34
CA SER A 185 19.11 25.31 0.92
C SER A 185 20.19 26.01 1.70
N VAL A 186 19.97 27.28 2.01
CA VAL A 186 20.94 28.01 2.83
C VAL A 186 20.31 28.56 4.11
N GLU A 187 20.96 28.31 5.25
CA GLU A 187 20.59 28.90 6.55
C GLU A 187 21.35 30.22 6.60
N MET A 188 20.59 31.31 6.72
CA MET A 188 21.15 32.66 6.70
C MET A 188 21.77 32.85 8.04
N ASN A 189 22.87 33.58 8.07
CA ASN A 189 23.48 34.02 9.30
C ASN A 189 23.16 35.46 9.56
N ALA A 190 22.13 35.66 10.36
CA ALA A 190 21.60 36.99 10.61
C ALA A 190 21.25 37.18 12.09
N PRO A 191 22.27 37.32 12.94
CA PRO A 191 22.02 37.50 14.38
C PRO A 191 21.37 38.86 14.66
N ASN A 192 20.31 38.83 15.45
CA ASN A 192 19.55 40.03 15.77
C ASN A 192 18.60 40.54 14.67
N TYR A 193 18.35 39.73 13.66
CA TYR A 193 17.33 40.00 12.64
C TYR A 193 16.19 39.00 12.88
N HIS A 194 14.98 39.36 12.50
CA HIS A 194 13.83 38.42 12.46
C HIS A 194 13.17 38.52 11.09
N TYR A 195 13.11 37.39 10.39
CA TYR A 195 12.44 37.27 9.13
C TYR A 195 11.22 36.39 9.30
N GLU A 196 10.07 36.95 8.94
CA GLU A 196 8.82 36.23 8.81
C GLU A 196 7.94 36.79 7.63
N GLU A 197 7.07 35.92 7.12
CA GLU A 197 6.11 36.29 6.09
C GLU A 197 6.66 37.16 4.97
N CYS A 198 7.75 36.69 4.35
CA CYS A 198 8.48 37.46 3.32
C CYS A 198 7.72 37.66 2.03
N SER A 199 7.74 38.90 1.55
CA SER A 199 7.29 39.25 0.20
C SER A 199 8.44 39.31 -0.77
N CYS A 200 8.62 38.25 -1.53
CA CYS A 200 9.76 38.18 -2.47
C CYS A 200 9.37 38.47 -3.89
N TYR A 201 10.21 39.21 -4.61
CA TYR A 201 10.02 39.36 -6.04
C TYR A 201 11.33 39.26 -6.79
N PRO A 202 11.26 38.90 -8.09
CA PRO A 202 12.41 38.91 -9.00
C PRO A 202 12.67 40.28 -9.60
N ASP A 203 13.94 40.54 -9.93
CA ASP A 203 14.37 41.82 -10.48
C ASP A 203 15.81 41.64 -10.97
N SER A 204 15.97 41.56 -12.29
CA SER A 204 17.28 41.38 -12.96
C SER A 204 17.97 40.13 -12.52
N SER A 205 17.28 38.99 -12.56
CA SER A 205 17.91 37.65 -12.21
C SER A 205 18.24 37.44 -10.72
N GLU A 206 17.82 38.36 -9.88
CA GLU A 206 18.00 38.23 -8.46
C GLU A 206 16.66 38.42 -7.79
N ILE A 207 16.57 37.90 -6.58
CA ILE A 207 15.36 37.92 -5.82
C ILE A 207 15.57 38.89 -4.70
N THR A 208 14.55 39.68 -4.39
CA THR A 208 14.60 40.54 -3.20
C THR A 208 13.41 40.31 -2.29
N CYS A 209 13.65 40.20 -0.99
CA CYS A 209 12.56 39.86 -0.05
C CYS A 209 12.42 40.86 1.04
N VAL A 210 11.23 41.40 1.18
CA VAL A 210 10.92 42.30 2.26
C VAL A 210 9.97 41.60 3.15
N CYS A 211 10.28 41.60 4.44
CA CYS A 211 9.61 40.69 5.38
C CYS A 211 9.09 41.43 6.60
N ARG A 212 8.68 40.66 7.61
CA ARG A 212 8.18 41.17 8.89
C ARG A 212 9.13 40.83 10.01
N ASP A 213 9.54 41.83 10.79
CA ASP A 213 10.25 41.57 12.06
C ASP A 213 9.25 41.58 13.22
N ASN A 214 8.95 40.41 13.76
CA ASN A 214 7.96 40.26 14.81
C ASN A 214 8.53 40.31 16.23
N TRP A 215 9.85 40.40 16.32
CA TRP A 215 10.60 40.33 17.57
C TRP A 215 10.88 41.72 18.10
N HIS A 216 11.46 42.58 17.25
CA HIS A 216 11.97 43.88 17.71
C HIS A 216 12.28 44.94 16.62
N GLY A 217 11.51 44.93 15.53
CA GLY A 217 11.70 45.91 14.45
C GLY A 217 10.43 46.45 13.81
N SER A 218 10.27 47.78 13.82
CA SER A 218 9.13 48.40 13.20
C SER A 218 9.42 48.87 11.77
N ASN A 219 10.69 48.91 11.37
CA ASN A 219 11.03 48.97 9.93
C ASN A 219 11.05 47.54 9.48
N ARG A 220 10.98 47.33 8.16
CA ARG A 220 10.98 45.95 7.65
C ARG A 220 12.39 45.49 7.32
N PRO A 221 12.71 44.22 7.64
CA PRO A 221 13.99 43.63 7.24
C PRO A 221 13.91 43.19 5.84
N TRP A 222 15.03 43.20 5.14
CA TRP A 222 15.09 42.63 3.78
C TRP A 222 16.20 41.60 3.66
N VAL A 223 16.05 40.67 2.74
CA VAL A 223 17.17 39.81 2.31
C VAL A 223 17.10 39.71 0.78
N SER A 224 18.25 39.71 0.11
CA SER A 224 18.26 39.57 -1.34
C SER A 224 19.40 38.67 -1.73
N PHE A 225 19.20 38.00 -2.86
CA PHE A 225 20.11 36.96 -3.22
C PHE A 225 20.01 36.63 -4.68
N ASN A 226 21.06 36.05 -5.21
CA ASN A 226 21.06 35.53 -6.58
C ASN A 226 20.73 34.04 -6.65
N GLN A 227 20.76 33.50 -7.86
CA GLN A 227 20.32 32.14 -8.12
C GLN A 227 21.16 31.12 -7.37
N ASN A 228 22.34 31.52 -6.96
CA ASN A 228 23.18 30.66 -6.21
C ASN A 228 23.03 30.81 -4.68
N LEU A 229 22.10 31.65 -4.25
CA LEU A 229 21.79 31.89 -2.84
C LEU A 229 22.92 32.51 -2.08
N GLU A 230 23.79 33.22 -2.80
CA GLU A 230 24.71 34.20 -2.21
C GLU A 230 23.89 35.42 -1.83
N TYR A 231 23.81 35.68 -0.53
CA TYR A 231 22.84 36.68 -0.05
C TYR A 231 23.48 37.88 0.64
N GLN A 232 22.66 38.92 0.78
CA GLN A 232 22.90 40.07 1.64
C GLN A 232 21.67 40.40 2.44
N ILE A 233 21.85 41.22 3.47
CA ILE A 233 20.76 41.54 4.43
C ILE A 233 20.77 42.96 4.96
N GLY A 234 19.65 43.38 5.52
CA GLY A 234 19.52 44.71 6.10
C GLY A 234 18.10 45.00 6.50
N TYR A 235 17.83 46.27 6.71
CA TYR A 235 16.51 46.75 7.05
C TYR A 235 16.30 47.99 6.24
N ILE A 236 15.06 48.30 5.93
CA ILE A 236 14.72 49.46 5.11
C ILE A 236 15.02 50.75 5.91
N CYS A 237 15.88 51.60 5.38
CA CYS A 237 16.44 52.68 6.19
C CYS A 237 15.45 53.82 6.41
N SER A 238 14.49 53.94 5.50
CA SER A 238 13.59 55.07 5.52
C SER A 238 12.98 55.26 6.91
N GLY A 239 12.82 56.51 7.31
CA GLY A 239 12.17 56.85 8.57
C GLY A 239 10.67 56.86 8.43
N ILE A 240 10.19 56.51 7.25
CA ILE A 240 8.80 56.23 7.03
C ILE A 240 8.66 54.76 7.34
N PHE A 241 8.43 54.47 8.61
CA PHE A 241 8.48 53.13 9.12
C PHE A 241 7.36 52.31 8.52
N GLY A 242 7.68 51.07 8.13
CA GLY A 242 6.79 50.24 7.31
C GLY A 242 5.85 49.26 7.97
N ASP A 243 6.11 48.89 9.21
CA ASP A 243 5.40 47.77 9.85
C ASP A 243 4.14 48.30 10.51
N ASN A 244 3.43 47.43 11.21
CA ASN A 244 2.34 47.85 12.08
C ASN A 244 2.18 46.86 13.25
N PRO A 245 2.35 47.32 14.50
CA PRO A 245 2.46 48.69 14.97
C PRO A 245 3.85 49.27 14.76
N ARG A 246 3.98 50.57 15.03
CA ARG A 246 5.18 51.34 14.77
C ARG A 246 5.10 52.74 15.40
N PRO A 247 6.25 53.39 15.62
CA PRO A 247 6.14 54.77 16.06
C PRO A 247 5.75 55.68 14.94
N ASN A 248 5.50 56.93 15.29
CA ASN A 248 5.42 58.01 14.31
C ASN A 248 6.73 58.14 13.57
N ASP A 249 6.64 58.54 12.31
CA ASP A 249 7.80 58.71 11.48
C ASP A 249 8.81 59.73 12.11
N LYS A 250 10.08 59.32 12.11
CA LYS A 250 11.25 60.11 12.58
C LYS A 250 12.49 59.50 11.86
N THR A 251 13.71 59.89 12.23
CA THR A 251 14.91 59.31 11.63
C THR A 251 14.86 57.80 11.76
N GLY A 252 15.22 57.13 10.67
CA GLY A 252 15.17 55.67 10.62
C GLY A 252 16.49 55.05 10.96
N SER A 253 16.53 53.73 10.85
CA SER A 253 17.74 52.94 11.07
C SER A 253 18.03 51.94 9.91
N CYS A 254 19.29 51.59 9.68
CA CYS A 254 19.54 50.47 8.74
C CYS A 254 19.72 49.12 9.48
N GLY A 255 19.34 49.11 10.77
CA GLY A 255 19.08 47.90 11.55
C GLY A 255 17.70 48.01 12.21
N PRO A 256 17.28 46.99 12.97
CA PRO A 256 15.89 47.04 13.49
C PRO A 256 15.64 48.21 14.45
N VAL A 257 14.62 49.01 14.17
CA VAL A 257 14.14 50.02 15.10
C VAL A 257 13.34 49.31 16.17
N SER A 258 13.90 49.23 17.39
CA SER A 258 13.21 48.55 18.50
C SER A 258 11.92 49.24 18.94
N SER A 259 11.84 50.54 18.77
CA SER A 259 10.65 51.25 19.22
C SER A 259 9.39 50.69 18.52
N ASN A 260 8.42 50.25 19.34
CA ASN A 260 7.23 49.48 18.89
C ASN A 260 7.54 48.37 17.90
N GLY A 261 8.65 47.67 18.13
CA GLY A 261 9.16 46.68 17.22
C GLY A 261 8.53 45.30 17.34
N ALA A 262 7.85 45.04 18.46
CA ALA A 262 7.18 43.76 18.71
C ALA A 262 5.89 43.58 17.86
N ASN A 263 5.63 42.35 17.44
CA ASN A 263 4.48 42.05 16.57
C ASN A 263 4.59 42.75 15.21
N GLY A 264 3.55 42.68 14.38
CA GLY A 264 3.62 43.26 13.05
C GLY A 264 2.51 42.78 12.11
N VAL A 265 2.69 43.03 10.83
CA VAL A 265 1.85 42.46 9.79
C VAL A 265 2.74 42.08 8.66
N LYS A 266 2.24 41.14 7.87
CA LYS A 266 2.85 40.83 6.63
C LYS A 266 2.72 42.11 5.82
N GLY A 267 3.80 42.48 5.14
CA GLY A 267 3.83 43.65 4.26
C GLY A 267 4.81 43.40 3.11
N PHE A 268 5.09 44.46 2.38
CA PHE A 268 5.96 44.39 1.20
C PHE A 268 6.53 45.77 0.87
N SER A 269 7.60 45.79 0.05
CA SER A 269 8.07 47.02 -0.56
C SER A 269 8.88 46.69 -1.81
N PHE A 270 9.09 47.66 -2.67
CA PHE A 270 9.75 47.42 -3.94
C PHE A 270 10.98 48.40 -4.01
N LYS A 271 12.15 47.85 -4.30
CA LYS A 271 13.37 48.66 -4.32
C LYS A 271 13.60 49.20 -5.72
N TYR A 272 14.01 50.46 -5.79
CA TYR A 272 14.34 51.12 -7.05
C TYR A 272 15.59 51.96 -6.83
N GLY A 273 16.78 51.40 -7.09
CA GLY A 273 18.02 52.10 -6.84
C GLY A 273 18.18 52.31 -5.35
N ASN A 274 18.30 53.58 -4.94
CA ASN A 274 18.23 53.97 -3.50
C ASN A 274 16.83 54.22 -3.00
N GLY A 275 15.87 54.23 -3.92
CA GLY A 275 14.49 54.49 -3.57
C GLY A 275 13.64 53.28 -3.22
N VAL A 276 12.48 53.56 -2.67
CA VAL A 276 11.57 52.51 -2.26
C VAL A 276 10.11 52.94 -2.36
N TRP A 277 9.32 52.07 -2.95
CA TRP A 277 7.86 52.16 -2.88
C TRP A 277 7.40 51.37 -1.62
N ILE A 278 6.74 52.05 -0.68
CA ILE A 278 6.39 51.40 0.58
C ILE A 278 4.89 51.26 0.66
N GLY A 279 4.44 50.06 1.01
CA GLY A 279 3.04 49.83 1.32
C GLY A 279 2.92 49.76 2.82
N ARG A 280 1.90 50.38 3.36
CA ARG A 280 1.68 50.30 4.80
C ARG A 280 0.33 50.69 5.26
N THR A 281 -0.01 50.26 6.45
CA THR A 281 -1.26 50.72 7.05
C THR A 281 -1.17 52.22 7.29
N LYS A 282 -2.32 52.86 7.44
CA LYS A 282 -2.32 54.29 7.78
C LYS A 282 -2.19 54.48 9.27
N SER A 283 -2.87 53.63 10.03
CA SER A 283 -2.77 53.68 11.50
C SER A 283 -1.45 53.15 11.95
N ILE A 284 -1.06 53.58 13.13
CA ILE A 284 0.28 53.35 13.62
C ILE A 284 0.22 52.28 14.70
N SER A 285 -0.96 52.07 15.24
CA SER A 285 -1.20 51.12 16.33
C SER A 285 -2.00 49.89 15.88
N SER A 286 -2.79 50.05 14.83
CA SER A 286 -3.80 49.09 14.47
C SER A 286 -3.79 48.88 12.95
N ARG A 287 -4.39 47.78 12.49
CA ARG A 287 -4.44 47.44 11.04
C ARG A 287 -5.63 48.10 10.33
N ASN A 288 -5.50 49.43 10.16
CA ASN A 288 -6.50 50.30 9.56
C ASN A 288 -5.83 51.13 8.47
N GLY A 289 -6.57 51.35 7.40
CA GLY A 289 -6.05 52.08 6.27
C GLY A 289 -4.96 51.37 5.48
N PHE A 290 -4.61 52.00 4.37
CA PHE A 290 -3.48 51.60 3.57
C PHE A 290 -3.07 52.77 2.63
N GLU A 291 -1.78 53.01 2.52
CA GLU A 291 -1.29 54.00 1.62
C GLU A 291 -0.02 53.46 0.93
N MET A 292 0.28 53.93 -0.26
CA MET A 292 1.60 53.68 -0.87
C MET A 292 2.38 54.96 -0.79
N ILE A 293 3.66 54.86 -0.44
CA ILE A 293 4.57 56.00 -0.43
C ILE A 293 5.84 55.78 -1.29
N TRP A 294 6.24 56.81 -2.03
CA TRP A 294 7.50 56.81 -2.74
C TRP A 294 8.48 57.66 -1.99
N ASP A 295 9.56 57.02 -1.52
CA ASP A 295 10.70 57.67 -0.90
C ASP A 295 11.97 57.43 -1.74
N PRO A 296 12.40 58.46 -2.46
CA PRO A 296 13.46 58.36 -3.48
C PRO A 296 14.76 57.84 -2.95
N ASN A 297 15.11 58.15 -1.72
CA ASN A 297 16.36 57.62 -1.13
C ASN A 297 16.08 56.74 0.09
N GLY A 298 14.90 56.15 0.12
CA GLY A 298 14.41 55.51 1.31
C GLY A 298 14.99 54.16 1.61
N TRP A 299 15.39 53.42 0.58
CA TRP A 299 16.05 52.11 0.82
C TRP A 299 17.32 52.24 1.67
N THR A 300 18.16 53.23 1.32
CA THR A 300 19.50 53.39 1.90
C THR A 300 19.71 54.60 2.83
N GLY A 301 18.72 55.49 2.91
CA GLY A 301 18.78 56.69 3.76
C GLY A 301 17.71 56.72 4.85
N THR A 302 17.93 57.52 5.88
CA THR A 302 17.15 57.37 7.10
C THR A 302 16.21 58.50 7.43
N ASP A 303 16.07 59.50 6.56
CA ASP A 303 15.12 60.62 6.78
C ASP A 303 13.63 60.30 6.52
N ASN A 304 12.77 61.28 6.83
CA ASN A 304 11.30 61.23 6.61
C ASN A 304 10.82 61.77 5.30
N ASN A 305 11.66 62.50 4.57
CA ASN A 305 11.18 63.09 3.33
C ASN A 305 10.84 62.07 2.26
N PHE A 306 9.59 62.18 1.77
CA PHE A 306 9.05 61.42 0.64
C PHE A 306 8.52 62.39 -0.40
N SER A 307 8.40 61.95 -1.66
CA SER A 307 7.96 62.82 -2.77
C SER A 307 6.48 62.73 -3.04
N ILE A 308 5.86 61.59 -2.71
CA ILE A 308 4.42 61.38 -2.98
C ILE A 308 3.80 60.19 -2.23
N LYS A 309 2.56 60.40 -1.80
CA LYS A 309 1.77 59.39 -1.11
C LYS A 309 0.48 59.22 -1.92
N GLN A 310 -0.07 58.01 -1.97
CA GLN A 310 -1.29 57.73 -2.72
C GLN A 310 -2.23 56.89 -1.86
N ASP A 311 -3.41 57.41 -1.56
CA ASP A 311 -4.31 56.68 -0.67
C ASP A 311 -4.90 55.45 -1.36
N ILE A 312 -5.12 54.40 -0.56
CA ILE A 312 -5.65 53.09 -1.02
C ILE A 312 -6.93 52.63 -0.19
N VAL A 313 -6.86 52.76 1.12
CA VAL A 313 -7.98 52.47 2.00
C VAL A 313 -7.96 53.53 3.08
N GLY A 314 -9.12 54.12 3.42
CA GLY A 314 -9.17 55.25 4.33
C GLY A 314 -8.75 54.83 5.73
N ILE A 315 -8.12 55.74 6.49
CA ILE A 315 -7.69 55.45 7.87
C ILE A 315 -8.77 54.81 8.75
N ASN A 316 -10.02 55.16 8.45
CA ASN A 316 -11.18 54.77 9.22
C ASN A 316 -11.64 53.33 8.91
N GLU A 317 -11.12 52.71 7.86
CA GLU A 317 -11.53 51.34 7.40
C GLU A 317 -10.56 50.22 7.72
N TRP A 318 -11.05 48.99 7.79
CA TRP A 318 -10.19 47.83 8.19
C TRP A 318 -9.35 47.34 7.03
N SER A 319 -8.07 47.06 7.32
CA SER A 319 -7.12 46.43 6.35
C SER A 319 -6.53 45.12 6.93
N GLY A 320 -5.23 44.88 6.84
CA GLY A 320 -4.65 43.61 7.28
C GLY A 320 -3.39 43.25 6.53
N TYR A 321 -3.12 41.96 6.30
CA TYR A 321 -1.94 41.53 5.51
C TYR A 321 -1.85 42.21 4.15
N SER A 322 -0.65 42.39 3.63
CA SER A 322 -0.48 42.85 2.24
C SER A 322 0.70 42.10 1.66
N GLY A 323 0.78 42.04 0.34
CA GLY A 323 1.86 41.28 -0.28
C GLY A 323 2.18 41.66 -1.69
N SER A 324 3.42 41.38 -2.11
CA SER A 324 3.78 41.65 -3.50
C SER A 324 3.25 40.58 -4.40
N PHE A 325 3.00 40.96 -5.65
CA PHE A 325 3.10 39.99 -6.74
C PHE A 325 3.43 40.70 -8.01
N VAL A 326 4.04 39.98 -8.94
CA VAL A 326 4.50 40.60 -10.18
C VAL A 326 3.88 39.94 -11.39
N GLN A 327 3.98 40.63 -12.54
CA GLN A 327 3.62 40.09 -13.87
C GLN A 327 4.82 40.16 -14.80
N HIS A 328 5.27 39.03 -15.33
CA HIS A 328 6.49 38.98 -16.18
C HIS A 328 6.20 39.47 -17.59
N PRO A 329 7.23 39.72 -18.40
CA PRO A 329 7.03 39.99 -19.83
C PRO A 329 6.27 38.89 -20.56
N GLU A 330 6.52 37.68 -20.12
CA GLU A 330 5.96 36.51 -20.78
C GLU A 330 4.43 36.56 -20.70
N LEU A 331 3.89 37.16 -19.65
CA LEU A 331 2.44 37.43 -19.57
C LEU A 331 2.02 38.77 -20.19
N THR A 332 2.73 39.84 -19.90
CA THR A 332 2.29 41.21 -20.26
C THR A 332 2.62 41.73 -21.67
N GLY A 333 3.68 41.24 -22.28
CA GLY A 333 4.19 41.84 -23.51
C GLY A 333 5.30 42.85 -23.32
N LEU A 334 5.54 43.27 -22.08
CA LEU A 334 6.50 44.32 -21.77
C LEU A 334 7.98 43.87 -21.76
N ASP A 335 8.89 44.80 -21.59
CA ASP A 335 10.32 44.50 -21.50
C ASP A 335 10.78 44.58 -20.03
N CYS A 336 9.83 44.52 -19.11
CA CYS A 336 10.13 44.69 -17.71
C CYS A 336 9.11 43.92 -16.85
N ILE A 337 9.54 43.65 -15.63
CA ILE A 337 8.76 42.93 -14.65
C ILE A 337 7.87 43.89 -13.95
N ARG A 338 6.56 43.75 -14.12
CA ARG A 338 5.63 44.72 -13.58
C ARG A 338 5.28 44.41 -12.14
N PRO A 339 5.52 45.35 -11.25
CA PRO A 339 5.14 45.11 -9.86
C PRO A 339 3.66 45.38 -9.63
N CYS A 340 2.98 44.52 -8.88
CA CYS A 340 1.63 44.78 -8.42
C CYS A 340 1.61 44.57 -6.91
N PHE A 341 0.43 44.65 -6.30
CA PHE A 341 0.22 44.26 -4.89
C PHE A 341 -1.24 43.97 -4.48
N TRP A 342 -1.40 43.22 -3.40
CA TRP A 342 -2.73 42.91 -2.91
C TRP A 342 -2.86 43.25 -1.45
N VAL A 343 -4.09 43.51 -1.02
CA VAL A 343 -4.33 43.91 0.35
C VAL A 343 -5.45 43.08 0.89
N GLU A 344 -5.21 42.45 2.04
CA GLU A 344 -6.25 41.75 2.78
C GLU A 344 -7.03 42.73 3.62
N LEU A 345 -8.35 42.68 3.53
CA LEU A 345 -9.21 43.56 4.34
C LEU A 345 -9.93 42.70 5.31
N ILE A 346 -9.40 42.62 6.54
CA ILE A 346 -9.89 41.65 7.56
C ILE A 346 -11.18 42.15 8.16
N ARG A 347 -12.18 41.29 8.18
CA ARG A 347 -13.40 41.55 8.93
C ARG A 347 -13.59 40.54 10.07
N GLY A 348 -14.34 40.95 11.10
CA GLY A 348 -14.72 40.05 12.21
C GLY A 348 -13.83 40.21 13.43
N ARG A 349 -13.39 39.09 14.00
CA ARG A 349 -12.54 39.12 15.20
C ARG A 349 -11.09 39.44 14.86
N PRO A 350 -10.29 39.95 15.82
CA PRO A 350 -10.69 40.28 17.20
C PRO A 350 -11.35 41.64 17.34
N LYS A 351 -11.36 42.46 16.28
CA LYS A 351 -11.78 43.88 16.38
C LYS A 351 -13.31 44.17 16.40
N GLU A 352 -14.13 43.18 16.05
CA GLU A 352 -15.58 43.36 15.87
C GLU A 352 -16.28 42.17 16.50
N ASN A 353 -17.59 42.31 16.70
CA ASN A 353 -18.37 41.30 17.45
C ASN A 353 -19.08 40.23 16.62
N THR A 354 -18.28 39.21 16.28
CA THR A 354 -18.69 38.07 15.44
C THR A 354 -18.01 36.85 16.03
N ILE A 355 -18.44 35.67 15.63
CA ILE A 355 -17.73 34.47 16.04
C ILE A 355 -16.56 34.10 15.09
N TRP A 356 -16.40 34.86 13.99
CA TRP A 356 -15.52 34.46 12.87
C TRP A 356 -14.54 35.57 12.45
N THR A 357 -13.68 35.22 11.50
CA THR A 357 -12.71 36.17 10.95
C THR A 357 -12.41 35.85 9.50
N SER A 358 -12.72 36.79 8.61
CA SER A 358 -12.56 36.55 7.17
C SER A 358 -11.97 37.76 6.46
N GLY A 359 -11.18 37.51 5.42
CA GLY A 359 -10.66 38.57 4.53
C GLY A 359 -11.50 38.77 3.27
N SER A 360 -11.57 40.03 2.79
CA SER A 360 -11.93 40.38 1.37
C SER A 360 -10.59 40.73 0.75
N SER A 361 -10.51 41.02 -0.54
CA SER A 361 -9.22 41.49 -1.09
C SER A 361 -9.35 42.54 -2.14
N ILE A 362 -8.32 43.38 -2.26
CA ILE A 362 -8.16 44.30 -3.38
C ILE A 362 -6.77 44.14 -3.97
N SER A 363 -6.60 44.54 -5.23
CA SER A 363 -5.23 44.60 -5.78
C SER A 363 -5.04 45.71 -6.73
N PHE A 364 -3.80 46.14 -6.81
CA PHE A 364 -3.43 47.13 -7.77
C PHE A 364 -2.20 46.73 -8.49
N CYS A 365 -1.98 47.34 -9.64
CA CYS A 365 -0.78 47.13 -10.45
C CYS A 365 -0.14 48.47 -10.72
N GLY A 366 1.18 48.54 -10.64
CA GLY A 366 1.90 49.78 -10.92
C GLY A 366 1.94 50.10 -12.40
N VAL A 367 1.78 51.36 -12.73
CA VAL A 367 1.83 51.85 -14.11
C VAL A 367 2.65 53.14 -14.13
N ASN A 368 3.28 53.42 -15.27
CA ASN A 368 3.87 54.70 -15.43
C ASN A 368 2.91 55.61 -16.18
N SER A 369 1.81 55.96 -15.49
CA SER A 369 0.74 56.76 -16.07
C SER A 369 -0.31 57.26 -15.01
N ASP A 370 -1.35 57.94 -15.46
CA ASP A 370 -2.21 58.65 -14.51
C ASP A 370 -2.93 57.71 -13.55
N THR A 371 -3.04 58.12 -12.28
CA THR A 371 -3.77 57.37 -11.24
C THR A 371 -4.34 58.33 -10.20
N VAL A 372 -5.07 57.79 -9.22
CA VAL A 372 -5.72 58.64 -8.23
C VAL A 372 -5.83 57.94 -6.89
N GLY A 373 -5.63 58.68 -5.81
CA GLY A 373 -5.94 58.20 -4.48
C GLY A 373 -7.42 57.96 -4.28
N TRP A 374 -7.75 56.88 -3.58
CA TRP A 374 -9.11 56.68 -3.07
C TRP A 374 -9.11 55.75 -1.88
N SER A 375 -10.32 55.33 -1.50
CA SER A 375 -10.55 54.32 -0.54
C SER A 375 -11.45 53.25 -1.14
N TRP A 376 -10.96 52.02 -1.15
CA TRP A 376 -11.73 50.88 -1.63
C TRP A 376 -11.84 49.85 -0.52
N PRO A 377 -12.75 50.10 0.45
CA PRO A 377 -12.82 49.23 1.62
C PRO A 377 -13.69 47.99 1.44
N ASP A 378 -13.72 47.12 2.46
CA ASP A 378 -14.47 45.88 2.35
C ASP A 378 -15.95 46.20 2.06
N GLY A 379 -16.64 46.84 3.00
CA GLY A 379 -17.99 47.31 2.76
C GLY A 379 -19.08 46.38 3.25
N ALA A 380 -18.70 45.31 3.94
CA ALA A 380 -19.71 44.44 4.56
C ALA A 380 -20.26 45.10 5.82
N GLU A 381 -21.57 45.11 5.99
CA GLU A 381 -22.20 45.48 7.24
C GLU A 381 -22.19 44.34 8.23
N LEU A 382 -21.46 44.53 9.33
CA LEU A 382 -21.39 43.53 10.42
C LEU A 382 -22.28 43.91 11.62
N PRO A 383 -22.75 42.91 12.39
CA PRO A 383 -22.49 41.47 12.26
C PRO A 383 -23.44 40.78 11.29
N PHE A 384 -23.20 39.48 11.12
CA PHE A 384 -24.08 38.64 10.32
C PHE A 384 -25.01 37.86 11.24
N THR A 385 -26.07 37.32 10.63
CA THR A 385 -27.12 36.61 11.39
C THR A 385 -26.58 35.45 12.25
N ILE A 386 -25.45 34.85 11.87
CA ILE A 386 -24.84 33.83 12.68
C ILE A 386 -24.14 34.69 13.75
N SER B 1 -3.85 10.53 -25.04
CA SER B 1 -3.07 10.23 -26.29
C SER B 1 -2.15 8.98 -26.24
N VAL B 2 -1.61 8.57 -25.09
CA VAL B 2 -0.82 7.32 -25.06
C VAL B 2 -1.15 6.45 -23.87
N LYS B 3 -1.37 5.16 -24.11
CA LYS B 3 -1.68 4.21 -23.03
C LYS B 3 -0.53 4.12 -22.02
N LEU B 4 -0.90 3.96 -20.75
CA LEU B 4 0.04 3.77 -19.65
C LEU B 4 0.77 2.45 -19.79
N ALA B 5 2.09 2.48 -19.74
CA ALA B 5 2.87 1.23 -19.84
C ALA B 5 2.59 0.30 -18.66
N GLY B 6 2.65 0.84 -17.45
CA GLY B 6 2.51 0.04 -16.25
C GLY B 6 3.59 -1.00 -16.02
N ASN B 7 4.78 -0.77 -16.52
CA ASN B 7 5.81 -1.81 -16.47
C ASN B 7 6.91 -1.61 -15.40
N SER B 8 6.98 -0.40 -14.86
CA SER B 8 7.91 -0.12 -13.78
C SER B 8 7.35 -0.68 -12.48
N SER B 9 8.21 -0.79 -11.47
CA SER B 9 7.77 -1.22 -10.15
C SER B 9 7.41 -0.05 -9.20
N LEU B 10 6.95 -0.38 -8.00
CA LEU B 10 6.48 0.64 -7.07
C LEU B 10 7.61 1.42 -6.51
N CYS B 11 7.42 2.74 -6.49
CA CYS B 11 8.41 3.62 -5.89
C CYS B 11 8.70 3.21 -4.45
N PRO B 12 9.99 3.12 -4.12
CA PRO B 12 10.33 2.90 -2.71
C PRO B 12 9.71 4.06 -1.91
N VAL B 13 9.30 3.83 -0.68
CA VAL B 13 8.52 4.82 0.02
C VAL B 13 8.74 4.74 1.50
N SER B 14 9.21 5.83 2.13
CA SER B 14 9.54 5.81 3.59
C SER B 14 8.45 6.36 4.47
N GLY B 15 7.45 6.95 3.85
CA GLY B 15 6.36 7.54 4.62
C GLY B 15 5.37 8.23 3.71
N TRP B 16 4.35 8.81 4.34
CA TRP B 16 3.18 9.25 3.62
C TRP B 16 2.94 10.71 3.87
N ALA B 17 2.79 11.44 2.78
CA ALA B 17 2.62 12.88 2.83
C ALA B 17 1.19 13.25 2.44
N ILE B 18 0.63 14.25 3.12
CA ILE B 18 -0.75 14.62 2.90
C ILE B 18 -0.90 15.29 1.53
N TYR B 19 -1.98 14.91 0.83
CA TYR B 19 -2.19 15.21 -0.56
C TYR B 19 -3.44 15.99 -0.77
N SER B 20 -4.54 15.51 -0.19
CA SER B 20 -5.78 16.27 -0.25
C SER B 20 -6.62 16.11 0.96
N LYS B 21 -7.52 17.05 1.15
CA LYS B 21 -8.61 16.89 2.09
C LYS B 21 -9.78 17.79 1.66
N ASP B 22 -10.99 17.24 1.59
CA ASP B 22 -12.11 17.98 1.04
C ASP B 22 -12.99 18.76 2.04
N ASN B 23 -13.02 18.32 3.30
CA ASN B 23 -13.89 18.91 4.34
C ASN B 23 -15.38 18.97 3.97
N SER B 24 -15.83 17.96 3.21
CA SER B 24 -17.19 17.92 2.68
C SER B 24 -18.26 18.22 3.70
N VAL B 25 -18.21 17.50 4.81
CA VAL B 25 -19.31 17.54 5.75
C VAL B 25 -19.35 18.90 6.46
N ARG B 26 -18.20 19.47 6.81
CA ARG B 26 -18.19 20.79 7.50
C ARG B 26 -18.82 21.88 6.62
N ILE B 27 -18.45 21.82 5.35
CA ILE B 27 -18.93 22.75 4.37
C ILE B 27 -20.41 22.48 4.08
N GLY B 28 -20.77 21.21 3.97
CA GLY B 28 -22.16 20.80 3.69
C GLY B 28 -23.19 21.21 4.74
N SER B 29 -22.71 21.49 5.94
CA SER B 29 -23.51 22.17 6.95
C SER B 29 -24.34 23.32 6.31
N LYS B 30 -23.73 24.08 5.38
CA LYS B 30 -24.42 25.16 4.71
C LYS B 30 -24.45 25.02 3.22
N GLY B 31 -23.37 24.53 2.62
CA GLY B 31 -23.30 24.43 1.16
C GLY B 31 -24.26 23.42 0.57
N ASP B 32 -24.23 23.30 -0.75
CA ASP B 32 -24.98 22.29 -1.46
C ASP B 32 -24.05 21.14 -1.85
N VAL B 33 -23.95 20.16 -0.95
CA VAL B 33 -23.01 19.04 -1.05
C VAL B 33 -23.77 17.72 -0.97
N PHE B 34 -23.36 16.75 -1.75
CA PHE B 34 -24.06 15.49 -1.80
C PHE B 34 -23.80 14.72 -0.52
N VAL B 35 -24.79 13.96 -0.06
CA VAL B 35 -24.50 12.84 0.82
C VAL B 35 -23.81 11.80 -0.05
N ILE B 36 -22.66 11.35 0.40
CA ILE B 36 -21.82 10.42 -0.37
C ILE B 36 -21.30 9.30 0.49
N ARG B 37 -20.78 8.26 -0.17
CA ARG B 37 -19.99 7.20 0.47
C ARG B 37 -19.01 6.61 -0.57
N GLU B 38 -18.13 5.69 -0.20
CA GLU B 38 -17.19 5.04 -1.15
C GLU B 38 -16.35 6.11 -1.91
N PRO B 39 -15.83 7.14 -1.22
CA PRO B 39 -15.17 8.23 -1.95
C PRO B 39 -13.77 7.96 -2.46
N PHE B 40 -13.60 7.07 -3.43
CA PHE B 40 -12.25 6.72 -3.91
C PHE B 40 -11.57 7.72 -4.87
N ILE B 41 -10.27 7.59 -5.08
CA ILE B 41 -9.54 8.46 -6.00
C ILE B 41 -8.91 7.64 -7.17
N SER B 42 -8.82 8.27 -8.33
CA SER B 42 -8.14 7.70 -9.48
C SER B 42 -7.59 8.83 -10.37
N CYS B 43 -6.47 8.58 -11.04
CA CYS B 43 -5.74 9.62 -11.73
C CYS B 43 -5.58 9.34 -13.21
N SER B 44 -5.64 10.43 -13.99
CA SER B 44 -5.35 10.44 -15.42
C SER B 44 -3.89 10.73 -15.72
N PRO B 45 -3.52 10.81 -17.00
CA PRO B 45 -2.17 11.39 -17.20
C PRO B 45 -2.16 12.92 -16.98
N LEU B 46 -3.33 13.53 -16.90
CA LEU B 46 -3.47 14.96 -16.65
C LEU B 46 -3.96 15.42 -15.27
N GLU B 47 -4.80 14.66 -14.58
CA GLU B 47 -5.42 15.12 -13.32
C GLU B 47 -5.97 13.98 -12.47
N CYS B 48 -6.02 14.18 -11.17
CA CYS B 48 -6.57 13.19 -10.25
C CYS B 48 -7.92 13.66 -9.85
N ARG B 49 -8.83 12.72 -9.69
CA ARG B 49 -10.26 13.00 -9.47
C ARG B 49 -10.76 12.08 -8.40
N THR B 50 -11.70 12.54 -7.60
CA THR B 50 -12.35 11.64 -6.65
C THR B 50 -13.72 11.19 -7.20
N PHE B 51 -13.95 9.89 -7.18
CA PHE B 51 -15.20 9.28 -7.60
C PHE B 51 -15.96 8.89 -6.35
N PHE B 52 -17.30 8.87 -6.40
CA PHE B 52 -18.11 8.63 -5.19
C PHE B 52 -19.54 8.21 -5.54
N LEU B 53 -20.22 7.58 -4.57
CA LEU B 53 -21.63 7.16 -4.74
C LEU B 53 -22.58 8.07 -4.00
N THR B 54 -23.45 8.76 -4.73
CA THR B 54 -24.42 9.64 -4.11
C THR B 54 -25.63 8.83 -3.87
N GLN B 55 -26.43 9.24 -2.92
CA GLN B 55 -27.80 8.74 -2.77
C GLN B 55 -28.75 9.62 -3.59
N GLY B 56 -28.23 10.73 -4.10
CA GLY B 56 -28.99 11.65 -4.92
C GLY B 56 -29.72 12.62 -4.03
N ALA B 57 -28.97 13.19 -3.09
CA ALA B 57 -29.57 13.99 -1.99
C ALA B 57 -28.49 14.87 -1.35
N LEU B 58 -28.91 15.91 -0.65
CA LEU B 58 -27.93 16.87 -0.12
C LEU B 58 -27.88 16.81 1.43
N LEU B 59 -26.68 16.98 1.98
CA LEU B 59 -26.58 17.21 3.41
C LEU B 59 -27.59 18.27 3.83
N ASN B 60 -28.23 18.02 4.98
CA ASN B 60 -29.24 18.92 5.58
C ASN B 60 -30.56 19.07 4.80
N ASP B 61 -30.92 18.04 4.02
CA ASP B 61 -32.22 17.98 3.33
C ASP B 61 -32.86 16.64 3.66
N LYS B 62 -34.20 16.63 3.73
CA LYS B 62 -34.98 15.45 4.14
C LYS B 62 -34.65 14.16 3.35
N HIS B 63 -34.25 14.28 2.10
CA HIS B 63 -33.91 13.09 1.28
C HIS B 63 -32.62 12.38 1.69
N SER B 64 -31.84 13.02 2.59
CA SER B 64 -30.69 12.36 3.23
C SER B 64 -31.11 11.37 4.29
N ASN B 65 -32.42 11.28 4.55
CA ASN B 65 -32.95 10.27 5.45
C ASN B 65 -32.40 8.91 5.00
N GLY B 66 -31.71 8.21 5.90
CA GLY B 66 -30.93 7.01 5.57
C GLY B 66 -31.71 5.71 5.63
N THR B 67 -33.04 5.83 5.77
CA THR B 67 -33.96 4.68 5.73
C THR B 67 -33.86 3.90 4.41
N ILE B 68 -33.53 4.60 3.31
CA ILE B 68 -33.28 3.95 2.02
C ILE B 68 -32.24 2.81 2.22
N LYS B 69 -32.60 1.64 1.71
CA LYS B 69 -31.69 0.51 1.53
C LYS B 69 -30.44 0.97 0.74
N ASP B 70 -29.28 0.37 1.04
CA ASP B 70 -28.03 0.75 0.37
C ASP B 70 -28.03 0.69 -1.15
N ARG B 71 -28.80 -0.22 -1.71
CA ARG B 71 -28.75 -0.45 -3.12
C ARG B 71 -30.04 -0.01 -3.72
N SER B 72 -30.24 1.31 -3.73
CA SER B 72 -31.46 1.91 -4.31
C SER B 72 -31.27 2.28 -5.76
N PRO B 73 -32.37 2.52 -6.49
CA PRO B 73 -32.27 3.03 -7.88
C PRO B 73 -31.91 4.52 -7.97
N TYR B 74 -31.76 5.18 -6.85
CA TYR B 74 -31.37 6.59 -6.87
C TYR B 74 -29.85 6.72 -6.87
N ARG B 75 -29.14 5.67 -6.48
CA ARG B 75 -27.68 5.78 -6.32
C ARG B 75 -26.91 5.88 -7.62
N THR B 76 -26.04 6.88 -7.66
CA THR B 76 -25.23 7.09 -8.83
C THR B 76 -23.78 7.34 -8.48
N LEU B 77 -22.96 7.09 -9.48
CA LEU B 77 -21.54 7.23 -9.39
C LEU B 77 -21.20 8.51 -10.16
N MET B 78 -20.48 9.41 -9.48
CA MET B 78 -20.07 10.72 -10.00
C MET B 78 -18.62 11.00 -9.61
N SER B 79 -18.06 12.06 -10.18
CA SER B 79 -16.71 12.46 -9.86
C SER B 79 -16.57 13.95 -9.84
N CYS B 80 -15.62 14.43 -9.06
CA CYS B 80 -15.27 15.82 -9.01
C CYS B 80 -13.75 15.93 -8.89
N PRO B 81 -13.20 17.12 -9.13
CA PRO B 81 -11.75 17.25 -8.94
C PRO B 81 -11.32 16.90 -7.52
N ILE B 82 -10.13 16.36 -7.41
CA ILE B 82 -9.59 16.00 -6.10
C ILE B 82 -9.66 17.15 -5.08
N GLY B 83 -10.05 16.81 -3.85
CA GLY B 83 -10.05 17.78 -2.76
C GLY B 83 -11.15 18.83 -2.76
N GLU B 84 -11.96 18.91 -3.84
CA GLU B 84 -13.16 19.77 -3.86
C GLU B 84 -14.30 19.00 -3.23
N VAL B 85 -15.25 19.73 -2.67
CA VAL B 85 -16.47 19.10 -2.16
C VAL B 85 -17.33 18.50 -3.29
N PRO B 86 -17.82 17.26 -3.11
CA PRO B 86 -18.76 16.71 -4.06
C PRO B 86 -20.08 17.48 -4.03
N SER B 87 -20.27 18.32 -5.03
CA SER B 87 -21.42 19.19 -5.10
C SER B 87 -22.12 18.95 -6.44
N PRO B 88 -23.43 19.11 -6.46
CA PRO B 88 -24.12 19.08 -7.74
C PRO B 88 -23.60 20.07 -8.76
N TYR B 89 -22.97 21.15 -8.32
CA TYR B 89 -22.52 22.22 -9.22
C TYR B 89 -21.12 22.00 -9.77
N ASN B 90 -20.28 21.24 -9.09
CA ASN B 90 -18.91 21.03 -9.55
C ASN B 90 -18.57 19.57 -9.92
N SER B 91 -19.57 18.71 -10.06
CA SER B 91 -19.42 17.25 -10.22
C SER B 91 -19.91 16.69 -11.58
N ARG B 92 -19.26 15.63 -12.04
CA ARG B 92 -19.55 15.07 -13.35
C ARG B 92 -20.36 13.79 -13.11
N PHE B 93 -21.37 13.56 -13.92
CA PHE B 93 -22.09 12.30 -13.86
C PHE B 93 -21.31 11.20 -14.55
N GLU B 94 -21.33 9.98 -13.98
CA GLU B 94 -20.59 8.82 -14.51
C GLU B 94 -21.48 7.61 -14.81
N SER B 95 -22.19 7.08 -13.80
CA SER B 95 -23.03 5.89 -13.97
C SER B 95 -24.08 5.80 -12.88
N VAL B 96 -25.17 5.11 -13.20
CA VAL B 96 -26.16 4.76 -12.24
C VAL B 96 -25.63 3.51 -11.61
N ALA B 97 -25.26 3.59 -10.35
CA ALA B 97 -24.55 2.51 -9.67
C ALA B 97 -24.65 2.57 -8.12
N TRP B 98 -24.82 1.39 -7.50
CA TRP B 98 -24.69 1.22 -6.05
C TRP B 98 -23.44 0.42 -5.71
N SER B 99 -22.67 0.04 -6.73
CA SER B 99 -21.31 -0.50 -6.50
C SER B 99 -20.54 -0.18 -7.77
N ALA B 100 -19.27 0.21 -7.63
CA ALA B 100 -18.54 0.83 -8.73
C ALA B 100 -17.05 0.68 -8.70
N SER B 101 -16.45 0.99 -9.85
CA SER B 101 -14.98 1.01 -9.95
C SER B 101 -14.61 2.02 -11.03
N ALA B 102 -13.35 2.44 -11.11
CA ALA B 102 -12.94 3.30 -12.23
C ALA B 102 -11.44 3.42 -12.37
N CYS B 103 -10.98 3.59 -13.60
CA CYS B 103 -9.55 3.74 -13.85
C CYS B 103 -9.36 4.33 -15.22
N HIS B 104 -8.19 4.91 -15.49
CA HIS B 104 -7.87 5.52 -16.79
C HIS B 104 -6.75 4.68 -17.41
N ASP B 105 -6.83 4.40 -18.72
CA ASP B 105 -5.82 3.51 -19.36
C ASP B 105 -4.65 4.26 -20.04
N GLY B 106 -4.68 5.59 -19.91
CA GLY B 106 -3.76 6.52 -20.57
C GLY B 106 -4.39 7.29 -21.74
N ILE B 107 -5.54 6.77 -22.21
CA ILE B 107 -6.31 7.36 -23.31
C ILE B 107 -7.69 7.80 -22.83
N ASN B 108 -8.47 6.92 -22.24
CA ASN B 108 -9.74 7.33 -21.64
C ASN B 108 -10.10 6.67 -20.33
N TRP B 109 -11.11 7.23 -19.68
CA TRP B 109 -11.70 6.64 -18.47
C TRP B 109 -12.57 5.44 -18.76
N LEU B 110 -12.41 4.41 -17.94
CA LEU B 110 -13.37 3.33 -17.87
C LEU B 110 -14.17 3.48 -16.54
N THR B 111 -15.48 3.33 -16.60
CA THR B 111 -16.25 3.28 -15.37
C THR B 111 -17.06 2.03 -15.37
N ILE B 112 -17.43 1.55 -14.19
CA ILE B 112 -18.12 0.29 -14.02
C ILE B 112 -19.13 0.58 -12.93
N GLY B 113 -20.39 0.48 -13.27
CA GLY B 113 -21.47 0.85 -12.41
C GLY B 113 -22.53 -0.19 -12.41
N ILE B 114 -22.76 -0.74 -11.22
CA ILE B 114 -23.67 -1.85 -11.02
C ILE B 114 -24.96 -1.35 -10.41
N SER B 115 -26.05 -1.66 -11.11
CA SER B 115 -27.37 -1.37 -10.64
C SER B 115 -28.29 -2.54 -10.97
N GLY B 116 -29.58 -2.38 -10.69
CA GLY B 116 -30.55 -3.47 -10.85
C GLY B 116 -30.86 -4.12 -9.51
N PRO B 117 -31.68 -5.19 -9.54
CA PRO B 117 -32.06 -5.89 -8.32
C PRO B 117 -30.97 -6.79 -7.75
N ASP B 118 -31.10 -7.09 -6.47
CA ASP B 118 -30.19 -7.98 -5.79
C ASP B 118 -30.02 -9.32 -6.52
N ASN B 119 -31.09 -9.88 -7.04
CA ASN B 119 -30.98 -11.18 -7.72
C ASN B 119 -30.59 -11.12 -9.24
N GLY B 120 -30.29 -9.92 -9.73
CA GLY B 120 -30.03 -9.78 -11.15
C GLY B 120 -29.32 -8.51 -11.52
N ALA B 121 -28.26 -8.16 -10.78
CA ALA B 121 -27.63 -6.91 -11.05
C ALA B 121 -26.77 -6.95 -12.33
N VAL B 122 -26.72 -5.80 -13.00
CA VAL B 122 -25.95 -5.64 -14.19
C VAL B 122 -24.89 -4.58 -14.02
N ALA B 123 -23.64 -4.92 -14.33
CA ALA B 123 -22.59 -3.92 -14.39
C ALA B 123 -22.60 -3.35 -15.78
N VAL B 124 -22.59 -2.02 -15.87
CA VAL B 124 -22.49 -1.37 -17.16
C VAL B 124 -21.13 -0.74 -17.27
N LEU B 125 -20.45 -1.04 -18.35
CA LEU B 125 -19.12 -0.54 -18.60
C LEU B 125 -19.19 0.58 -19.61
N LYS B 126 -18.58 1.70 -19.26
CA LYS B 126 -18.40 2.83 -20.17
C LYS B 126 -16.93 3.16 -20.38
N TYR B 127 -16.63 3.61 -21.59
CA TYR B 127 -15.30 4.04 -22.01
C TYR B 127 -15.47 5.37 -22.70
N ASN B 128 -14.90 6.39 -22.10
CA ASN B 128 -15.18 7.77 -22.46
C ASN B 128 -16.64 8.05 -22.31
N GLY B 129 -17.24 7.55 -21.24
CA GLY B 129 -18.67 7.73 -20.97
C GLY B 129 -19.66 7.14 -21.96
N ILE B 130 -19.19 6.20 -22.78
CA ILE B 130 -20.02 5.53 -23.78
C ILE B 130 -20.14 4.10 -23.35
N ILE B 131 -21.35 3.59 -23.30
CA ILE B 131 -21.50 2.18 -22.91
C ILE B 131 -20.85 1.26 -23.94
N THR B 132 -19.94 0.42 -23.45
CA THR B 132 -19.13 -0.44 -24.30
C THR B 132 -19.32 -1.93 -24.00
N ASP B 133 -19.93 -2.26 -22.85
CA ASP B 133 -20.19 -3.66 -22.50
C ASP B 133 -21.07 -3.72 -21.27
N THR B 134 -21.53 -4.93 -20.95
CA THR B 134 -22.27 -5.19 -19.71
C THR B 134 -21.98 -6.57 -19.18
N ILE B 135 -22.22 -6.80 -17.90
CA ILE B 135 -22.17 -8.17 -17.36
C ILE B 135 -23.21 -8.39 -16.21
N LYS B 136 -24.03 -9.42 -16.37
CA LYS B 136 -25.09 -9.74 -15.43
C LYS B 136 -24.51 -10.60 -14.32
N SER B 137 -25.15 -10.46 -13.14
CA SER B 137 -24.96 -11.35 -12.01
C SER B 137 -24.98 -12.77 -12.52
N TRP B 138 -24.00 -13.57 -12.09
CA TRP B 138 -23.94 -14.98 -12.44
C TRP B 138 -24.26 -15.94 -11.24
N ARG B 139 -24.18 -15.48 -10.00
CA ARG B 139 -24.73 -16.23 -8.83
C ARG B 139 -26.03 -15.63 -8.29
N ASN B 140 -26.57 -14.62 -8.95
CA ASN B 140 -27.86 -14.07 -8.53
C ASN B 140 -27.89 -13.64 -7.06
N ASN B 141 -26.85 -12.93 -6.64
CA ASN B 141 -26.71 -12.53 -5.26
C ASN B 141 -25.71 -11.38 -5.03
N ILE B 142 -26.13 -10.20 -5.46
CA ILE B 142 -25.49 -8.92 -5.18
C ILE B 142 -24.14 -8.87 -5.79
N LEU B 143 -24.13 -8.91 -7.11
CA LEU B 143 -22.95 -8.63 -7.86
C LEU B 143 -22.40 -7.30 -7.39
N ARG B 144 -21.10 -7.29 -7.11
CA ARG B 144 -20.46 -6.16 -6.53
C ARG B 144 -18.99 -6.18 -6.90
N THR B 145 -18.35 -5.00 -6.82
CA THR B 145 -16.97 -4.85 -7.27
C THR B 145 -16.17 -3.95 -6.31
N GLN B 146 -15.12 -3.30 -6.80
CA GLN B 146 -14.04 -2.81 -5.92
C GLN B 146 -14.36 -1.69 -4.90
N GLU B 147 -15.17 -0.72 -5.29
CA GLU B 147 -15.28 0.57 -4.54
C GLU B 147 -13.94 1.32 -4.47
N SER B 148 -13.06 1.05 -5.44
CA SER B 148 -11.86 1.83 -5.64
C SER B 148 -11.39 1.62 -7.07
N GLU B 149 -10.27 2.24 -7.43
CA GLU B 149 -9.81 2.19 -8.80
C GLU B 149 -9.37 0.81 -9.27
N CYS B 150 -9.74 0.49 -10.49
CA CYS B 150 -9.18 -0.64 -11.20
C CYS B 150 -7.74 -0.28 -11.53
N ALA B 151 -7.01 -1.22 -12.11
CA ALA B 151 -5.62 -1.04 -12.43
C ALA B 151 -5.39 -1.25 -13.90
N CYS B 152 -4.71 -0.33 -14.56
CA CYS B 152 -4.47 -0.53 -16.01
C CYS B 152 -3.00 -0.77 -16.33
N VAL B 153 -2.76 -1.60 -17.32
CA VAL B 153 -1.40 -1.87 -17.79
C VAL B 153 -1.38 -2.19 -19.29
N ASN B 154 -0.44 -1.61 -20.00
CA ASN B 154 -0.26 -1.97 -21.39
C ASN B 154 -1.56 -1.93 -22.19
N GLY B 155 -2.36 -0.91 -21.95
CA GLY B 155 -3.65 -0.72 -22.64
C GLY B 155 -4.81 -1.60 -22.18
N SER B 156 -4.61 -2.39 -21.15
CA SER B 156 -5.68 -3.23 -20.63
C SER B 156 -5.92 -2.84 -19.17
N CYS B 157 -7.18 -2.83 -18.74
CA CYS B 157 -7.50 -2.55 -17.35
C CYS B 157 -8.12 -3.74 -16.71
N PHE B 158 -7.90 -3.87 -15.40
CA PHE B 158 -8.19 -5.09 -14.71
C PHE B 158 -9.02 -4.88 -13.44
N THR B 159 -10.06 -5.69 -13.25
CA THR B 159 -10.81 -5.58 -12.01
C THR B 159 -11.22 -6.92 -11.42
N VAL B 160 -11.80 -6.88 -10.22
CA VAL B 160 -12.31 -8.07 -9.54
C VAL B 160 -13.74 -7.86 -9.16
N MET B 161 -14.57 -8.86 -9.36
CA MET B 161 -15.96 -8.85 -8.94
C MET B 161 -16.35 -10.13 -8.21
N THR B 162 -17.29 -9.95 -7.29
CA THR B 162 -17.74 -11.00 -6.40
C THR B 162 -19.24 -11.12 -6.53
N ASP B 163 -19.74 -12.34 -6.55
CA ASP B 163 -21.15 -12.61 -6.55
C ASP B 163 -21.31 -13.77 -5.61
N GLY B 164 -22.31 -13.66 -4.71
CA GLY B 164 -22.60 -14.72 -3.74
C GLY B 164 -22.87 -14.18 -2.35
N PRO B 165 -22.89 -15.08 -1.34
CA PRO B 165 -23.06 -14.71 0.05
C PRO B 165 -21.93 -13.85 0.51
N SER B 166 -22.21 -13.02 1.51
CA SER B 166 -21.17 -12.23 2.12
C SER B 166 -20.68 -12.86 3.42
N ASN B 167 -21.23 -14.01 3.78
CA ASN B 167 -20.92 -14.68 5.06
C ASN B 167 -20.73 -16.21 4.87
N GLY B 168 -20.19 -16.58 3.70
CA GLY B 168 -19.92 -17.97 3.33
C GLY B 168 -19.13 -18.00 2.03
N GLN B 169 -18.92 -19.17 1.45
CA GLN B 169 -18.22 -19.22 0.19
C GLN B 169 -19.01 -18.47 -0.87
N ALA B 170 -18.33 -17.64 -1.65
CA ALA B 170 -18.89 -17.01 -2.82
C ALA B 170 -18.00 -17.24 -4.03
N SER B 171 -18.32 -16.57 -5.14
CA SER B 171 -17.62 -16.73 -6.41
C SER B 171 -16.91 -15.44 -6.73
N TYR B 172 -15.66 -15.55 -7.16
CA TYR B 172 -14.78 -14.41 -7.37
C TYR B 172 -14.32 -14.44 -8.88
N LYS B 173 -14.45 -13.31 -9.59
CA LYS B 173 -13.98 -13.26 -10.97
C LYS B 173 -12.98 -12.17 -11.15
N ILE B 174 -11.92 -12.45 -11.92
CA ILE B 174 -11.04 -11.41 -12.43
C ILE B 174 -11.31 -11.27 -13.91
N PHE B 175 -11.22 -10.03 -14.37
CA PHE B 175 -11.51 -9.62 -15.70
C PHE B 175 -10.37 -8.82 -16.28
N ARG B 176 -10.15 -9.00 -17.56
CA ARG B 176 -9.30 -8.14 -18.34
C ARG B 176 -10.18 -7.36 -19.28
N ILE B 177 -10.13 -6.04 -19.19
CA ILE B 177 -11.02 -5.17 -19.95
C ILE B 177 -10.16 -4.34 -20.87
N GLU B 178 -10.50 -4.30 -22.15
CA GLU B 178 -9.73 -3.53 -23.19
C GLU B 178 -10.59 -2.54 -23.95
N LYS B 179 -10.33 -1.25 -23.77
CA LYS B 179 -11.17 -0.21 -24.32
C LYS B 179 -12.63 -0.32 -23.88
N GLY B 180 -12.84 -0.75 -22.65
CA GLY B 180 -14.18 -0.91 -22.11
C GLY B 180 -14.93 -2.13 -22.57
N LYS B 181 -14.26 -3.06 -23.22
CA LYS B 181 -14.88 -4.31 -23.59
C LYS B 181 -14.21 -5.48 -22.82
N ILE B 182 -15.00 -6.32 -22.17
CA ILE B 182 -14.42 -7.50 -21.53
C ILE B 182 -13.84 -8.47 -22.57
N VAL B 183 -12.56 -8.75 -22.48
CA VAL B 183 -11.91 -9.69 -23.41
C VAL B 183 -11.50 -11.05 -22.80
N LYS B 184 -11.36 -11.08 -21.48
CA LYS B 184 -11.14 -12.30 -20.74
C LYS B 184 -11.82 -12.24 -19.37
N SER B 185 -12.24 -13.41 -18.87
CA SER B 185 -12.93 -13.50 -17.58
C SER B 185 -12.52 -14.79 -16.93
N VAL B 186 -11.94 -14.73 -15.72
CA VAL B 186 -11.59 -15.97 -15.01
C VAL B 186 -12.28 -16.07 -13.65
N GLU B 187 -12.93 -17.20 -13.39
CA GLU B 187 -13.48 -17.52 -12.07
C GLU B 187 -12.33 -18.16 -11.31
N MET B 188 -11.97 -17.54 -10.18
CA MET B 188 -10.86 -18.00 -9.37
C MET B 188 -11.35 -19.23 -8.65
N ASN B 189 -10.44 -20.18 -8.46
CA ASN B 189 -10.69 -21.34 -7.62
C ASN B 189 -10.01 -21.17 -6.26
N ALA B 190 -10.78 -20.69 -5.31
CA ALA B 190 -10.23 -20.32 -4.01
C ALA B 190 -11.15 -20.77 -2.90
N PRO B 191 -11.18 -22.08 -2.64
CA PRO B 191 -12.07 -22.59 -1.58
C PRO B 191 -11.59 -22.13 -0.19
N ASN B 192 -12.53 -21.60 0.60
CA ASN B 192 -12.25 -21.09 1.93
C ASN B 192 -11.61 -19.71 1.99
N TYR B 193 -11.61 -19.01 0.87
CA TYR B 193 -11.21 -17.61 0.80
C TYR B 193 -12.48 -16.80 0.55
N HIS B 194 -12.49 -15.55 1.00
CA HIS B 194 -13.53 -14.59 0.63
C HIS B 194 -12.85 -13.30 0.10
N TYR B 195 -13.20 -12.91 -1.10
CA TYR B 195 -12.74 -11.68 -1.70
C TYR B 195 -13.91 -10.74 -1.87
N GLU B 196 -13.77 -9.55 -1.27
CA GLU B 196 -14.65 -8.43 -1.48
C GLU B 196 -13.88 -7.08 -1.50
N GLU B 197 -14.47 -6.09 -2.15
CA GLU B 197 -13.96 -4.72 -2.13
C GLU B 197 -12.46 -4.61 -2.28
N CYS B 198 -11.93 -5.24 -3.33
CA CYS B 198 -10.49 -5.28 -3.62
C CYS B 198 -9.84 -3.94 -3.98
N SER B 199 -8.70 -3.67 -3.35
CA SER B 199 -7.82 -2.59 -3.71
C SER B 199 -6.69 -3.08 -4.60
N CYS B 200 -6.83 -2.85 -5.89
CA CYS B 200 -5.85 -3.38 -6.86
C CYS B 200 -4.92 -2.33 -7.36
N TYR B 201 -3.65 -2.67 -7.49
CA TYR B 201 -2.71 -1.78 -8.12
C TYR B 201 -1.81 -2.52 -9.06
N PRO B 202 -1.25 -1.81 -10.05
CA PRO B 202 -0.19 -2.33 -10.94
C PRO B 202 1.22 -2.22 -10.37
N ASP B 203 2.10 -3.14 -10.75
CA ASP B 203 3.46 -3.22 -10.23
C ASP B 203 4.25 -4.22 -11.09
N SER B 204 5.09 -3.70 -11.95
CA SER B 204 5.88 -4.47 -12.92
C SER B 204 5.05 -5.30 -13.90
N SER B 205 4.05 -4.71 -14.56
CA SER B 205 3.17 -5.44 -15.53
C SER B 205 2.21 -6.50 -14.93
N GLU B 206 2.14 -6.56 -13.62
CA GLU B 206 1.21 -7.44 -12.97
C GLU B 206 0.38 -6.63 -12.00
N ILE B 207 -0.77 -7.17 -11.68
CA ILE B 207 -1.71 -6.52 -10.82
C ILE B 207 -1.68 -7.25 -9.50
N THR B 208 -1.75 -6.52 -8.40
CA THR B 208 -1.89 -7.15 -7.09
C THR B 208 -3.11 -6.60 -6.37
N CYS B 209 -3.89 -7.48 -5.76
CA CYS B 209 -5.14 -7.02 -5.12
C CYS B 209 -5.19 -7.43 -3.67
N VAL B 210 -5.37 -6.46 -2.80
CA VAL B 210 -5.60 -6.72 -1.38
C VAL B 210 -7.04 -6.37 -1.08
N CYS B 211 -7.74 -7.30 -0.46
CA CYS B 211 -9.21 -7.24 -0.38
C CYS B 211 -9.70 -7.44 1.05
N ARG B 212 -11.02 -7.62 1.18
CA ARG B 212 -11.70 -7.81 2.46
C ARG B 212 -12.28 -9.21 2.55
N ASP B 213 -11.93 -9.96 3.60
CA ASP B 213 -12.59 -11.23 3.91
C ASP B 213 -13.71 -10.94 4.93
N ASN B 214 -14.96 -10.99 4.46
CA ASN B 214 -16.12 -10.67 5.28
C ASN B 214 -16.74 -11.88 5.95
N TRP B 215 -16.20 -13.04 5.65
CA TRP B 215 -16.74 -14.33 6.08
C TRP B 215 -16.04 -14.81 7.35
N HIS B 216 -14.72 -14.86 7.32
CA HIS B 216 -13.97 -15.50 8.40
C HIS B 216 -12.43 -15.19 8.46
N GLY B 217 -12.05 -13.99 8.04
CA GLY B 217 -10.64 -13.57 8.09
C GLY B 217 -10.40 -12.12 8.57
N SER B 218 -9.62 -11.96 9.64
CA SER B 218 -9.25 -10.62 10.11
C SER B 218 -7.89 -10.13 9.52
N ASN B 219 -7.10 -11.03 8.93
CA ASN B 219 -6.04 -10.60 8.02
C ASN B 219 -6.69 -10.42 6.66
N ARG B 220 -6.04 -9.69 5.76
CA ARG B 220 -6.61 -9.48 4.43
C ARG B 220 -6.14 -10.56 3.44
N PRO B 221 -7.05 -11.08 2.62
CA PRO B 221 -6.68 -11.93 1.49
C PRO B 221 -6.12 -11.13 0.36
N TRP B 222 -5.21 -11.73 -0.38
CA TRP B 222 -4.69 -11.09 -1.62
C TRP B 222 -4.85 -11.99 -2.83
N VAL B 223 -4.95 -11.39 -4.00
CA VAL B 223 -4.81 -12.15 -5.26
C VAL B 223 -3.93 -11.34 -6.18
N SER B 224 -3.06 -11.98 -6.93
CA SER B 224 -2.24 -11.27 -7.91
C SER B 224 -2.15 -12.06 -9.17
N PHE B 225 -1.96 -11.34 -10.27
CA PHE B 225 -2.10 -11.96 -11.57
C PHE B 225 -1.46 -11.12 -12.64
N ASN B 226 -1.11 -11.76 -13.73
CA ASN B 226 -0.57 -11.07 -14.91
C ASN B 226 -1.65 -10.78 -15.94
N GLN B 227 -1.22 -10.20 -17.05
CA GLN B 227 -2.15 -9.78 -18.08
C GLN B 227 -3.01 -10.93 -18.70
N ASN B 228 -2.52 -12.16 -18.57
CA ASN B 228 -3.30 -13.29 -19.01
C ASN B 228 -4.25 -13.84 -17.96
N LEU B 229 -4.28 -13.26 -16.78
CA LEU B 229 -5.11 -13.71 -15.68
C LEU B 229 -4.71 -15.07 -15.13
N GLU B 230 -3.44 -15.43 -15.34
CA GLU B 230 -2.78 -16.50 -14.57
C GLU B 230 -2.52 -15.94 -13.16
N TYR B 231 -3.18 -16.54 -12.17
CA TYR B 231 -3.19 -15.95 -10.83
C TYR B 231 -2.55 -16.80 -9.73
N GLN B 232 -2.31 -16.11 -8.59
CA GLN B 232 -1.99 -16.73 -7.31
C GLN B 232 -2.79 -16.09 -6.21
N ILE B 233 -2.82 -16.76 -5.04
CA ILE B 233 -3.64 -16.31 -3.88
C ILE B 233 -3.03 -16.59 -2.52
N GLY B 234 -3.56 -15.92 -1.52
CA GLY B 234 -3.07 -16.05 -0.16
C GLY B 234 -3.68 -15.00 0.74
N TYR B 235 -3.09 -14.86 1.90
CA TYR B 235 -3.50 -13.89 2.89
C TYR B 235 -2.23 -13.26 3.41
N ILE B 236 -2.31 -12.00 3.83
CA ILE B 236 -1.15 -11.28 4.36
C ILE B 236 -0.70 -11.93 5.69
N CYS B 237 0.54 -12.39 5.75
CA CYS B 237 0.99 -13.25 6.87
C CYS B 237 1.22 -12.48 8.17
N SER B 238 1.49 -11.17 8.04
CA SER B 238 1.87 -10.36 9.20
C SER B 238 0.86 -10.55 10.32
N GLY B 239 1.39 -10.58 11.54
CA GLY B 239 0.56 -10.65 12.73
C GLY B 239 0.07 -9.29 13.16
N ILE B 240 0.38 -8.28 12.37
CA ILE B 240 -0.23 -6.98 12.50
C ILE B 240 -1.46 -7.07 11.62
N PHE B 241 -2.54 -7.52 12.23
CA PHE B 241 -3.75 -7.88 11.49
C PHE B 241 -4.36 -6.63 10.87
N GLY B 242 -4.80 -6.74 9.61
CA GLY B 242 -5.19 -5.57 8.81
C GLY B 242 -6.65 -5.13 8.76
N ASP B 243 -7.58 -6.01 9.12
CA ASP B 243 -9.01 -5.78 8.88
C ASP B 243 -9.59 -5.04 10.09
N ASN B 244 -10.90 -4.81 10.08
CA ASN B 244 -11.60 -4.28 11.24
C ASN B 244 -13.05 -4.75 11.23
N PRO B 245 -13.49 -5.49 12.26
CA PRO B 245 -12.82 -5.82 13.50
C PRO B 245 -11.74 -6.91 13.38
N ARG B 246 -10.99 -7.09 14.46
CA ARG B 246 -9.82 -7.97 14.49
C ARG B 246 -9.30 -8.18 15.91
N PRO B 247 -8.56 -9.26 16.16
CA PRO B 247 -7.98 -9.38 17.49
C PRO B 247 -6.81 -8.44 17.66
N ASN B 248 -6.31 -8.37 18.90
CA ASN B 248 -5.02 -7.76 19.14
C ASN B 248 -3.94 -8.49 18.35
N ASP B 249 -2.91 -7.75 17.97
CA ASP B 249 -1.78 -8.32 17.26
C ASP B 249 -1.06 -9.46 18.02
N LYS B 250 -0.82 -10.57 17.29
CA LYS B 250 -0.16 -11.81 17.78
C LYS B 250 0.39 -12.53 16.51
N THR B 251 0.89 -13.76 16.63
CA THR B 251 1.36 -14.50 15.45
C THR B 251 0.25 -14.58 14.43
N GLY B 252 0.62 -14.34 13.18
CA GLY B 252 -0.33 -14.33 12.08
C GLY B 252 -0.42 -15.66 11.36
N SER B 253 -1.21 -15.67 10.30
CA SER B 253 -1.40 -16.84 9.44
C SER B 253 -1.22 -16.50 7.93
N CYS B 254 -0.83 -17.46 7.11
CA CYS B 254 -0.87 -17.24 5.65
C CYS B 254 -2.16 -17.83 5.01
N GLY B 255 -3.14 -18.16 5.88
CA GLY B 255 -4.55 -18.38 5.50
C GLY B 255 -5.43 -17.53 6.44
N PRO B 256 -6.78 -17.58 6.27
CA PRO B 256 -7.62 -16.64 7.03
C PRO B 256 -7.56 -16.87 8.53
N VAL B 257 -7.26 -15.83 9.31
CA VAL B 257 -7.37 -15.88 10.76
C VAL B 257 -8.86 -15.77 11.12
N SER B 258 -9.47 -16.86 11.55
CA SER B 258 -10.89 -16.87 11.89
C SER B 258 -11.23 -15.97 13.10
N SER B 259 -10.28 -15.76 14.01
CA SER B 259 -10.56 -14.94 15.20
C SER B 259 -10.98 -13.51 14.80
N ASN B 260 -12.17 -13.09 15.25
CA ASN B 260 -12.87 -11.86 14.80
C ASN B 260 -12.86 -11.65 13.30
N GLY B 261 -13.05 -12.75 12.56
CA GLY B 261 -12.91 -12.75 11.11
C GLY B 261 -14.15 -12.30 10.34
N ALA B 262 -15.31 -12.32 11.01
CA ALA B 262 -16.58 -11.91 10.38
C ALA B 262 -16.66 -10.38 10.18
N ASN B 263 -17.31 -9.96 9.09
CA ASN B 263 -17.44 -8.54 8.73
C ASN B 263 -16.07 -7.94 8.40
N GLY B 264 -16.00 -6.61 8.23
CA GLY B 264 -14.75 -5.98 7.88
C GLY B 264 -14.92 -4.58 7.36
N VAL B 265 -13.84 -4.06 6.77
CA VAL B 265 -13.89 -2.82 6.03
C VAL B 265 -13.07 -2.99 4.80
N LYS B 266 -13.38 -2.17 3.80
CA LYS B 266 -12.58 -2.09 2.66
C LYS B 266 -11.27 -1.56 3.20
N GLY B 267 -10.17 -2.13 2.72
CA GLY B 267 -8.85 -1.69 3.07
C GLY B 267 -7.88 -1.97 1.93
N PHE B 268 -6.59 -1.82 2.21
CA PHE B 268 -5.55 -1.95 1.21
C PHE B 268 -4.19 -2.25 1.88
N SER B 269 -3.24 -2.73 1.08
CA SER B 269 -1.84 -2.75 1.46
C SER B 269 -0.97 -2.82 0.21
N PHE B 270 0.32 -2.55 0.36
CA PHE B 270 1.23 -2.46 -0.74
C PHE B 270 2.41 -3.43 -0.48
N LYS B 271 2.67 -4.31 -1.43
CA LYS B 271 3.73 -5.30 -1.26
C LYS B 271 5.09 -4.78 -1.76
N TYR B 272 6.14 -5.05 -1.00
CA TYR B 272 7.50 -4.68 -1.33
C TYR B 272 8.39 -5.84 -0.95
N GLY B 273 8.63 -6.74 -1.89
CA GLY B 273 9.46 -7.92 -1.64
C GLY B 273 8.72 -8.81 -0.65
N ASN B 274 9.36 -9.08 0.49
CA ASN B 274 8.70 -9.74 1.62
C ASN B 274 8.02 -8.80 2.55
N GLY B 275 8.23 -7.50 2.36
CA GLY B 275 7.62 -6.48 3.20
C GLY B 275 6.27 -5.96 2.75
N VAL B 276 5.61 -5.24 3.66
CA VAL B 276 4.29 -4.71 3.40
C VAL B 276 4.05 -3.41 4.16
N TRP B 277 3.49 -2.44 3.43
CA TRP B 277 2.93 -1.24 4.01
C TRP B 277 1.43 -1.53 4.30
N ILE B 278 1.02 -1.43 5.56
CA ILE B 278 -0.33 -1.77 5.91
C ILE B 278 -1.06 -0.54 6.33
N GLY B 279 -2.26 -0.34 5.78
CA GLY B 279 -3.15 0.70 6.26
C GLY B 279 -4.21 0.05 7.12
N ARG B 280 -4.54 0.66 8.23
CA ARG B 280 -5.59 0.08 9.06
C ARG B 280 -6.15 1.02 10.07
N THR B 281 -7.34 0.68 10.56
CA THR B 281 -7.91 1.48 11.65
C THR B 281 -7.02 1.33 12.89
N LYS B 282 -7.13 2.28 13.82
CA LYS B 282 -6.42 2.15 15.09
C LYS B 282 -7.21 1.28 16.05
N SER B 283 -8.53 1.44 16.07
CA SER B 283 -9.38 0.61 16.93
C SER B 283 -9.46 -0.79 16.36
N ILE B 284 -9.76 -1.73 17.23
CA ILE B 284 -9.71 -3.14 16.93
C ILE B 284 -11.13 -3.69 16.77
N SER B 285 -12.10 -2.97 17.31
CA SER B 285 -13.52 -3.32 17.29
C SER B 285 -14.36 -2.44 16.35
N SER B 286 -13.89 -1.22 16.13
CA SER B 286 -14.72 -0.18 15.53
C SER B 286 -13.90 0.62 14.50
N ARG B 287 -14.56 1.33 13.61
CA ARG B 287 -13.90 2.09 12.53
C ARG B 287 -13.46 3.49 13.01
N ASN B 288 -12.45 3.49 13.88
CA ASN B 288 -11.89 4.68 14.51
C ASN B 288 -10.38 4.71 14.28
N GLY B 289 -9.85 5.90 14.03
CA GLY B 289 -8.43 6.05 13.75
C GLY B 289 -7.97 5.51 12.41
N PHE B 290 -6.72 5.81 12.13
CA PHE B 290 -6.02 5.21 11.01
C PHE B 290 -4.50 5.36 11.20
N GLU B 291 -3.77 4.31 10.90
CA GLU B 291 -2.29 4.37 10.97
C GLU B 291 -1.71 3.62 9.77
N MET B 292 -0.52 3.99 9.32
CA MET B 292 0.23 3.18 8.34
C MET B 292 1.37 2.49 9.06
N ILE B 293 1.58 1.21 8.78
CA ILE B 293 2.66 0.42 9.38
C ILE B 293 3.55 -0.27 8.33
N TRP B 294 4.86 -0.18 8.52
CA TRP B 294 5.81 -0.90 7.69
C TRP B 294 6.32 -2.11 8.43
N ASP B 295 6.03 -3.28 7.87
CA ASP B 295 6.52 -4.55 8.36
C ASP B 295 7.41 -5.21 7.27
N PRO B 296 8.73 -5.15 7.48
CA PRO B 296 9.73 -5.55 6.50
C PRO B 296 9.58 -6.97 5.97
N ASN B 297 9.15 -7.91 6.81
CA ASN B 297 8.91 -9.29 6.35
C ASN B 297 7.43 -9.70 6.48
N GLY B 298 6.53 -8.73 6.44
CA GLY B 298 5.16 -8.93 6.82
C GLY B 298 4.31 -9.62 5.78
N TRP B 299 4.62 -9.44 4.51
CA TRP B 299 3.87 -10.14 3.47
C TRP B 299 3.92 -11.67 3.63
N THR B 300 5.13 -12.18 3.88
CA THR B 300 5.43 -13.62 3.91
C THR B 300 5.72 -14.22 5.27
N GLY B 301 5.83 -13.40 6.32
CA GLY B 301 6.11 -13.89 7.69
C GLY B 301 5.00 -13.55 8.67
N THR B 302 4.95 -14.25 9.80
CA THR B 302 3.79 -14.20 10.65
C THR B 302 3.97 -13.52 12.00
N ASP B 303 5.12 -12.92 12.27
CA ASP B 303 5.35 -12.20 13.54
C ASP B 303 4.69 -10.79 13.64
N ASN B 304 4.83 -10.18 14.83
CA ASN B 304 4.35 -8.83 15.15
C ASN B 304 5.34 -7.73 14.97
N ASN B 305 6.63 -8.04 14.85
CA ASN B 305 7.61 -6.96 14.76
C ASN B 305 7.46 -6.15 13.46
N PHE B 306 7.34 -4.84 13.66
CA PHE B 306 7.36 -3.84 12.60
C PHE B 306 8.44 -2.84 12.89
N SER B 307 8.90 -2.12 11.87
CA SER B 307 9.98 -1.15 12.04
C SER B 307 9.48 0.27 12.31
N ILE B 308 8.28 0.61 11.85
CA ILE B 308 7.75 1.96 12.00
C ILE B 308 6.23 2.06 11.76
N LYS B 309 5.59 2.93 12.55
CA LYS B 309 4.18 3.23 12.45
C LYS B 309 4.07 4.76 12.25
N GLN B 310 3.09 5.24 11.48
CA GLN B 310 2.89 6.66 11.24
C GLN B 310 1.41 6.99 11.44
N ASP B 311 1.10 7.89 12.36
CA ASP B 311 -0.29 8.22 12.63
C ASP B 311 -0.91 9.03 11.51
N ILE B 312 -2.19 8.78 11.26
CA ILE B 312 -2.99 9.46 10.19
C ILE B 312 -4.29 10.10 10.72
N VAL B 313 -5.03 9.39 11.56
CA VAL B 313 -6.22 9.91 12.22
C VAL B 313 -6.18 9.36 13.64
N GLY B 314 -6.47 10.19 14.65
CA GLY B 314 -6.36 9.77 16.06
C GLY B 314 -7.38 8.68 16.40
N ILE B 315 -7.02 7.77 17.33
CA ILE B 315 -7.91 6.68 17.75
C ILE B 315 -9.32 7.14 18.11
N ASN B 316 -9.39 8.36 18.62
CA ASN B 316 -10.62 8.96 19.13
C ASN B 316 -11.54 9.55 18.02
N GLU B 317 -11.06 9.65 16.77
CA GLU B 317 -11.89 10.17 15.64
C GLU B 317 -12.37 9.12 14.61
N TRP B 318 -13.43 9.45 13.88
CA TRP B 318 -14.11 8.48 13.02
C TRP B 318 -13.38 8.32 11.70
N SER B 319 -13.23 7.06 11.27
CA SER B 319 -12.65 6.75 9.95
C SER B 319 -13.66 5.90 9.14
N GLY B 320 -13.25 4.80 8.50
CA GLY B 320 -14.15 4.06 7.57
C GLY B 320 -13.39 3.36 6.44
N TYR B 321 -13.99 3.22 5.27
CA TYR B 321 -13.31 2.59 4.10
C TYR B 321 -11.96 3.23 3.80
N SER B 322 -11.03 2.46 3.24
CA SER B 322 -9.79 3.05 2.72
C SER B 322 -9.45 2.33 1.44
N GLY B 323 -8.60 2.94 0.61
CA GLY B 323 -8.31 2.31 -0.67
C GLY B 323 -7.03 2.76 -1.29
N SER B 324 -6.44 1.93 -2.14
CA SER B 324 -5.24 2.31 -2.87
C SER B 324 -5.59 3.20 -4.01
N PHE B 325 -4.65 4.06 -4.36
CA PHE B 325 -4.57 4.51 -5.75
C PHE B 325 -3.14 4.85 -6.07
N VAL B 326 -2.79 4.79 -7.36
CA VAL B 326 -1.44 5.09 -7.77
C VAL B 326 -1.33 6.23 -8.78
N GLN B 327 -0.12 6.74 -8.95
CA GLN B 327 0.23 7.71 -10.01
C GLN B 327 1.36 7.15 -10.89
N HIS B 328 1.12 7.01 -12.17
CA HIS B 328 2.10 6.39 -13.09
C HIS B 328 3.22 7.37 -13.46
N PRO B 329 4.32 6.90 -14.04
CA PRO B 329 5.34 7.78 -14.63
C PRO B 329 4.78 8.76 -15.66
N GLU B 330 3.81 8.31 -16.39
CA GLU B 330 3.24 9.12 -17.45
C GLU B 330 2.63 10.41 -16.88
N LEU B 331 2.11 10.35 -15.65
CA LEU B 331 1.63 11.56 -14.94
C LEU B 331 2.76 12.26 -14.16
N THR B 332 3.58 11.52 -13.42
CA THR B 332 4.51 12.11 -12.45
C THR B 332 5.86 12.54 -12.96
N GLY B 333 6.36 11.92 -14.03
CA GLY B 333 7.73 12.12 -14.45
C GLY B 333 8.74 11.11 -13.94
N LEU B 334 8.32 10.28 -13.00
CA LEU B 334 9.22 9.33 -12.32
C LEU B 334 9.48 8.06 -13.13
N ASP B 335 10.34 7.21 -12.61
CA ASP B 335 10.66 5.93 -13.26
C ASP B 335 9.95 4.78 -12.53
N CYS B 336 8.96 5.12 -11.73
CA CYS B 336 8.32 4.14 -10.88
C CYS B 336 6.89 4.55 -10.62
N ILE B 337 6.09 3.57 -10.27
CA ILE B 337 4.68 3.75 -10.00
C ILE B 337 4.51 4.20 -8.57
N ARG B 338 4.00 5.39 -8.36
CA ARG B 338 3.93 5.93 -7.01
C ARG B 338 2.67 5.50 -6.29
N PRO B 339 2.81 4.91 -5.13
CA PRO B 339 1.62 4.49 -4.41
C PRO B 339 1.07 5.57 -3.57
N CYS B 340 -0.24 5.74 -3.57
CA CYS B 340 -0.90 6.72 -2.68
C CYS B 340 -2.00 5.97 -1.95
N PHE B 341 -2.80 6.69 -1.16
CA PHE B 341 -4.04 6.15 -0.58
C PHE B 341 -5.07 7.19 -0.09
N TRP B 342 -6.31 6.76 0.04
CA TRP B 342 -7.37 7.63 0.51
C TRP B 342 -8.12 7.00 1.65
N VAL B 343 -8.70 7.84 2.50
CA VAL B 343 -9.40 7.36 3.67
C VAL B 343 -10.74 8.03 3.74
N GLU B 344 -11.79 7.24 3.87
CA GLU B 344 -13.15 7.74 4.10
C GLU B 344 -13.36 7.99 5.57
N LEU B 345 -13.86 9.17 5.91
CA LEU B 345 -14.13 9.52 7.31
C LEU B 345 -15.61 9.64 7.50
N ILE B 346 -16.22 8.55 7.97
CA ILE B 346 -17.68 8.44 7.97
C ILE B 346 -18.26 9.27 9.12
N ARG B 347 -19.24 10.09 8.80
CA ARG B 347 -20.06 10.77 9.79
C ARG B 347 -21.54 10.35 9.75
N GLY B 348 -22.22 10.46 10.90
CA GLY B 348 -23.65 10.18 11.00
C GLY B 348 -23.95 8.80 11.55
N ARG B 349 -24.86 8.09 10.91
CA ARG B 349 -25.25 6.75 11.35
C ARG B 349 -24.25 5.69 10.90
N PRO B 350 -24.20 4.52 11.58
CA PRO B 350 -24.99 4.17 12.78
C PRO B 350 -24.43 4.71 14.11
N LYS B 351 -23.23 5.29 14.11
CA LYS B 351 -22.53 5.62 15.37
C LYS B 351 -22.94 6.94 16.08
N GLU B 352 -23.72 7.79 15.40
CA GLU B 352 -24.10 9.12 15.90
C GLU B 352 -25.57 9.35 15.61
N ASN B 353 -26.14 10.38 16.24
CA ASN B 353 -27.59 10.67 16.14
C ASN B 353 -28.03 11.67 15.07
N THR B 354 -28.18 11.14 13.87
CA THR B 354 -28.57 11.89 12.66
C THR B 354 -29.47 10.97 11.87
N ILE B 355 -30.18 11.52 10.89
CA ILE B 355 -30.95 10.66 9.98
C ILE B 355 -30.14 10.15 8.77
N TRP B 356 -28.88 10.58 8.65
CA TRP B 356 -28.08 10.39 7.42
C TRP B 356 -26.70 9.81 7.70
N THR B 357 -25.97 9.55 6.62
CA THR B 357 -24.62 9.03 6.70
C THR B 357 -23.80 9.54 5.52
N SER B 358 -22.73 10.27 5.80
CA SER B 358 -21.89 10.85 4.75
C SER B 358 -20.40 10.72 5.07
N GLY B 359 -19.59 10.57 4.02
CA GLY B 359 -18.10 10.57 4.15
C GLY B 359 -17.49 11.94 3.83
N SER B 360 -16.38 12.27 4.54
CA SER B 360 -15.41 13.30 4.11
C SER B 360 -14.25 12.47 3.54
N SER B 361 -13.22 13.06 2.98
CA SER B 361 -12.04 12.24 2.60
C SER B 361 -10.74 12.92 2.85
N ILE B 362 -9.71 12.11 3.10
CA ILE B 362 -8.29 12.54 3.07
C ILE B 362 -7.46 11.68 2.11
N SER B 363 -6.36 12.19 1.61
CA SER B 363 -5.43 11.28 0.91
C SER B 363 -3.99 11.64 1.15
N PHE B 364 -3.16 10.64 1.00
CA PHE B 364 -1.74 10.83 1.07
C PHE B 364 -1.07 10.12 -0.08
N CYS B 365 0.16 10.52 -0.35
CA CYS B 365 1.00 9.88 -1.38
C CYS B 365 2.35 9.54 -0.73
N GLY B 366 2.86 8.37 -1.04
CA GLY B 366 4.13 7.93 -0.50
C GLY B 366 5.31 8.65 -1.12
N VAL B 367 6.28 8.99 -0.30
CA VAL B 367 7.51 9.66 -0.75
C VAL B 367 8.70 9.02 -0.03
N ASN B 368 9.86 9.08 -0.67
CA ASN B 368 11.04 8.66 0.03
C ASN B 368 11.75 9.88 0.57
N SER B 369 11.12 10.49 1.58
CA SER B 369 11.58 11.75 2.19
C SER B 369 10.82 12.13 3.48
N ASP B 370 11.12 13.29 4.06
CA ASP B 370 10.63 13.59 5.40
C ASP B 370 9.14 13.67 5.49
N THR B 371 8.57 13.13 6.58
CA THR B 371 7.11 13.16 6.87
C THR B 371 6.85 13.10 8.37
N VAL B 372 5.58 13.20 8.78
CA VAL B 372 5.24 13.28 10.21
C VAL B 372 3.89 12.70 10.50
N GLY B 373 3.79 11.99 11.63
CA GLY B 373 2.49 11.57 12.13
C GLY B 373 1.60 12.73 12.59
N TRP B 374 0.32 12.64 12.28
CA TRP B 374 -0.67 13.56 12.87
C TRP B 374 -2.05 12.92 12.87
N SER B 375 -3.04 13.75 13.15
CA SER B 375 -4.42 13.44 12.98
C SER B 375 -5.10 14.49 12.08
N TRP B 376 -5.70 14.04 11.00
CA TRP B 376 -6.45 14.93 10.09
C TRP B 376 -7.92 14.46 10.01
N PRO B 377 -8.73 14.74 11.04
CA PRO B 377 -10.07 14.13 11.11
C PRO B 377 -11.12 14.94 10.34
N ASP B 378 -12.35 14.42 10.31
CA ASP B 378 -13.42 15.10 9.59
C ASP B 378 -13.63 16.52 10.09
N GLY B 379 -14.05 16.66 11.36
CA GLY B 379 -14.11 17.97 12.02
C GLY B 379 -15.46 18.65 11.93
N ALA B 380 -16.48 17.94 11.42
CA ALA B 380 -17.85 18.49 11.45
C ALA B 380 -18.44 18.33 12.84
N GLU B 381 -19.08 19.37 13.35
CA GLU B 381 -19.86 19.27 14.60
C GLU B 381 -21.26 18.73 14.33
N LEU B 382 -21.52 17.54 14.86
CA LEU B 382 -22.85 16.91 14.73
C LEU B 382 -23.70 17.04 16.03
N PRO B 383 -25.05 17.04 15.88
CA PRO B 383 -25.82 16.87 14.64
C PRO B 383 -26.05 18.15 13.86
N PHE B 384 -26.71 18.01 12.71
CA PHE B 384 -27.10 19.16 11.88
C PHE B 384 -28.58 19.50 12.09
N THR B 385 -28.94 20.71 11.62
CA THR B 385 -30.30 21.28 11.62
C THR B 385 -31.41 20.25 11.37
N ILE B 386 -31.16 19.36 10.41
CA ILE B 386 -32.17 18.42 9.89
C ILE B 386 -32.58 17.18 10.75
N GLN C 1 40.59 10.61 -2.54
CA GLN C 1 41.55 11.35 -3.43
C GLN C 1 41.38 12.86 -3.33
N ILE C 2 40.15 13.35 -3.10
CA ILE C 2 39.96 14.76 -2.68
C ILE C 2 40.34 14.95 -1.23
N VAL C 3 41.29 15.87 -0.97
CA VAL C 3 41.90 15.99 0.34
C VAL C 3 41.36 17.19 1.07
N LEU C 4 41.17 17.02 2.38
CA LEU C 4 40.68 18.06 3.26
C LEU C 4 41.68 18.35 4.38
N SER C 5 41.97 19.64 4.57
CA SER C 5 42.96 20.10 5.51
C SER C 5 42.30 21.09 6.42
N GLN C 6 42.22 20.73 7.69
CA GLN C 6 41.57 21.57 8.69
C GLN C 6 42.62 22.28 9.51
N SER C 7 42.39 23.57 9.78
CA SER C 7 43.30 24.35 10.59
C SER C 7 42.54 25.26 11.60
N PRO C 8 43.16 25.50 12.78
CA PRO C 8 44.34 24.77 13.27
C PRO C 8 43.96 23.35 13.73
N ALA C 9 44.98 22.55 14.07
CA ALA C 9 44.78 21.20 14.57
C ALA C 9 44.18 21.26 15.98
N ILE C 10 44.77 22.10 16.82
CA ILE C 10 44.25 22.36 18.16
C ILE C 10 43.96 23.84 18.29
N LEU C 11 42.94 24.17 19.07
CA LEU C 11 42.46 25.54 19.21
C LEU C 11 41.99 25.74 20.64
N SER C 12 42.59 26.71 21.32
CA SER C 12 42.28 27.02 22.70
C SER C 12 41.56 28.33 22.82
N ALA C 13 40.46 28.31 23.56
CA ALA C 13 39.65 29.49 23.66
C ALA C 13 39.06 29.65 25.04
N SER C 14 39.02 30.89 25.52
CA SER C 14 38.27 31.22 26.72
C SER C 14 36.76 31.18 26.46
N PRO C 15 35.96 30.78 27.46
CA PRO C 15 34.52 30.90 27.30
C PRO C 15 34.12 32.32 26.99
N GLY C 16 33.29 32.50 25.96
CA GLY C 16 32.85 33.81 25.56
C GLY C 16 33.55 34.31 24.32
N GLU C 17 34.74 33.79 24.02
CA GLU C 17 35.47 34.23 22.82
C GLU C 17 34.76 33.74 21.58
N LYS C 18 34.99 34.44 20.48
CA LYS C 18 34.55 33.99 19.18
C LYS C 18 35.67 33.14 18.61
N VAL C 19 35.32 32.04 17.95
CA VAL C 19 36.33 31.21 17.29
C VAL C 19 35.90 30.73 15.95
N THR C 20 36.89 30.57 15.07
CA THR C 20 36.66 30.07 13.74
C THR C 20 37.59 28.93 13.43
N MET C 21 37.08 27.86 12.82
CA MET C 21 37.93 26.78 12.31
C MET C 21 37.67 26.55 10.84
N THR C 22 38.74 26.21 10.13
CA THR C 22 38.74 26.27 8.67
C THR C 22 38.93 24.87 8.11
N CYS C 23 38.48 24.67 6.88
CA CYS C 23 38.56 23.39 6.17
C CYS C 23 38.81 23.70 4.71
N ARG C 24 39.99 23.38 4.19
CA ARG C 24 40.32 23.69 2.80
C ARG C 24 40.26 22.42 2.00
N THR C 25 39.96 22.53 0.71
CA THR C 25 39.96 21.37 -0.19
C THR C 25 40.98 21.47 -1.33
N SER C 26 41.60 20.33 -1.63
CA SER C 26 42.53 20.21 -2.75
C SER C 26 41.88 20.61 -4.07
N SER C 27 40.61 20.23 -4.28
CA SER C 27 39.80 20.81 -5.37
C SER C 27 38.34 21.11 -4.98
N SER C 28 37.65 21.80 -5.87
CA SER C 28 36.40 22.45 -5.53
C SER C 28 35.26 21.49 -5.18
N VAL C 29 34.44 21.88 -4.20
CA VAL C 29 33.18 21.17 -3.93
C VAL C 29 32.00 22.15 -3.81
N SER C 30 30.79 21.60 -3.98
CA SER C 30 29.55 22.38 -3.83
C SER C 30 29.29 22.78 -2.40
N TYR C 31 29.55 21.89 -1.44
CA TYR C 31 29.29 22.22 -0.04
C TYR C 31 30.01 21.29 0.90
N MET C 32 29.94 21.58 2.20
CA MET C 32 30.70 20.87 3.20
C MET C 32 29.75 20.46 4.34
N HIS C 33 29.96 19.25 4.85
CA HIS C 33 29.27 18.83 6.06
C HIS C 33 30.27 18.77 7.19
N TRP C 34 29.76 18.84 8.42
CA TRP C 34 30.60 18.78 9.60
C TRP C 34 29.97 17.91 10.66
N TYR C 35 30.85 17.30 11.49
CA TYR C 35 30.45 16.49 12.63
C TYR C 35 31.21 16.85 13.90
N GLN C 36 30.54 16.65 15.02
CA GLN C 36 31.11 16.88 16.35
C GLN C 36 31.33 15.54 17.06
N GLN C 37 32.55 15.28 17.51
CA GLN C 37 32.85 14.12 18.34
C GLN C 37 33.46 14.51 19.69
N LYS C 38 32.82 14.10 20.79
CA LYS C 38 33.46 14.06 22.12
C LYS C 38 34.02 12.64 22.35
N PRO C 39 35.08 12.50 23.18
CA PRO C 39 35.68 11.15 23.40
C PRO C 39 34.74 10.16 24.06
N GLY C 40 34.71 8.95 23.52
CA GLY C 40 33.83 7.88 24.02
C GLY C 40 32.42 7.84 23.42
N SER C 41 32.15 8.69 22.42
CA SER C 41 30.86 8.63 21.68
C SER C 41 31.01 8.88 20.16
N SER C 42 29.96 8.48 19.43
CA SER C 42 29.91 8.58 17.99
C SER C 42 29.91 10.03 17.58
N PRO C 43 30.40 10.31 16.37
CA PRO C 43 30.22 11.64 15.88
C PRO C 43 28.74 12.00 15.93
N LYS C 44 28.43 13.27 16.17
CA LYS C 44 27.10 13.78 15.91
C LYS C 44 27.08 14.61 14.64
N PRO C 45 26.07 14.40 13.79
CA PRO C 45 25.73 15.27 12.68
C PRO C 45 25.51 16.68 13.18
N TRP C 46 26.31 17.58 12.64
CA TRP C 46 26.39 18.92 13.21
C TRP C 46 25.91 19.95 12.21
N ILE C 47 26.41 19.87 10.98
CA ILE C 47 25.92 20.72 9.92
C ILE C 47 26.07 20.11 8.54
N TYR C 48 25.04 20.40 7.71
CA TYR C 48 24.97 19.93 6.36
C TYR C 48 24.90 21.02 5.30
N ALA C 49 25.45 20.68 4.13
CA ALA C 49 25.42 21.55 3.00
C ALA C 49 25.85 22.96 3.40
N THR C 50 26.99 23.02 4.09
CA THR C 50 27.73 24.23 4.42
C THR C 50 27.17 25.07 5.57
N SER C 51 25.86 25.32 5.59
CA SER C 51 25.28 26.27 6.55
C SER C 51 24.10 25.80 7.35
N ASN C 52 23.55 24.64 7.04
CA ASN C 52 22.35 24.17 7.72
C ASN C 52 22.64 23.45 9.00
N LEU C 53 22.10 23.97 10.13
CA LEU C 53 22.37 23.39 11.45
C LEU C 53 21.45 22.21 11.73
N ALA C 54 22.03 21.16 12.32
CA ALA C 54 21.28 19.94 12.71
C ALA C 54 20.45 20.21 13.95
N SER C 55 19.29 19.57 14.05
CA SER C 55 18.42 19.78 15.22
C SER C 55 19.19 19.62 16.50
N GLY C 56 19.08 20.61 17.37
CA GLY C 56 19.73 20.56 18.65
C GLY C 56 20.98 21.40 18.72
N VAL C 57 21.49 21.83 17.56
CA VAL C 57 22.67 22.64 17.55
C VAL C 57 22.24 24.06 17.84
N PRO C 58 22.95 24.72 18.77
CA PRO C 58 22.50 26.07 19.09
C PRO C 58 22.99 27.13 18.11
N PHE C 59 22.28 28.25 18.08
CA PHE C 59 22.56 29.34 17.15
C PHE C 59 23.98 29.90 17.20
N ARG C 60 24.75 29.62 18.27
CA ARG C 60 26.12 30.16 18.38
C ARG C 60 26.95 29.69 17.18
N PHE C 61 26.59 28.54 16.64
CA PHE C 61 27.27 27.94 15.52
C PHE C 61 26.77 28.49 14.23
N SER C 62 27.70 28.66 13.30
CA SER C 62 27.36 28.98 11.94
C SER C 62 28.48 28.49 11.00
N GLY C 63 28.10 28.20 9.77
CA GLY C 63 28.99 27.55 8.82
C GLY C 63 28.97 28.27 7.51
N SER C 64 30.14 28.39 6.90
CA SER C 64 30.23 29.16 5.66
C SER C 64 31.22 28.62 4.66
N GLY C 65 31.21 29.19 3.45
CA GLY C 65 32.25 28.96 2.46
C GLY C 65 31.71 28.51 1.10
N SER C 66 32.61 28.22 0.20
CA SER C 66 32.27 27.80 -1.16
C SER C 66 33.57 27.36 -1.83
N GLY C 67 33.52 27.01 -3.11
CA GLY C 67 34.70 26.51 -3.81
C GLY C 67 35.54 25.55 -2.97
N THR C 68 36.73 25.99 -2.62
CA THR C 68 37.72 25.19 -1.93
C THR C 68 37.96 25.67 -0.50
N SER C 69 37.14 26.60 0.01
CA SER C 69 37.35 27.10 1.38
C SER C 69 36.07 27.16 2.19
N TYR C 70 36.06 26.45 3.32
CA TYR C 70 34.88 26.46 4.20
C TYR C 70 35.27 26.67 5.64
N SER C 71 34.33 27.07 6.46
CA SER C 71 34.58 27.21 7.87
C SER C 71 33.36 27.02 8.75
N LEU C 72 33.64 26.83 10.03
CA LEU C 72 32.67 26.72 11.12
C LEU C 72 33.01 27.74 12.24
N THR C 73 32.06 28.56 12.62
CA THR C 73 32.30 29.62 13.60
C THR C 73 31.39 29.52 14.84
N ILE C 74 31.96 29.80 16.00
CA ILE C 74 31.20 29.84 17.27
C ILE C 74 31.23 31.23 17.86
N SER C 75 30.09 31.90 17.91
CA SER C 75 30.10 33.33 18.24
C SER C 75 30.59 33.59 19.67
N ARG C 76 30.14 32.74 20.60
CA ARG C 76 30.50 32.83 22.02
C ARG C 76 30.68 31.42 22.51
N VAL C 77 31.93 30.94 22.55
CA VAL C 77 32.18 29.53 22.90
C VAL C 77 31.87 29.26 24.34
N GLU C 78 31.31 28.08 24.58
CA GLU C 78 31.01 27.59 25.92
C GLU C 78 31.77 26.29 26.15
N ALA C 79 31.85 25.87 27.41
CA ALA C 79 32.70 24.75 27.76
C ALA C 79 32.24 23.40 27.16
N GLU C 80 30.93 23.21 27.08
CA GLU C 80 30.36 22.03 26.44
C GLU C 80 30.70 21.90 24.91
N ASP C 81 31.25 22.94 24.31
CA ASP C 81 31.57 22.97 22.90
C ASP C 81 32.91 22.29 22.65
N ALA C 82 33.68 22.11 23.70
CA ALA C 82 34.94 21.44 23.59
C ALA C 82 34.73 20.02 23.03
N ALA C 83 35.33 19.79 21.86
CA ALA C 83 35.23 18.54 21.17
C ALA C 83 36.13 18.62 19.96
N THR C 84 36.03 17.63 19.10
CA THR C 84 36.74 17.66 17.84
C THR C 84 35.71 17.81 16.75
N TYR C 85 35.97 18.71 15.82
CA TYR C 85 35.05 18.96 14.73
C TYR C 85 35.68 18.44 13.44
N TYR C 86 35.02 17.50 12.74
CA TYR C 86 35.49 16.97 11.46
C TYR C 86 34.71 17.48 10.31
N CYS C 87 35.36 17.89 9.22
CA CYS C 87 34.61 18.22 8.02
C CYS C 87 34.56 17.01 7.12
N GLN C 88 33.65 17.03 6.16
CA GLN C 88 33.45 15.90 5.23
C GLN C 88 32.75 16.32 3.95
N GLN C 89 33.16 15.73 2.84
CA GLN C 89 32.66 16.07 1.53
C GLN C 89 32.20 14.81 0.86
N TRP C 90 31.27 14.92 -0.07
CA TRP C 90 30.97 13.79 -0.97
C TRP C 90 30.60 14.30 -2.34
N ASN C 91 31.49 15.09 -2.93
CA ASN C 91 31.25 15.62 -4.27
C ASN C 91 31.60 14.57 -5.28
N SER C 92 32.56 13.72 -4.97
CA SER C 92 32.89 12.65 -5.86
C SER C 92 33.39 11.52 -5.04
N ASN C 93 33.26 10.32 -5.60
CA ASN C 93 33.76 9.14 -4.95
C ASN C 93 35.29 9.13 -4.90
N PRO C 94 35.85 8.71 -3.75
CA PRO C 94 35.18 8.35 -2.51
C PRO C 94 34.91 9.57 -1.62
N PRO C 95 34.02 9.44 -0.62
CA PRO C 95 33.84 10.51 0.35
C PRO C 95 35.02 10.58 1.27
N THR C 96 35.38 11.77 1.72
CA THR C 96 36.57 11.97 2.50
C THR C 96 36.27 12.91 3.63
N PHE C 97 37.06 12.77 4.70
CA PHE C 97 36.97 13.56 5.91
C PHE C 97 38.28 14.33 6.12
N GLY C 98 38.19 15.48 6.75
CA GLY C 98 39.40 16.19 7.18
C GLY C 98 40.00 15.53 8.40
N GLY C 99 41.11 16.09 8.86
CA GLY C 99 41.87 15.56 9.99
C GLY C 99 41.34 15.95 11.37
N GLY C 100 40.37 16.85 11.42
CA GLY C 100 39.78 17.28 12.69
C GLY C 100 40.45 18.53 13.23
N THR C 101 39.67 19.30 13.98
CA THR C 101 40.16 20.41 14.76
C THR C 101 39.68 20.15 16.16
N LYS C 102 40.60 20.07 17.12
CA LYS C 102 40.24 19.78 18.52
C LYS C 102 40.10 21.06 19.31
N LEU C 103 38.92 21.28 19.89
CA LEU C 103 38.65 22.53 20.62
C LEU C 103 38.81 22.32 22.11
N GLU C 104 39.67 23.17 22.70
CA GLU C 104 39.97 23.17 24.12
C GLU C 104 39.62 24.49 24.84
N ILE C 105 39.32 24.34 26.12
CA ILE C 105 38.97 25.47 26.94
C ILE C 105 40.22 25.97 27.65
N LYS C 106 40.44 27.30 27.60
CA LYS C 106 41.45 28.00 28.39
C LYS C 106 40.89 28.30 29.79
N ARG C 107 41.80 28.48 30.74
CA ARG C 107 41.46 28.78 32.14
C ARG C 107 42.70 29.17 32.94
N ALA C 108 42.46 29.63 34.17
CA ALA C 108 43.53 29.98 35.10
C ALA C 108 44.46 28.79 35.37
N ASP C 109 45.75 29.08 35.53
CA ASP C 109 46.70 28.06 35.95
C ASP C 109 46.35 27.42 37.29
N ALA C 110 46.71 26.14 37.40
CA ALA C 110 46.48 25.33 38.60
C ALA C 110 47.64 24.34 38.73
N ALA C 111 48.26 24.36 39.91
CA ALA C 111 49.33 23.43 40.22
C ALA C 111 48.73 22.07 40.50
N PRO C 112 49.55 21.03 40.41
CA PRO C 112 48.94 19.72 40.61
C PRO C 112 48.78 19.41 42.09
N THR C 113 47.91 18.48 42.39
CA THR C 113 47.78 17.92 43.71
C THR C 113 48.33 16.51 43.54
N VAL C 114 49.51 16.30 44.13
CA VAL C 114 50.30 15.10 43.95
C VAL C 114 50.04 14.11 45.10
N SER C 115 49.67 12.86 44.78
CA SER C 115 49.61 11.75 45.76
C SER C 115 50.48 10.57 45.35
N ILE C 116 51.11 9.91 46.33
CA ILE C 116 52.00 8.77 46.08
C ILE C 116 51.58 7.50 46.81
N PHE C 117 51.70 6.34 46.15
CA PHE C 117 51.12 5.08 46.65
C PHE C 117 52.05 3.89 46.49
N PRO C 118 52.39 3.21 47.60
CA PRO C 118 53.24 2.04 47.54
C PRO C 118 52.57 0.84 46.95
N PRO C 119 53.38 -0.19 46.69
CA PRO C 119 52.82 -1.44 46.23
C PRO C 119 51.81 -1.98 47.25
N SER C 120 50.68 -2.50 46.76
CA SER C 120 49.74 -3.22 47.63
C SER C 120 50.36 -4.51 48.15
N SER C 121 49.81 -5.06 49.23
CA SER C 121 50.27 -6.35 49.77
C SER C 121 50.00 -7.46 48.79
N GLU C 122 48.88 -7.33 48.10
CA GLU C 122 48.36 -8.40 47.27
C GLU C 122 49.31 -8.63 46.07
N GLN C 123 49.83 -7.52 45.55
CA GLN C 123 50.77 -7.54 44.43
C GLN C 123 52.16 -8.02 44.83
N LEU C 124 52.58 -7.62 46.02
CA LEU C 124 53.86 -8.04 46.56
C LEU C 124 53.96 -9.55 46.69
N THR C 125 52.89 -10.16 47.20
CA THR C 125 52.89 -11.60 47.45
C THR C 125 53.02 -12.39 46.14
N SER C 126 52.65 -11.76 45.02
CA SER C 126 52.83 -12.39 43.71
C SER C 126 54.13 -12.02 42.98
N GLY C 127 55.05 -11.35 43.70
CA GLY C 127 56.38 -10.99 43.14
C GLY C 127 56.51 -9.66 42.38
N GLY C 128 55.48 -8.82 42.38
CA GLY C 128 55.55 -7.53 41.67
C GLY C 128 55.68 -6.37 42.65
N ALA C 129 56.15 -5.21 42.17
CA ALA C 129 56.19 -3.95 42.97
C ALA C 129 55.97 -2.68 42.12
N SER C 130 54.76 -2.12 42.23
CA SER C 130 54.40 -0.93 41.49
C SER C 130 54.15 0.23 42.44
N VAL C 131 54.67 1.40 42.06
CA VAL C 131 54.56 2.62 42.86
C VAL C 131 53.84 3.62 42.01
N VAL C 132 52.80 4.21 42.56
CA VAL C 132 51.93 5.08 41.76
C VAL C 132 51.95 6.50 42.29
N CYS C 133 51.82 7.43 41.36
CA CYS C 133 51.79 8.84 41.63
C CYS C 133 50.72 9.44 40.77
N PHE C 134 49.81 10.20 41.40
CA PHE C 134 48.80 10.95 40.68
C PHE C 134 49.10 12.44 40.83
N LEU C 135 49.11 13.13 39.72
CA LEU C 135 49.28 14.54 39.65
C LEU C 135 47.96 15.00 39.05
N ASN C 136 47.08 15.46 39.92
CA ASN C 136 45.70 15.77 39.57
C ASN C 136 45.35 17.25 39.55
N ASN C 137 44.43 17.59 38.64
CA ASN C 137 43.78 18.89 38.60
C ASN C 137 44.71 20.07 38.33
N PHE C 138 45.48 20.01 37.24
CA PHE C 138 46.42 21.10 36.96
C PHE C 138 46.16 21.75 35.62
N TYR C 139 46.66 22.96 35.47
CA TYR C 139 46.59 23.65 34.19
C TYR C 139 47.83 24.53 34.08
N PRO C 140 48.46 24.64 32.90
CA PRO C 140 48.14 24.01 31.62
C PRO C 140 48.58 22.55 31.63
N LYS C 141 48.59 21.91 30.47
CA LYS C 141 48.70 20.47 30.44
C LYS C 141 50.15 20.01 30.48
N ASP C 142 51.08 20.85 30.05
CA ASP C 142 52.51 20.47 30.12
C ASP C 142 52.97 20.18 31.56
N ILE C 143 53.43 18.94 31.77
CA ILE C 143 53.90 18.52 33.08
C ILE C 143 54.90 17.40 32.95
N ASN C 144 55.85 17.38 33.87
CA ASN C 144 56.94 16.44 33.82
C ASN C 144 57.12 15.71 35.16
N VAL C 145 57.21 14.38 35.10
CA VAL C 145 57.43 13.58 36.30
C VAL C 145 58.79 12.94 36.27
N LYS C 146 59.50 13.09 37.39
CA LYS C 146 60.78 12.42 37.67
C LYS C 146 60.67 11.40 38.86
N TRP C 147 61.07 10.15 38.65
CA TRP C 147 61.10 9.17 39.72
C TRP C 147 62.49 9.11 40.29
N LYS C 148 62.56 8.86 41.59
CA LYS C 148 63.83 8.68 42.28
C LYS C 148 63.73 7.55 43.30
N ILE C 149 64.78 6.73 43.32
CA ILE C 149 64.92 5.61 44.26
C ILE C 149 66.20 5.86 45.04
N ASP C 150 66.08 6.03 46.36
CA ASP C 150 67.23 6.42 47.17
C ASP C 150 67.99 7.58 46.50
N GLY C 151 67.25 8.47 45.87
CA GLY C 151 67.83 9.68 45.32
C GLY C 151 68.32 9.65 43.88
N SER C 152 68.55 8.46 43.31
CA SER C 152 68.89 8.27 41.86
C SER C 152 67.69 8.31 40.90
N GLU C 153 67.72 9.22 39.91
CA GLU C 153 66.69 9.24 38.86
C GLU C 153 66.55 7.81 38.36
N ARG C 154 65.33 7.44 38.01
CA ARG C 154 65.03 6.10 37.55
C ARG C 154 64.04 6.22 36.41
N GLN C 155 64.45 5.71 35.25
CA GLN C 155 63.71 5.93 34.00
C GLN C 155 62.94 4.69 33.47
N ASN C 156 63.55 3.52 33.58
CA ASN C 156 62.94 2.25 33.15
C ASN C 156 61.85 1.76 34.08
N GLY C 157 60.81 1.17 33.50
CA GLY C 157 59.69 0.62 34.25
C GLY C 157 58.62 1.64 34.62
N VAL C 158 58.54 2.72 33.85
CA VAL C 158 57.55 3.79 34.05
C VAL C 158 56.52 3.85 32.91
N LEU C 159 55.25 3.99 33.29
CA LEU C 159 54.16 4.13 32.36
C LEU C 159 53.36 5.34 32.78
N ASN C 160 53.13 6.25 31.84
CA ASN C 160 52.30 7.44 32.09
C ASN C 160 51.01 7.51 31.28
N SER C 161 49.96 8.03 31.91
CA SER C 161 48.68 8.24 31.27
C SER C 161 48.11 9.59 31.68
N TRP C 162 47.62 10.36 30.70
CA TRP C 162 47.07 11.71 30.91
C TRP C 162 45.60 11.70 30.60
N THR C 163 44.80 12.43 31.36
CA THR C 163 43.37 12.49 31.05
C THR C 163 43.06 13.60 30.08
N ASP C 164 41.88 13.47 29.47
CA ASP C 164 41.26 14.52 28.69
C ASP C 164 41.02 15.68 29.62
N GLN C 165 40.88 16.85 29.02
CA GLN C 165 40.43 18.00 29.78
C GLN C 165 39.13 17.65 30.49
N ASP C 166 39.06 17.93 31.78
CA ASP C 166 37.86 17.61 32.57
C ASP C 166 36.70 18.54 32.16
N SER C 167 35.45 18.10 32.31
CA SER C 167 34.27 18.90 31.90
C SER C 167 33.76 19.88 32.92
N LYS C 168 33.86 19.53 34.21
CA LYS C 168 33.42 20.42 35.29
C LYS C 168 34.36 21.63 35.38
N ASP C 169 35.66 21.37 35.50
CA ASP C 169 36.60 22.42 35.89
C ASP C 169 37.77 22.65 34.92
N SER C 170 37.79 21.95 33.79
CA SER C 170 38.73 22.23 32.70
C SER C 170 40.21 21.85 32.97
N THR C 171 40.47 21.15 34.08
CA THR C 171 41.84 20.78 34.40
C THR C 171 42.26 19.47 33.73
N TYR C 172 43.54 19.16 33.89
CA TYR C 172 44.10 17.89 33.45
C TYR C 172 44.64 17.14 34.65
N SER C 173 44.74 15.82 34.46
CA SER C 173 45.35 14.93 35.44
C SER C 173 46.28 13.96 34.75
N MET C 174 47.22 13.41 35.52
CA MET C 174 48.19 12.46 34.99
C MET C 174 48.39 11.33 36.01
N SER C 175 48.85 10.18 35.52
CA SER C 175 49.17 9.03 36.38
C SER C 175 50.48 8.36 35.94
N SER C 176 51.36 8.10 36.91
CA SER C 176 52.67 7.54 36.65
C SER C 176 52.94 6.34 37.56
N THR C 177 53.44 5.27 36.95
CA THR C 177 53.53 3.99 37.62
C THR C 177 54.90 3.36 37.40
N LEU C 178 55.71 3.44 38.46
CA LEU C 178 57.01 2.85 38.45
C LEU C 178 56.84 1.43 38.94
N THR C 179 57.22 0.48 38.08
CA THR C 179 56.96 -0.92 38.30
C THR C 179 58.33 -1.64 38.36
N LEU C 180 58.54 -2.43 39.39
CA LEU C 180 59.79 -3.15 39.63
C LEU C 180 59.52 -4.57 40.05
N THR C 181 60.60 -5.31 40.27
CA THR C 181 60.49 -6.62 40.89
C THR C 181 60.41 -6.43 42.40
N LYS C 182 59.72 -7.34 43.09
CA LYS C 182 59.72 -7.38 44.55
C LYS C 182 61.13 -7.35 45.12
N ASP C 183 62.06 -8.08 44.48
CA ASP C 183 63.45 -8.16 44.97
C ASP C 183 64.16 -6.83 44.94
N GLU C 184 63.97 -6.10 43.85
CA GLU C 184 64.67 -4.83 43.66
C GLU C 184 64.01 -3.73 44.48
N TYR C 185 62.72 -3.86 44.74
CA TYR C 185 62.03 -2.93 45.64
C TYR C 185 62.53 -3.01 47.07
N GLU C 186 62.91 -4.21 47.48
CA GLU C 186 63.22 -4.41 48.87
C GLU C 186 64.66 -4.08 49.17
N ARG C 187 65.46 -3.81 48.14
CA ARG C 187 66.84 -3.41 48.34
C ARG C 187 67.02 -1.93 48.64
N HIS C 188 65.92 -1.18 48.77
CA HIS C 188 65.98 0.29 48.84
C HIS C 188 64.99 0.89 49.83
N ASN C 189 65.40 1.98 50.45
CA ASN C 189 64.58 2.67 51.43
C ASN C 189 63.53 3.62 50.82
N SER C 190 63.98 4.63 50.07
CA SER C 190 63.11 5.76 49.74
C SER C 190 62.65 5.80 48.26
N TYR C 191 61.37 6.07 48.09
CA TYR C 191 60.75 6.21 46.78
C TYR C 191 60.15 7.63 46.70
N THR C 192 60.42 8.33 45.59
CA THR C 192 60.04 9.74 45.45
C THR C 192 59.49 10.05 44.05
N CYS C 193 58.46 10.91 44.00
CA CYS C 193 57.92 11.52 42.75
C CYS C 193 58.26 12.98 42.68
N GLU C 194 58.67 13.44 41.51
CA GLU C 194 59.05 14.83 41.37
C GLU C 194 58.30 15.47 40.19
N ALA C 195 57.25 16.21 40.55
CA ALA C 195 56.43 16.98 39.61
C ALA C 195 57.02 18.34 39.24
N THR C 196 57.30 18.55 37.94
CA THR C 196 57.73 19.88 37.45
C THR C 196 56.65 20.50 36.56
N HIS C 197 56.31 21.76 36.88
CA HIS C 197 55.18 22.49 36.25
C HIS C 197 55.33 24.02 36.36
N LYS C 198 55.00 24.71 35.28
CA LYS C 198 55.31 26.13 35.15
C LYS C 198 54.86 26.98 36.32
N THR C 199 53.77 26.55 36.99
CA THR C 199 53.22 27.19 38.20
C THR C 199 54.13 27.31 39.42
N SER C 200 55.26 26.59 39.41
CA SER C 200 56.25 26.62 40.49
C SER C 200 57.67 26.44 39.88
N THR C 201 58.66 27.13 40.44
CA THR C 201 60.08 26.96 39.99
C THR C 201 60.78 25.77 40.68
N SER C 202 60.31 25.43 41.88
CA SER C 202 60.69 24.20 42.56
C SER C 202 59.73 23.09 42.24
N PRO C 203 60.23 21.88 42.12
CA PRO C 203 59.36 20.76 41.84
C PRO C 203 58.45 20.44 43.02
N ILE C 204 57.24 19.96 42.76
CA ILE C 204 56.38 19.49 43.84
C ILE C 204 56.78 18.06 44.12
N VAL C 205 57.08 17.75 45.39
CA VAL C 205 57.69 16.47 45.76
C VAL C 205 56.83 15.62 46.72
N LYS C 206 56.79 14.32 46.46
CA LYS C 206 56.12 13.37 47.34
C LYS C 206 56.95 12.11 47.45
N SER C 207 57.09 11.65 48.70
CA SER C 207 58.03 10.60 49.03
C SER C 207 57.53 9.74 50.16
N PHE C 208 58.04 8.52 50.23
CA PHE C 208 57.83 7.62 51.37
C PHE C 208 59.07 6.69 51.46
N ASN C 209 59.30 6.15 52.66
CA ASN C 209 60.37 5.15 52.88
C ASN C 209 59.69 3.83 53.27
N ARG C 210 60.31 2.68 53.04
CA ARG C 210 59.56 1.43 53.22
C ARG C 210 59.20 1.10 54.68
N ASN C 211 60.10 1.40 55.61
CA ASN C 211 59.86 1.16 57.04
C ASN C 211 58.85 2.16 57.67
N GLU C 212 57.67 1.66 58.00
CA GLU C 212 56.65 2.41 58.75
C GLU C 212 55.39 1.53 58.89
N GLN D 1 12.08 6.73 17.26
CA GLN D 1 13.53 7.07 17.15
C GLN D 1 14.23 6.13 16.16
N VAL D 2 15.03 6.71 15.27
CA VAL D 2 15.86 5.95 14.36
C VAL D 2 17.04 5.43 15.16
N LYS D 3 17.35 4.13 15.05
CA LYS D 3 18.51 3.57 15.75
C LYS D 3 19.29 2.56 14.93
N LEU D 4 20.59 2.53 15.14
CA LEU D 4 21.43 1.54 14.51
C LEU D 4 22.28 0.84 15.54
N GLN D 5 21.95 -0.40 15.82
CA GLN D 5 22.69 -1.17 16.83
C GLN D 5 23.58 -2.13 16.07
N GLU D 6 24.88 -1.89 16.07
CA GLU D 6 25.78 -2.85 15.43
C GLU D 6 26.30 -3.87 16.44
N SER D 7 26.77 -5.00 15.93
CA SER D 7 27.34 -6.08 16.74
C SER D 7 28.33 -6.89 15.90
N GLY D 8 29.04 -7.80 16.56
CA GLY D 8 29.99 -8.69 15.85
C GLY D 8 31.46 -8.45 16.13
N GLY D 9 31.75 -7.32 16.77
CA GLY D 9 33.10 -6.90 16.99
C GLY D 9 33.78 -7.86 17.92
N GLY D 10 35.03 -7.59 18.25
CA GLY D 10 35.85 -8.54 18.96
C GLY D 10 37.30 -8.58 18.59
N LEU D 11 37.97 -9.50 19.25
CA LEU D 11 39.37 -9.74 19.02
C LEU D 11 39.57 -10.88 18.04
N VAL D 12 40.51 -10.73 17.13
CA VAL D 12 40.75 -11.73 16.09
C VAL D 12 42.16 -11.57 15.59
N GLN D 13 42.76 -12.67 15.12
CA GLN D 13 44.18 -12.66 14.70
C GLN D 13 44.36 -12.10 13.32
N PRO D 14 45.53 -11.47 13.08
CA PRO D 14 45.89 -11.11 11.69
C PRO D 14 45.65 -12.26 10.71
N LYS D 15 45.16 -11.93 9.52
CA LYS D 15 44.73 -12.88 8.48
C LYS D 15 43.32 -13.43 8.71
N GLY D 16 42.72 -13.10 9.86
CA GLY D 16 41.45 -13.67 10.27
C GLY D 16 40.28 -13.08 9.54
N SER D 17 39.10 -13.62 9.86
CA SER D 17 37.84 -13.17 9.31
C SER D 17 36.90 -12.66 10.41
N LEU D 18 36.04 -11.69 10.08
CA LEU D 18 34.96 -11.27 11.00
C LEU D 18 33.74 -10.76 10.25
N LYS D 19 32.56 -11.05 10.81
CA LYS D 19 31.31 -10.58 10.22
C LYS D 19 30.54 -9.67 11.16
N LEU D 20 30.68 -8.38 10.88
CA LEU D 20 29.97 -7.36 11.60
C LEU D 20 28.54 -7.25 11.05
N SER D 21 27.59 -7.03 11.94
CA SER D 21 26.21 -6.85 11.55
C SER D 21 25.66 -5.53 12.14
N CYS D 22 24.55 -5.04 11.58
CA CYS D 22 23.87 -3.87 12.14
C CYS D 22 22.37 -4.05 11.96
N ALA D 23 21.64 -3.94 13.07
CA ALA D 23 20.18 -3.96 13.08
C ALA D 23 19.67 -2.52 13.06
N ALA D 24 18.85 -2.19 12.04
CA ALA D 24 18.25 -0.84 11.97
C ALA D 24 16.79 -0.84 12.39
N SER D 25 16.36 0.24 13.00
CA SER D 25 14.92 0.42 13.34
C SER D 25 14.52 1.90 13.34
N GLY D 26 13.22 2.16 13.26
CA GLY D 26 12.72 3.51 13.25
C GLY D 26 12.51 4.09 11.87
N PHE D 27 12.99 3.42 10.82
CA PHE D 27 12.74 3.87 9.46
C PHE D 27 12.57 2.70 8.51
N THR D 28 12.24 3.02 7.27
CA THR D 28 12.21 2.04 6.21
C THR D 28 13.61 1.76 5.61
N PHE D 29 14.32 0.84 6.24
CA PHE D 29 15.67 0.46 5.84
C PHE D 29 15.82 0.21 4.33
N ASN D 30 14.76 -0.33 3.73
CA ASN D 30 14.82 -0.76 2.32
C ASN D 30 14.93 0.38 1.31
N THR D 31 14.55 1.60 1.74
CA THR D 31 14.56 2.77 0.89
C THR D 31 15.88 3.52 0.86
N TYR D 32 16.84 3.11 1.71
CA TYR D 32 18.07 3.88 2.01
C TYR D 32 19.33 3.17 1.51
N ALA D 33 20.29 3.90 0.98
CA ALA D 33 21.65 3.35 0.89
C ALA D 33 22.18 3.26 2.33
N MET D 34 23.19 2.42 2.60
CA MET D 34 23.83 2.38 3.92
C MET D 34 25.34 2.30 3.84
N ASN D 35 25.98 2.69 4.94
CA ASN D 35 27.41 2.90 5.00
C ASN D 35 28.07 2.34 6.26
N TRP D 36 29.32 1.93 6.11
CA TRP D 36 30.19 1.69 7.25
C TRP D 36 31.30 2.71 7.20
N VAL D 37 31.50 3.36 8.33
CA VAL D 37 32.63 4.26 8.52
C VAL D 37 33.33 3.82 9.78
N ARG D 38 34.66 3.93 9.79
CA ARG D 38 35.45 3.47 10.92
C ARG D 38 36.45 4.50 11.49
N GLN D 39 37.04 4.15 12.63
CA GLN D 39 37.90 5.05 13.38
C GLN D 39 38.87 4.26 14.23
N ALA D 40 40.14 4.34 13.80
CA ALA D 40 41.24 3.73 14.52
C ALA D 40 41.37 4.43 15.88
N PRO D 41 41.81 3.72 16.92
CA PRO D 41 42.02 4.45 18.19
C PRO D 41 42.89 5.72 18.04
N GLY D 42 42.36 6.84 18.57
CA GLY D 42 42.97 8.16 18.55
C GLY D 42 43.05 8.89 17.20
N LYS D 43 42.56 8.28 16.12
CA LYS D 43 42.99 8.68 14.78
C LYS D 43 42.00 9.33 13.80
N GLY D 44 40.73 9.47 14.15
CA GLY D 44 39.87 10.10 13.11
C GLY D 44 39.11 9.14 12.19
N LEU D 45 38.41 9.67 11.19
CA LEU D 45 37.33 8.92 10.51
C LEU D 45 37.69 8.50 9.06
N GLU D 46 37.22 7.31 8.68
CA GLU D 46 37.51 6.76 7.34
C GLU D 46 36.33 5.96 6.87
N TRP D 47 35.74 6.41 5.77
CA TRP D 47 34.70 5.66 5.10
C TRP D 47 35.30 4.39 4.58
N VAL D 48 34.54 3.31 4.68
CA VAL D 48 35.00 2.01 4.19
C VAL D 48 34.16 1.43 3.06
N ALA D 49 32.83 1.49 3.20
CA ALA D 49 31.94 0.89 2.22
C ALA D 49 30.53 1.44 2.19
N ARG D 50 29.90 1.26 1.02
CA ARG D 50 28.56 1.75 0.72
C ARG D 50 27.86 0.66 -0.09
N ILE D 51 26.63 0.35 0.28
CA ILE D 51 25.75 -0.49 -0.54
C ILE D 51 24.50 0.32 -0.82
N ARG D 52 23.93 0.13 -2.00
CA ARG D 52 22.74 0.90 -2.36
C ARG D 52 21.42 0.16 -2.15
N SER D 53 20.32 0.86 -2.41
CA SER D 53 18.98 0.29 -2.29
C SER D 53 18.69 -0.70 -3.40
N LYS D 54 17.65 -1.48 -3.18
CA LYS D 54 17.14 -2.41 -4.17
C LYS D 54 16.91 -1.71 -5.46
N SER D 55 16.28 -0.54 -5.37
CA SER D 55 15.92 0.20 -6.58
C SER D 55 17.12 0.77 -7.34
N ASN D 56 18.31 0.69 -6.75
CA ASN D 56 19.57 0.87 -7.53
C ASN D 56 20.44 -0.38 -7.62
N ASN D 57 19.81 -1.54 -7.51
CA ASN D 57 20.49 -2.83 -7.71
C ASN D 57 21.60 -3.11 -6.74
N TYR D 58 21.43 -2.68 -5.51
CA TYR D 58 22.29 -3.15 -4.45
C TYR D 58 23.77 -2.95 -4.83
N ALA D 59 24.07 -1.87 -5.52
CA ALA D 59 25.43 -1.62 -6.00
C ALA D 59 26.34 -1.32 -4.83
N THR D 60 27.57 -1.83 -4.89
CA THR D 60 28.51 -1.79 -3.80
C THR D 60 29.73 -0.98 -4.16
N PHE D 61 30.25 -0.25 -3.18
CA PHE D 61 31.44 0.61 -3.34
C PHE D 61 32.34 0.46 -2.12
N TYR D 62 33.65 0.54 -2.35
CA TYR D 62 34.65 0.27 -1.32
C TYR D 62 35.82 1.25 -1.30
N ALA D 63 36.33 1.53 -0.12
CA ALA D 63 37.57 2.30 0.00
C ALA D 63 38.72 1.44 -0.53
N ASP D 64 39.68 2.01 -1.24
CA ASP D 64 40.88 1.26 -1.66
C ASP D 64 41.55 0.47 -0.52
N SER D 65 41.65 1.06 0.66
CA SER D 65 42.35 0.42 1.79
C SER D 65 41.73 -0.94 2.20
N VAL D 66 40.52 -1.21 1.68
CA VAL D 66 39.67 -2.33 2.05
C VAL D 66 39.23 -3.22 0.84
N LYS D 67 39.26 -2.64 -0.34
CA LYS D 67 39.05 -3.33 -1.62
C LYS D 67 39.68 -4.74 -1.67
N ASP D 68 38.89 -5.74 -2.12
CA ASP D 68 39.28 -7.19 -2.17
C ASP D 68 39.39 -7.95 -0.83
N ARG D 69 39.02 -7.33 0.27
CA ARG D 69 39.11 -8.02 1.56
C ARG D 69 37.76 -7.99 2.29
N PHE D 70 36.99 -6.90 2.13
CA PHE D 70 35.74 -6.67 2.86
C PHE D 70 34.54 -6.81 1.88
N THR D 71 33.40 -7.32 2.32
CA THR D 71 32.25 -7.36 1.42
C THR D 71 31.08 -6.80 2.21
N ILE D 72 30.29 -5.95 1.55
CA ILE D 72 29.19 -5.33 2.21
C ILE D 72 27.92 -5.97 1.68
N SER D 73 26.92 -6.09 2.54
CA SER D 73 25.65 -6.68 2.08
C SER D 73 24.48 -6.32 3.00
N ARG D 74 23.26 -6.60 2.53
CA ARG D 74 22.04 -6.34 3.30
C ARG D 74 20.94 -7.42 3.17
N ASP D 75 20.10 -7.53 4.21
CA ASP D 75 18.89 -8.33 4.20
C ASP D 75 17.75 -7.39 4.65
N ASP D 76 17.04 -6.88 3.66
CA ASP D 76 16.02 -5.90 3.87
C ASP D 76 14.89 -6.46 4.75
N SER D 77 14.53 -7.73 4.51
CA SER D 77 13.41 -8.33 5.25
C SER D 77 13.68 -8.43 6.76
N GLN D 78 14.93 -8.37 7.15
CA GLN D 78 15.33 -8.30 8.56
C GLN D 78 15.98 -6.97 8.98
N SER D 79 15.98 -5.96 8.12
CA SER D 79 16.57 -4.66 8.48
C SER D 79 18.05 -4.76 8.92
N MET D 80 18.85 -5.61 8.25
CA MET D 80 20.23 -5.85 8.65
C MET D 80 21.17 -5.38 7.58
N LEU D 81 22.31 -4.83 8.04
CA LEU D 81 23.43 -4.52 7.19
C LEU D 81 24.58 -5.32 7.69
N TYR D 82 25.46 -5.69 6.77
CA TYR D 82 26.56 -6.59 7.08
C TYR D 82 27.83 -6.08 6.47
N LEU D 83 28.91 -6.38 7.18
CA LEU D 83 30.25 -6.23 6.66
C LEU D 83 31.06 -7.50 7.01
N GLN D 84 31.39 -8.28 5.98
CA GLN D 84 32.29 -9.41 6.10
C GLN D 84 33.71 -8.95 5.87
N MET D 85 34.57 -9.22 6.83
CA MET D 85 35.96 -8.83 6.72
C MET D 85 36.81 -10.08 6.63
N HIS D 86 37.69 -10.10 5.63
CA HIS D 86 38.64 -11.18 5.44
C HIS D 86 40.06 -10.61 5.38
N ASN D 87 41.02 -11.50 5.62
CA ASN D 87 42.43 -11.14 5.61
C ASN D 87 42.75 -9.89 6.47
N LEU D 88 42.26 -9.91 7.71
CA LEU D 88 42.40 -8.74 8.58
C LEU D 88 43.87 -8.40 8.81
N LYS D 89 44.12 -7.11 8.98
CA LYS D 89 45.44 -6.62 9.32
C LYS D 89 45.36 -5.80 10.61
N THR D 90 46.48 -5.59 11.27
CA THR D 90 46.49 -4.77 12.48
C THR D 90 45.97 -3.35 12.23
N ASP D 91 46.19 -2.83 11.03
CA ASP D 91 45.60 -1.53 10.65
C ASP D 91 44.07 -1.47 10.70
N ASP D 92 43.41 -2.58 10.40
CA ASP D 92 41.97 -2.57 10.39
C ASP D 92 41.38 -2.48 11.80
N THR D 93 42.22 -2.51 12.82
CA THR D 93 41.74 -2.34 14.19
C THR D 93 41.09 -1.02 14.31
N ALA D 94 39.88 -0.99 14.86
CA ALA D 94 39.10 0.24 14.81
C ALA D 94 37.73 0.09 15.39
N MET D 95 37.08 1.23 15.61
CA MET D 95 35.71 1.27 16.05
C MET D 95 34.93 1.34 14.75
N TYR D 96 34.00 0.40 14.53
CA TYR D 96 33.23 0.36 13.27
C TYR D 96 31.79 0.87 13.46
N TYR D 97 31.38 1.84 12.63
CA TYR D 97 30.06 2.49 12.74
C TYR D 97 29.09 2.13 11.61
N CYS D 98 27.85 1.87 11.98
CA CYS D 98 26.78 1.72 11.00
C CYS D 98 26.23 3.10 10.75
N VAL D 99 26.03 3.46 9.48
CA VAL D 99 25.79 4.87 9.14
C VAL D 99 24.79 5.04 8.00
N ARG D 100 23.68 5.69 8.30
CA ARG D 100 22.69 6.02 7.29
C ARG D 100 23.06 7.36 6.66
N PRO D 101 22.89 7.49 5.34
CA PRO D 101 23.09 8.77 4.73
C PRO D 101 21.78 9.50 4.54
N SER D 102 21.85 10.83 4.51
CA SER D 102 20.72 11.69 4.24
C SER D 102 20.08 11.43 2.86
N ILE D 103 18.76 11.36 2.88
CA ILE D 103 17.97 11.29 1.67
C ILE D 103 17.89 12.64 0.94
N TYR D 104 18.39 13.70 1.56
CA TYR D 104 18.36 15.05 0.97
C TYR D 104 19.23 15.18 -0.29
N TYR D 105 18.59 15.56 -1.39
CA TYR D 105 19.28 15.76 -2.67
C TYR D 105 20.33 16.90 -2.57
N TYR D 106 19.95 17.93 -1.79
CA TYR D 106 20.71 19.15 -1.58
C TYR D 106 21.79 19.01 -0.50
N ALA D 107 22.02 17.80 0.00
CA ALA D 107 23.09 17.49 0.94
C ALA D 107 23.58 16.06 0.76
N SER D 108 23.77 15.68 -0.50
CA SER D 108 24.41 14.42 -0.79
C SER D 108 25.65 14.20 0.08
N GLY D 109 25.61 13.10 0.81
CA GLY D 109 26.76 12.61 1.57
C GLY D 109 26.69 12.86 3.04
N TYR D 110 25.80 13.74 3.47
CA TYR D 110 25.58 13.99 4.87
C TYR D 110 25.19 12.68 5.51
N LEU D 111 25.87 12.29 6.57
CA LEU D 111 25.58 11.06 7.25
C LEU D 111 24.73 11.39 8.49
N ASP D 112 23.43 11.17 8.40
CA ASP D 112 22.48 11.77 9.34
C ASP D 112 22.22 10.94 10.58
N VAL D 113 22.54 9.66 10.53
CA VAL D 113 22.45 8.78 11.69
C VAL D 113 23.67 7.87 11.82
N TRP D 114 24.24 7.85 13.03
CA TRP D 114 25.33 6.95 13.41
C TRP D 114 24.89 6.00 14.54
N GLY D 115 25.40 4.77 14.54
CA GLY D 115 25.22 3.87 15.67
C GLY D 115 26.30 4.11 16.72
N ALA D 116 26.16 3.47 17.88
CA ALA D 116 27.20 3.61 18.90
C ALA D 116 28.47 3.00 18.37
N GLY D 117 28.36 2.00 17.51
CA GLY D 117 29.52 1.27 17.03
C GLY D 117 29.87 -0.03 17.73
N THR D 118 30.73 -0.80 17.06
CA THR D 118 31.24 -2.03 17.58
C THR D 118 32.76 -2.05 17.39
N THR D 119 33.45 -2.53 18.42
CA THR D 119 34.91 -2.51 18.46
C THR D 119 35.57 -3.74 17.83
N VAL D 120 36.57 -3.49 16.99
CA VAL D 120 37.35 -4.54 16.37
C VAL D 120 38.81 -4.34 16.75
N THR D 121 39.39 -5.40 17.33
CA THR D 121 40.84 -5.44 17.64
C THR D 121 41.55 -6.56 16.85
N VAL D 122 42.53 -6.21 16.03
CA VAL D 122 43.28 -7.21 15.27
C VAL D 122 44.68 -7.37 15.87
N SER D 123 44.89 -8.50 16.56
CA SER D 123 46.15 -8.76 17.25
C SER D 123 46.44 -10.25 17.48
N SER D 124 47.73 -10.59 17.51
CA SER D 124 48.20 -11.95 17.82
C SER D 124 48.46 -12.15 19.32
N ALA D 125 48.42 -11.05 20.07
CA ALA D 125 48.41 -11.10 21.53
C ALA D 125 47.17 -11.85 21.96
N LYS D 126 47.21 -12.45 23.14
CA LYS D 126 46.05 -13.24 23.57
C LYS D 126 45.38 -12.73 24.85
N THR D 127 44.12 -13.15 24.98
CA THR D 127 43.20 -12.68 26.01
C THR D 127 43.73 -12.98 27.40
N THR D 128 44.11 -11.96 28.16
CA THR D 128 44.60 -12.16 29.52
C THR D 128 43.74 -11.41 30.53
N ALA D 129 43.61 -11.98 31.73
CA ALA D 129 42.82 -11.37 32.80
C ALA D 129 43.65 -10.38 33.64
N PRO D 130 42.99 -9.31 34.16
CA PRO D 130 43.70 -8.31 34.94
C PRO D 130 43.99 -8.75 36.38
N SER D 131 44.69 -7.87 37.08
CA SER D 131 44.91 -7.94 38.53
C SER D 131 44.54 -6.58 39.07
N VAL D 132 43.81 -6.53 40.17
CA VAL D 132 43.28 -5.26 40.68
C VAL D 132 43.78 -4.99 42.07
N TYR D 133 44.60 -3.98 42.19
CA TYR D 133 45.28 -3.74 43.44
C TYR D 133 44.76 -2.47 44.11
N PRO D 134 44.25 -2.59 45.34
CA PRO D 134 43.79 -1.41 46.02
C PRO D 134 44.97 -0.53 46.37
N LEU D 135 44.80 0.80 46.34
CA LEU D 135 45.84 1.74 46.74
C LEU D 135 45.37 2.68 47.85
N ALA D 136 45.94 2.51 49.05
CA ALA D 136 45.65 3.41 50.16
C ALA D 136 46.87 4.31 50.40
N PRO D 137 46.65 5.48 51.01
CA PRO D 137 47.78 6.41 51.20
C PRO D 137 48.73 5.79 52.19
N VAL D 138 49.93 6.33 52.23
CA VAL D 138 50.95 5.82 53.14
C VAL D 138 50.59 6.14 54.58
N CYS D 139 50.66 5.15 55.47
CA CYS D 139 50.28 5.35 56.88
C CYS D 139 51.17 6.43 57.50
N GLY D 140 50.55 7.34 58.25
CA GLY D 140 51.26 8.45 58.87
C GLY D 140 51.10 9.76 58.12
N ASP D 141 50.72 9.70 56.84
CA ASP D 141 50.51 10.90 56.03
C ASP D 141 49.21 11.65 56.40
N THR D 142 48.47 11.19 57.41
CA THR D 142 47.20 11.82 57.85
C THR D 142 47.40 13.27 58.28
N THR D 143 46.85 14.20 57.50
CA THR D 143 46.95 15.63 57.80
C THR D 143 45.74 16.38 57.21
N GLY D 144 45.84 16.73 55.92
CA GLY D 144 44.80 17.49 55.21
C GLY D 144 43.43 16.88 55.40
N SER D 145 42.40 17.71 55.26
CA SER D 145 41.02 17.26 55.39
C SER D 145 40.62 16.30 54.28
N SER D 146 41.05 16.56 53.06
CA SER D 146 40.76 15.63 51.94
C SER D 146 41.80 14.51 51.85
N VAL D 147 41.45 13.47 51.11
CA VAL D 147 42.30 12.31 50.95
C VAL D 147 42.06 11.62 49.61
N THR D 148 43.15 11.16 49.01
CA THR D 148 43.10 10.49 47.73
C THR D 148 43.41 8.98 47.82
N LEU D 149 42.50 8.17 47.29
CA LEU D 149 42.67 6.72 47.24
C LEU D 149 42.92 6.32 45.79
N GLY D 150 43.09 5.03 45.53
CA GLY D 150 43.42 4.57 44.18
C GLY D 150 43.21 3.10 43.92
N CYS D 151 43.11 2.76 42.63
CA CYS D 151 42.83 1.40 42.15
C CYS D 151 43.65 1.24 40.85
N LEU D 152 44.36 0.12 40.76
CA LEU D 152 45.31 -0.11 39.69
C LEU D 152 45.00 -1.43 38.97
N VAL D 153 44.93 -1.39 37.65
CA VAL D 153 44.49 -2.54 36.87
C VAL D 153 45.59 -2.90 35.90
N LYS D 154 46.13 -4.09 36.02
CA LYS D 154 47.38 -4.43 35.36
C LYS D 154 47.30 -5.73 34.62
N GLY D 155 47.98 -5.76 33.46
CA GLY D 155 48.23 -6.98 32.73
C GLY D 155 46.99 -7.64 32.20
N TYR D 156 46.14 -6.86 31.54
CA TYR D 156 44.99 -7.43 30.82
C TYR D 156 45.15 -7.21 29.32
N PHE D 157 44.32 -7.93 28.57
CA PHE D 157 44.22 -7.73 27.13
C PHE D 157 43.00 -8.50 26.62
N PRO D 158 42.20 -7.88 25.75
CA PRO D 158 42.25 -6.52 25.19
C PRO D 158 41.42 -5.55 25.99
N GLU D 159 41.28 -4.36 25.42
CA GLU D 159 40.31 -3.39 25.91
C GLU D 159 38.88 -3.91 25.67
N PRO D 160 37.92 -3.46 26.48
CA PRO D 160 38.03 -2.45 27.52
C PRO D 160 37.89 -3.04 28.90
N VAL D 161 38.05 -2.18 29.90
CA VAL D 161 37.64 -2.48 31.28
C VAL D 161 36.67 -1.43 31.80
N THR D 162 35.78 -1.86 32.69
CA THR D 162 34.86 -1.00 33.41
C THR D 162 35.40 -0.77 34.80
N LEU D 163 35.50 0.48 35.22
CA LEU D 163 35.95 0.78 36.56
C LEU D 163 35.02 1.76 37.23
N THR D 164 34.45 1.38 38.37
CA THR D 164 33.51 2.24 39.10
C THR D 164 33.92 2.31 40.56
N TRP D 165 33.23 3.14 41.33
CA TRP D 165 33.45 3.23 42.77
C TRP D 165 32.13 3.05 43.54
N ASN D 166 32.15 2.12 44.50
CA ASN D 166 30.93 1.73 45.21
C ASN D 166 29.79 1.56 44.22
N SER D 167 30.09 0.86 43.13
CA SER D 167 29.13 0.51 42.09
C SER D 167 28.56 1.69 41.30
N GLY D 168 29.20 2.85 41.39
CA GLY D 168 28.79 4.02 40.61
C GLY D 168 28.17 5.13 41.43
N SER D 169 27.90 4.85 42.72
CA SER D 169 27.34 5.86 43.63
C SER D 169 28.32 7.03 43.83
N LEU D 170 29.60 6.69 43.71
CA LEU D 170 30.72 7.64 43.74
C LEU D 170 31.17 7.97 42.32
N SER D 171 30.92 9.21 41.91
CA SER D 171 31.47 9.72 40.64
C SER D 171 31.99 11.16 40.75
N SER D 172 32.02 11.71 41.96
CA SER D 172 32.55 13.05 42.20
C SER D 172 34.04 12.92 42.52
N GLY D 173 34.83 13.85 41.97
CA GLY D 173 36.27 13.86 42.21
C GLY D 173 36.93 12.53 41.90
N VAL D 174 36.57 11.98 40.74
CA VAL D 174 37.19 10.78 40.21
C VAL D 174 37.91 11.16 38.95
N HIS D 175 39.07 10.54 38.73
CA HIS D 175 39.76 10.58 37.44
C HIS D 175 40.05 9.14 37.10
N THR D 176 39.52 8.68 35.97
CA THR D 176 39.89 7.38 35.43
C THR D 176 40.79 7.55 34.18
N PHE D 177 41.99 6.99 34.26
CA PHE D 177 43.05 7.32 33.33
C PHE D 177 43.02 6.36 32.16
N PRO D 178 43.32 6.87 30.97
CA PRO D 178 43.45 6.01 29.81
C PRO D 178 44.38 4.80 30.01
N ALA D 179 43.98 3.67 29.42
CA ALA D 179 44.80 2.48 29.41
C ALA D 179 46.00 2.72 28.55
N VAL D 180 47.08 2.05 28.89
CA VAL D 180 48.29 2.09 28.08
C VAL D 180 48.91 0.69 27.93
N LEU D 181 49.35 0.43 26.71
CA LEU D 181 49.80 -0.87 26.27
C LEU D 181 51.28 -0.93 26.42
N GLN D 182 51.75 -2.06 26.90
CA GLN D 182 53.17 -2.28 27.13
C GLN D 182 53.43 -3.79 27.05
N SER D 183 54.14 -4.21 26.00
CA SER D 183 54.41 -5.61 25.76
C SER D 183 53.13 -6.42 25.68
N ASP D 184 52.16 -5.86 24.96
CA ASP D 184 50.88 -6.52 24.72
C ASP D 184 50.08 -6.77 25.98
N LEU D 185 50.36 -5.99 27.01
CA LEU D 185 49.48 -5.96 28.18
C LEU D 185 49.09 -4.53 28.46
N TYR D 186 47.84 -4.34 28.87
CA TYR D 186 47.29 -3.02 29.21
C TYR D 186 47.36 -2.77 30.69
N THR D 187 47.51 -1.50 31.02
CA THR D 187 47.46 -1.03 32.39
C THR D 187 46.63 0.24 32.52
N LEU D 188 45.94 0.37 33.63
CA LEU D 188 45.13 1.55 33.89
C LEU D 188 44.92 1.76 35.38
N SER D 189 44.56 2.98 35.72
CA SER D 189 44.48 3.40 37.09
C SER D 189 43.36 4.40 37.27
N SER D 190 43.07 4.74 38.52
CA SER D 190 41.95 5.62 38.84
C SER D 190 42.04 6.13 40.26
N SER D 191 42.12 7.45 40.43
CA SER D 191 42.10 8.06 41.76
C SER D 191 40.73 8.57 42.15
N VAL D 192 40.43 8.47 43.44
CA VAL D 192 39.24 9.09 43.98
C VAL D 192 39.59 9.91 45.21
N THR D 193 39.09 11.14 45.23
CA THR D 193 39.40 12.09 46.28
C THR D 193 38.14 12.42 47.08
N VAL D 194 38.24 12.37 48.41
CA VAL D 194 37.10 12.58 49.29
C VAL D 194 37.46 13.43 50.53
N THR D 195 36.48 13.71 51.36
CA THR D 195 36.73 14.30 52.68
C THR D 195 37.27 13.22 53.61
N SER D 196 38.24 13.57 54.45
CA SER D 196 38.89 12.56 55.29
C SER D 196 38.06 12.09 56.48
N SER D 197 36.92 12.74 56.75
CA SER D 197 35.93 12.19 57.69
C SER D 197 35.11 11.05 57.07
N THR D 198 34.77 11.16 55.78
CA THR D 198 34.07 10.07 55.07
C THR D 198 34.92 8.78 54.94
N TRP D 199 36.26 8.89 54.97
CA TRP D 199 37.13 7.71 54.89
C TRP D 199 38.29 7.82 55.90
N PRO D 200 38.60 6.73 56.63
CA PRO D 200 38.09 5.35 56.52
C PRO D 200 36.69 5.04 57.08
N SER D 201 35.93 6.06 57.51
CA SER D 201 34.56 5.87 58.03
C SER D 201 33.72 4.92 57.20
N GLN D 202 33.35 5.38 56.01
CA GLN D 202 32.47 4.64 55.11
C GLN D 202 33.32 3.74 54.19
N SER D 203 32.70 2.67 53.70
CA SER D 203 33.39 1.74 52.80
C SER D 203 33.61 2.31 51.40
N ILE D 204 34.87 2.45 50.99
CA ILE D 204 35.18 2.82 49.61
C ILE D 204 35.85 1.67 48.89
N THR D 205 35.27 1.32 47.75
CA THR D 205 35.53 0.06 47.10
C THR D 205 35.58 0.29 45.60
N CYS D 206 36.55 -0.30 44.92
CA CYS D 206 36.59 -0.21 43.45
C CYS D 206 36.09 -1.49 42.79
N ASN D 207 35.35 -1.28 41.71
CA ASN D 207 34.64 -2.32 40.97
C ASN D 207 35.15 -2.30 39.54
N VAL D 208 35.83 -3.37 39.17
CA VAL D 208 36.41 -3.50 37.83
C VAL D 208 35.81 -4.70 37.14
N ALA D 209 35.38 -4.54 35.89
CA ALA D 209 34.93 -5.68 35.07
C ALA D 209 35.74 -5.80 33.75
N HIS D 210 36.06 -7.02 33.34
CA HIS D 210 36.76 -7.28 32.07
C HIS D 210 35.94 -8.29 31.26
N PRO D 211 35.01 -7.78 30.43
CA PRO D 211 34.15 -8.62 29.60
C PRO D 211 34.92 -9.74 28.91
N ALA D 212 36.01 -9.38 28.21
CA ALA D 212 36.72 -10.34 27.38
C ALA D 212 37.30 -11.55 28.11
N SER D 213 37.49 -11.43 29.42
CA SER D 213 37.88 -12.57 30.23
C SER D 213 36.80 -13.01 31.21
N SER D 214 35.61 -12.42 31.15
CA SER D 214 34.55 -12.72 32.11
C SER D 214 35.07 -12.63 33.55
N THR D 215 35.71 -11.52 33.91
CA THR D 215 36.13 -11.26 35.32
C THR D 215 35.38 -10.06 35.90
N LYS D 216 35.04 -10.15 37.18
CA LYS D 216 34.40 -9.07 37.93
C LYS D 216 34.93 -9.11 39.35
N VAL D 217 35.80 -8.13 39.62
CA VAL D 217 36.49 -7.98 40.91
C VAL D 217 35.99 -6.74 41.64
N ASP D 218 35.64 -6.93 42.91
CA ASP D 218 35.49 -5.83 43.86
C ASP D 218 36.76 -5.73 44.69
N LYS D 219 37.16 -4.51 45.05
CA LYS D 219 38.35 -4.35 45.89
C LYS D 219 38.16 -3.24 46.92
N LYS D 220 38.21 -3.60 48.21
CA LYS D 220 38.08 -2.63 49.28
C LYS D 220 39.42 -1.92 49.59
N ILE D 221 39.34 -0.65 49.98
CA ILE D 221 40.52 0.11 50.28
C ILE D 221 40.66 0.27 51.79
N GLU D 222 41.44 -0.61 52.38
CA GLU D 222 41.73 -0.59 53.82
C GLU D 222 42.98 0.24 54.07
N PRO D 223 43.08 0.88 55.24
CA PRO D 223 44.33 1.52 55.66
C PRO D 223 45.43 0.49 55.88
N ARG D 224 46.61 0.92 56.32
CA ARG D 224 47.53 0.03 57.07
C ARG D 224 48.62 0.89 57.67
N GLN E 1 -12.18 -30.42 -37.63
CA GLN E 1 -10.75 -30.73 -37.94
C GLN E 1 -9.83 -30.59 -36.70
N ILE E 2 -10.12 -29.65 -35.79
CA ILE E 2 -9.53 -29.70 -34.43
C ILE E 2 -10.19 -30.77 -33.57
N VAL E 3 -9.38 -31.71 -33.07
CA VAL E 3 -9.91 -32.90 -32.42
C VAL E 3 -9.77 -32.78 -30.92
N LEU E 4 -10.77 -33.31 -30.22
CA LEU E 4 -10.81 -33.33 -28.76
C LEU E 4 -10.91 -34.73 -28.23
N SER E 5 -10.04 -35.04 -27.28
CA SER E 5 -9.94 -36.36 -26.71
C SER E 5 -10.11 -36.24 -25.22
N GLN E 6 -11.17 -36.84 -24.70
CA GLN E 6 -11.48 -36.81 -23.27
C GLN E 6 -11.07 -38.12 -22.59
N SER E 7 -10.46 -38.03 -21.40
CA SER E 7 -10.06 -39.17 -20.61
C SER E 7 -10.55 -39.02 -19.18
N PRO E 8 -10.92 -40.13 -18.53
CA PRO E 8 -11.15 -41.44 -19.18
C PRO E 8 -12.50 -41.37 -19.86
N ALA E 9 -12.85 -42.41 -20.61
CA ALA E 9 -14.16 -42.53 -21.23
C ALA E 9 -15.23 -42.75 -20.18
N ILE E 10 -14.99 -43.69 -19.26
CA ILE E 10 -15.87 -43.93 -18.11
C ILE E 10 -15.07 -43.73 -16.84
N LEU E 11 -15.74 -43.26 -15.79
CA LEU E 11 -15.11 -42.92 -14.53
C LEU E 11 -16.04 -43.25 -13.40
N SER E 12 -15.57 -44.09 -12.49
CA SER E 12 -16.37 -44.53 -11.36
C SER E 12 -15.83 -43.96 -10.07
N ALA E 13 -16.74 -43.39 -9.30
CA ALA E 13 -16.33 -42.70 -8.09
C ALA E 13 -17.33 -42.89 -6.97
N SER E 14 -16.81 -43.08 -5.77
CA SER E 14 -17.64 -43.03 -4.58
C SER E 14 -18.07 -41.59 -4.25
N PRO E 15 -19.28 -41.40 -3.71
CA PRO E 15 -19.63 -40.09 -3.20
C PRO E 15 -18.60 -39.57 -2.20
N GLY E 16 -18.18 -38.33 -2.37
CA GLY E 16 -17.19 -37.73 -1.48
C GLY E 16 -15.79 -37.70 -2.06
N GLU E 17 -15.50 -38.57 -3.03
CA GLU E 17 -14.18 -38.55 -3.69
C GLU E 17 -14.02 -37.28 -4.51
N LYS E 18 -12.76 -36.92 -4.74
CA LYS E 18 -12.42 -35.87 -5.69
C LYS E 18 -12.21 -36.56 -7.03
N VAL E 19 -12.69 -35.93 -8.09
CA VAL E 19 -12.60 -36.49 -9.42
C VAL E 19 -12.18 -35.45 -10.46
N THR E 20 -11.35 -35.87 -11.41
CA THR E 20 -10.90 -35.00 -12.46
C THR E 20 -11.08 -35.65 -13.81
N MET E 21 -11.59 -34.91 -14.78
CA MET E 21 -11.67 -35.41 -16.13
C MET E 21 -11.01 -34.44 -17.08
N THR E 22 -10.37 -34.99 -18.09
CA THR E 22 -9.44 -34.24 -18.88
C THR E 22 -9.95 -34.14 -20.31
N CYS E 23 -9.49 -33.14 -21.03
CA CYS E 23 -9.86 -32.90 -22.41
C CYS E 23 -8.63 -32.35 -23.11
N ARG E 24 -8.05 -33.12 -24.04
CA ARG E 24 -6.84 -32.67 -24.76
C ARG E 24 -7.24 -32.22 -26.15
N THR E 25 -6.47 -31.30 -26.72
CA THR E 25 -6.69 -30.90 -28.11
C THR E 25 -5.50 -31.20 -29.02
N SER E 26 -5.84 -31.61 -30.23
CA SER E 26 -4.86 -31.83 -31.28
C SER E 26 -4.02 -30.59 -31.53
N SER E 27 -4.62 -29.39 -31.52
CA SER E 27 -3.86 -28.12 -31.45
C SER E 27 -4.47 -27.04 -30.51
N SER E 28 -3.71 -26.00 -30.29
CA SER E 28 -3.98 -25.08 -29.22
C SER E 28 -5.29 -24.30 -29.33
N VAL E 29 -5.96 -24.06 -28.20
CA VAL E 29 -7.12 -23.16 -28.14
C VAL E 29 -7.01 -22.18 -26.99
N SER E 30 -7.75 -21.07 -27.09
CA SER E 30 -7.79 -20.03 -26.06
C SER E 30 -8.54 -20.48 -24.82
N TYR E 31 -9.63 -21.24 -24.98
CA TYR E 31 -10.37 -21.76 -23.82
C TYR E 31 -11.29 -22.91 -24.16
N MET E 32 -11.93 -23.51 -23.17
CA MET E 32 -12.77 -24.66 -23.39
C MET E 32 -14.11 -24.41 -22.74
N HIS E 33 -15.17 -24.90 -23.39
CA HIS E 33 -16.47 -24.96 -22.77
C HIS E 33 -16.84 -26.41 -22.49
N TRP E 34 -17.80 -26.59 -21.57
CA TRP E 34 -18.24 -27.93 -21.20
C TRP E 34 -19.76 -27.95 -21.01
N TYR E 35 -20.35 -29.12 -21.27
CA TYR E 35 -21.77 -29.37 -21.07
C TYR E 35 -22.02 -30.68 -20.33
N GLN E 36 -23.13 -30.68 -19.60
CA GLN E 36 -23.57 -31.84 -18.86
C GLN E 36 -24.83 -32.41 -19.49
N GLN E 37 -24.81 -33.71 -19.83
CA GLN E 37 -26.02 -34.42 -20.29
C GLN E 37 -26.37 -35.63 -19.44
N LYS E 38 -27.59 -35.65 -18.89
CA LYS E 38 -28.18 -36.89 -18.34
C LYS E 38 -29.06 -37.51 -19.44
N PRO E 39 -29.28 -38.86 -19.40
CA PRO E 39 -30.09 -39.50 -20.48
C PRO E 39 -31.53 -39.04 -20.51
N GLY E 40 -32.02 -38.77 -21.72
CA GLY E 40 -33.39 -38.30 -21.92
C GLY E 40 -33.60 -36.80 -21.81
N SER E 41 -32.51 -36.02 -21.66
CA SER E 41 -32.61 -34.57 -21.73
C SER E 41 -31.45 -33.92 -22.51
N SER E 42 -31.66 -32.65 -22.88
CA SER E 42 -30.69 -31.86 -23.60
C SER E 42 -29.44 -31.62 -22.76
N PRO E 43 -28.31 -31.41 -23.42
CA PRO E 43 -27.17 -30.95 -22.66
C PRO E 43 -27.53 -29.70 -21.86
N LYS E 44 -26.95 -29.52 -20.70
CA LYS E 44 -26.97 -28.23 -20.04
C LYS E 44 -25.60 -27.55 -20.17
N PRO E 45 -25.60 -26.27 -20.51
CA PRO E 45 -24.45 -25.40 -20.40
C PRO E 45 -23.87 -25.44 -19.00
N TRP E 46 -22.60 -25.80 -18.92
CA TRP E 46 -22.02 -26.13 -17.63
C TRP E 46 -20.89 -25.20 -17.27
N ILE E 47 -19.94 -25.02 -18.19
CA ILE E 47 -18.81 -24.08 -18.02
C ILE E 47 -18.42 -23.45 -19.33
N TYR E 48 -18.15 -22.14 -19.25
CA TYR E 48 -17.65 -21.38 -20.38
C TYR E 48 -16.30 -20.74 -20.15
N ALA E 49 -15.56 -20.64 -21.23
CA ALA E 49 -14.26 -20.02 -21.23
C ALA E 49 -13.43 -20.56 -20.09
N THR E 50 -13.37 -21.90 -20.03
CA THR E 50 -12.46 -22.68 -19.17
C THR E 50 -12.83 -22.79 -17.70
N SER E 51 -13.16 -21.66 -17.05
CA SER E 51 -13.36 -21.62 -15.60
C SER E 51 -14.67 -21.01 -15.08
N ASN E 52 -15.48 -20.43 -15.96
CA ASN E 52 -16.72 -19.77 -15.53
C ASN E 52 -17.88 -20.69 -15.42
N LEU E 53 -18.45 -20.78 -14.21
CA LEU E 53 -19.56 -21.72 -13.93
C LEU E 53 -20.85 -21.12 -14.36
N ALA E 54 -21.69 -21.93 -14.99
CA ALA E 54 -23.03 -21.52 -15.43
C ALA E 54 -23.98 -21.44 -14.23
N SER E 55 -24.92 -20.49 -14.27
CA SER E 55 -25.84 -20.32 -13.11
C SER E 55 -26.45 -21.66 -12.77
N GLY E 56 -26.39 -22.00 -11.50
CA GLY E 56 -27.00 -23.22 -11.03
C GLY E 56 -25.99 -24.32 -10.80
N VAL E 57 -24.77 -24.14 -11.29
CA VAL E 57 -23.74 -25.12 -11.06
C VAL E 57 -23.15 -24.88 -9.67
N PRO E 58 -23.00 -25.94 -8.88
CA PRO E 58 -22.48 -25.68 -7.53
C PRO E 58 -20.95 -25.58 -7.50
N PHE E 59 -20.45 -24.94 -6.46
CA PHE E 59 -19.03 -24.67 -6.30
C PHE E 59 -18.12 -25.90 -6.33
N ARG E 60 -18.68 -27.10 -6.19
CA ARG E 60 -17.84 -28.33 -6.19
C ARG E 60 -17.08 -28.45 -7.49
N PHE E 61 -17.68 -27.86 -8.52
CA PHE E 61 -17.11 -27.88 -9.85
C PHE E 61 -16.13 -26.77 -10.04
N SER E 62 -15.07 -27.10 -10.77
CA SER E 62 -14.13 -26.09 -11.21
C SER E 62 -13.43 -26.58 -12.48
N GLY E 63 -13.02 -25.62 -13.29
CA GLY E 63 -12.51 -25.90 -14.61
C GLY E 63 -11.19 -25.21 -14.80
N SER E 64 -10.23 -25.90 -15.40
CA SER E 64 -8.91 -25.32 -15.63
C SER E 64 -8.28 -25.72 -16.97
N GLY E 65 -7.14 -25.08 -17.24
CA GLY E 65 -6.26 -25.45 -18.34
C GLY E 65 -5.92 -24.31 -19.28
N SER E 66 -5.17 -24.64 -20.33
CA SER E 66 -4.73 -23.65 -21.32
C SER E 66 -4.11 -24.44 -22.47
N GLY E 67 -3.57 -23.75 -23.47
CA GLY E 67 -3.03 -24.40 -24.64
C GLY E 67 -3.86 -25.56 -25.12
N THR E 68 -3.31 -26.76 -24.98
CA THR E 68 -3.90 -28.00 -25.52
C THR E 68 -4.39 -28.95 -24.41
N SER E 69 -4.39 -28.49 -23.16
CA SER E 69 -4.82 -29.35 -22.07
C SER E 69 -5.80 -28.65 -21.11
N TYR E 70 -6.99 -29.21 -20.97
CA TYR E 70 -8.00 -28.64 -20.07
C TYR E 70 -8.61 -29.71 -19.21
N SER E 71 -9.21 -29.31 -18.11
CA SER E 71 -9.89 -30.27 -17.25
C SER E 71 -11.06 -29.67 -16.45
N LEU E 72 -11.90 -30.58 -15.98
CA LEU E 72 -13.05 -30.27 -15.13
C LEU E 72 -12.92 -31.12 -13.84
N THR E 73 -12.97 -30.47 -12.68
CA THR E 73 -12.77 -31.17 -11.41
C THR E 73 -13.95 -31.01 -10.45
N ILE E 74 -14.29 -32.10 -9.75
CA ILE E 74 -15.37 -32.11 -8.76
C ILE E 74 -14.77 -32.40 -7.39
N SER E 75 -14.79 -31.43 -6.50
CA SER E 75 -14.03 -31.58 -5.27
C SER E 75 -14.54 -32.71 -4.38
N ARG E 76 -15.87 -32.82 -4.28
CA ARG E 76 -16.53 -33.86 -3.48
C ARG E 76 -17.74 -34.32 -4.30
N VAL E 77 -17.59 -35.42 -5.03
CA VAL E 77 -18.64 -35.86 -5.97
C VAL E 77 -19.88 -36.37 -5.26
N GLU E 78 -21.05 -36.01 -5.80
CA GLU E 78 -22.33 -36.45 -5.28
C GLU E 78 -23.05 -37.25 -6.35
N ALA E 79 -24.10 -37.97 -5.95
CA ALA E 79 -24.77 -38.90 -6.86
C ALA E 79 -25.50 -38.21 -8.04
N GLU E 80 -26.07 -37.05 -7.78
CA GLU E 80 -26.69 -36.24 -8.84
C GLU E 80 -25.70 -35.75 -9.93
N ASP E 81 -24.41 -35.91 -9.70
CA ASP E 81 -23.39 -35.46 -10.64
C ASP E 81 -23.18 -36.51 -11.75
N ALA E 82 -23.64 -37.71 -11.51
CA ALA E 82 -23.54 -38.75 -12.51
C ALA E 82 -24.20 -38.32 -13.80
N ALA E 83 -23.42 -38.25 -14.84
CA ALA E 83 -23.88 -37.86 -16.17
C ALA E 83 -22.74 -38.04 -17.15
N THR E 84 -22.91 -37.54 -18.37
CA THR E 84 -21.80 -37.45 -19.31
C THR E 84 -21.41 -36.01 -19.52
N TYR E 85 -20.11 -35.72 -19.44
CA TYR E 85 -19.63 -34.36 -19.56
C TYR E 85 -18.90 -34.23 -20.87
N TYR E 86 -19.35 -33.32 -21.75
CA TYR E 86 -18.70 -33.12 -23.04
C TYR E 86 -17.95 -31.83 -23.08
N CYS E 87 -16.74 -31.83 -23.65
CA CYS E 87 -16.05 -30.56 -23.85
C CYS E 87 -16.34 -30.08 -25.23
N GLN E 88 -16.08 -28.81 -25.48
CA GLN E 88 -16.33 -28.18 -26.80
C GLN E 88 -15.52 -26.92 -27.00
N GLN E 89 -15.07 -26.73 -28.23
CA GLN E 89 -14.21 -25.63 -28.58
C GLN E 89 -14.81 -24.90 -29.78
N TRP E 90 -14.52 -23.62 -29.93
CA TRP E 90 -14.82 -22.96 -31.18
C TRP E 90 -13.76 -21.91 -31.47
N ASN E 91 -12.51 -22.35 -31.52
CA ASN E 91 -11.40 -21.45 -31.82
C ASN E 91 -11.33 -21.22 -33.29
N SER E 92 -11.71 -22.22 -34.06
CA SER E 92 -11.74 -22.05 -35.48
C SER E 92 -12.82 -22.96 -36.03
N ASN E 93 -13.31 -22.60 -37.20
CA ASN E 93 -14.31 -23.38 -37.86
C ASN E 93 -13.74 -24.72 -38.32
N PRO E 94 -14.53 -25.79 -38.16
CA PRO E 94 -15.82 -25.87 -37.50
C PRO E 94 -15.68 -26.07 -35.98
N PRO E 95 -16.76 -25.83 -35.21
CA PRO E 95 -16.72 -26.15 -33.78
C PRO E 95 -16.77 -27.65 -33.60
N THR E 96 -16.14 -28.15 -32.56
CA THR E 96 -16.04 -29.58 -32.36
C THR E 96 -16.29 -29.86 -30.90
N PHE E 97 -16.76 -31.08 -30.67
CA PHE E 97 -16.97 -31.62 -29.32
C PHE E 97 -16.04 -32.80 -29.06
N GLY E 98 -15.69 -33.02 -27.81
CA GLY E 98 -15.02 -34.28 -27.43
C GLY E 98 -15.97 -35.45 -27.41
N GLY E 99 -15.43 -36.62 -27.09
CA GLY E 99 -16.18 -37.87 -27.03
C GLY E 99 -17.00 -38.11 -25.77
N GLY E 100 -16.83 -37.26 -24.76
CA GLY E 100 -17.59 -37.41 -23.52
C GLY E 100 -16.84 -38.24 -22.50
N THR E 101 -17.11 -37.96 -21.23
CA THR E 101 -16.63 -38.76 -20.13
C THR E 101 -17.87 -39.05 -19.33
N LYS E 102 -18.17 -40.33 -19.16
CA LYS E 102 -19.38 -40.74 -18.45
C LYS E 102 -19.05 -40.98 -17.00
N LEU E 103 -19.73 -40.27 -16.11
CA LEU E 103 -19.49 -40.39 -14.67
C LEU E 103 -20.52 -41.29 -14.01
N GLU E 104 -19.99 -42.31 -13.32
CA GLU E 104 -20.77 -43.30 -12.60
C GLU E 104 -20.49 -43.33 -11.10
N ILE E 105 -21.50 -43.74 -10.37
CA ILE E 105 -21.39 -43.86 -8.93
C ILE E 105 -21.01 -45.30 -8.54
N LYS E 106 -20.01 -45.43 -7.66
CA LYS E 106 -19.65 -46.69 -7.01
C LYS E 106 -20.52 -46.91 -5.77
N ARG E 107 -20.67 -48.17 -5.39
CA ARG E 107 -21.49 -48.58 -4.25
C ARG E 107 -21.26 -50.04 -3.89
N ALA E 108 -21.82 -50.40 -2.74
CA ALA E 108 -21.80 -51.78 -2.28
C ALA E 108 -22.43 -52.76 -3.31
N ASP E 109 -21.85 -53.96 -3.38
CA ASP E 109 -22.44 -55.02 -4.20
C ASP E 109 -23.86 -55.37 -3.79
N ALA E 110 -24.65 -55.73 -4.80
CA ALA E 110 -26.04 -56.16 -4.63
C ALA E 110 -26.34 -57.27 -5.64
N ALA E 111 -26.84 -58.39 -5.11
CA ALA E 111 -27.27 -59.51 -5.95
C ALA E 111 -28.59 -59.16 -6.62
N PRO E 112 -28.90 -59.84 -7.72
CA PRO E 112 -30.14 -59.46 -8.38
C PRO E 112 -31.36 -60.09 -7.70
N THR E 113 -32.52 -59.50 -7.93
CA THR E 113 -33.77 -60.05 -7.50
C THR E 113 -34.40 -60.50 -8.80
N VAL E 114 -34.47 -61.81 -8.98
CA VAL E 114 -34.84 -62.44 -10.24
C VAL E 114 -36.31 -62.87 -10.22
N SER E 115 -37.08 -62.42 -11.22
CA SER E 115 -38.46 -62.88 -11.44
C SER E 115 -38.64 -63.46 -12.85
N ILE E 116 -39.45 -64.51 -12.95
CA ILE E 116 -39.73 -65.17 -14.22
C ILE E 116 -41.23 -65.21 -14.57
N PHE E 117 -41.56 -65.00 -15.86
CA PHE E 117 -42.94 -64.82 -16.29
C PHE E 117 -43.26 -65.58 -17.55
N PRO E 118 -44.28 -66.46 -17.49
CA PRO E 118 -44.71 -67.18 -18.68
C PRO E 118 -45.42 -66.33 -19.70
N PRO E 119 -45.63 -66.92 -20.88
CA PRO E 119 -46.44 -66.24 -21.87
C PRO E 119 -47.82 -65.91 -21.29
N SER E 120 -48.31 -64.70 -21.56
CA SER E 120 -49.70 -64.35 -21.24
C SER E 120 -50.66 -65.17 -22.10
N SER E 121 -51.91 -65.26 -21.68
CA SER E 121 -52.94 -65.99 -22.44
C SER E 121 -53.24 -65.24 -23.73
N GLU E 122 -53.12 -63.93 -23.67
CA GLU E 122 -53.52 -63.06 -24.77
C GLU E 122 -52.55 -63.23 -25.95
N GLN E 123 -51.28 -63.43 -25.64
CA GLN E 123 -50.24 -63.64 -26.64
C GLN E 123 -50.29 -65.06 -27.24
N LEU E 124 -50.61 -66.03 -26.40
CA LEU E 124 -50.72 -67.41 -26.83
C LEU E 124 -51.78 -67.57 -27.91
N THR E 125 -52.91 -66.90 -27.71
CA THR E 125 -54.05 -67.03 -28.61
C THR E 125 -53.71 -66.48 -30.00
N SER E 126 -52.73 -65.60 -30.07
CA SER E 126 -52.29 -65.09 -31.37
C SER E 126 -51.10 -65.87 -31.97
N GLY E 127 -50.71 -66.99 -31.37
CA GLY E 127 -49.60 -67.83 -31.87
C GLY E 127 -48.17 -67.55 -31.41
N GLY E 128 -48.00 -66.65 -30.45
CA GLY E 128 -46.65 -66.35 -29.92
C GLY E 128 -46.42 -66.95 -28.55
N ALA E 129 -45.15 -67.12 -28.15
CA ALA E 129 -44.79 -67.55 -26.76
C ALA E 129 -43.49 -66.92 -26.24
N SER E 130 -43.64 -65.93 -25.36
CA SER E 130 -42.51 -65.19 -24.83
C SER E 130 -42.42 -65.45 -23.35
N VAL E 131 -41.18 -65.65 -22.90
CA VAL E 131 -40.90 -65.91 -21.49
C VAL E 131 -39.99 -64.84 -21.02
N VAL E 132 -40.34 -64.21 -19.92
CA VAL E 132 -39.58 -63.04 -19.47
C VAL E 132 -38.93 -63.28 -18.12
N CYS E 133 -37.77 -62.66 -17.96
CA CYS E 133 -36.98 -62.74 -16.73
C CYS E 133 -36.45 -61.38 -16.44
N PHE E 134 -36.67 -60.92 -15.21
CA PHE E 134 -36.13 -59.65 -14.77
C PHE E 134 -35.11 -59.91 -13.67
N LEU E 135 -33.94 -59.33 -13.82
CA LEU E 135 -32.88 -59.42 -12.86
C LEU E 135 -32.71 -57.97 -12.48
N ASN E 136 -33.30 -57.62 -11.34
CA ASN E 136 -33.39 -56.24 -10.88
C ASN E 136 -32.51 -55.89 -9.69
N ASN E 137 -32.08 -54.64 -9.67
CA ASN E 137 -31.41 -54.02 -8.52
C ASN E 137 -30.10 -54.68 -8.11
N PHE E 138 -29.15 -54.78 -9.04
CA PHE E 138 -27.87 -55.41 -8.70
C PHE E 138 -26.67 -54.51 -8.92
N TYR E 139 -25.56 -54.83 -8.28
CA TYR E 139 -24.31 -54.13 -8.52
C TYR E 139 -23.18 -55.10 -8.29
N PRO E 140 -22.10 -55.05 -9.09
CA PRO E 140 -21.82 -54.19 -10.23
C PRO E 140 -22.64 -54.60 -11.47
N LYS E 141 -22.32 -54.04 -12.62
CA LYS E 141 -23.17 -54.11 -13.78
C LYS E 141 -23.00 -55.43 -14.54
N ASP E 142 -21.82 -56.03 -14.46
CA ASP E 142 -21.60 -57.33 -15.13
C ASP E 142 -22.58 -58.42 -14.66
N ILE E 143 -23.36 -58.93 -15.59
CA ILE E 143 -24.30 -60.00 -15.30
C ILE E 143 -24.58 -60.80 -16.52
N ASN E 144 -24.81 -62.09 -16.30
CA ASN E 144 -25.00 -63.01 -17.38
C ASN E 144 -26.26 -63.87 -17.20
N VAL E 145 -27.10 -63.93 -18.25
CA VAL E 145 -28.28 -64.74 -18.21
C VAL E 145 -28.19 -65.93 -19.15
N LYS E 146 -28.49 -67.11 -18.62
CA LYS E 146 -28.61 -68.35 -19.37
C LYS E 146 -30.09 -68.87 -19.39
N TRP E 147 -30.64 -69.18 -20.57
CA TRP E 147 -31.97 -69.77 -20.66
C TRP E 147 -31.85 -71.25 -20.82
N LYS E 148 -32.80 -71.97 -20.25
CA LYS E 148 -32.87 -73.43 -20.36
C LYS E 148 -34.31 -73.92 -20.55
N ILE E 149 -34.45 -74.85 -21.49
CA ILE E 149 -35.73 -75.47 -21.82
C ILE E 149 -35.56 -76.96 -21.59
N ASP E 150 -36.33 -77.52 -20.67
CA ASP E 150 -36.10 -78.90 -20.25
C ASP E 150 -34.59 -79.19 -20.06
N GLY E 151 -33.87 -78.19 -19.54
CA GLY E 151 -32.47 -78.37 -19.13
C GLY E 151 -31.39 -78.07 -20.14
N SER E 152 -31.74 -78.00 -21.45
CA SER E 152 -30.81 -77.57 -22.55
C SER E 152 -30.68 -76.07 -22.72
N GLU E 153 -29.46 -75.55 -22.65
CA GLU E 153 -29.19 -74.12 -22.95
C GLU E 153 -29.89 -73.79 -24.24
N ARG E 154 -30.40 -72.58 -24.32
CA ARG E 154 -31.12 -72.12 -25.49
C ARG E 154 -30.72 -70.70 -25.75
N GLN E 155 -30.18 -70.47 -26.94
CA GLN E 155 -29.54 -69.18 -27.27
C GLN E 155 -30.34 -68.28 -28.26
N ASN E 156 -30.97 -68.90 -29.26
CA ASN E 156 -31.81 -68.19 -30.23
C ASN E 156 -33.15 -67.72 -29.67
N GLY E 157 -33.58 -66.54 -30.11
CA GLY E 157 -34.87 -65.97 -29.75
C GLY E 157 -34.83 -65.20 -28.44
N VAL E 158 -33.63 -64.73 -28.07
CA VAL E 158 -33.42 -63.96 -26.84
C VAL E 158 -33.07 -62.49 -27.15
N LEU E 159 -33.70 -61.60 -26.40
CA LEU E 159 -33.46 -60.19 -26.49
C LEU E 159 -33.21 -59.68 -25.07
N ASN E 160 -32.09 -59.00 -24.88
CA ASN E 160 -31.78 -58.39 -23.59
C ASN E 160 -31.74 -56.87 -23.59
N SER E 161 -32.19 -56.29 -22.49
CA SER E 161 -32.12 -54.83 -22.29
C SER E 161 -31.69 -54.51 -20.85
N TRP E 162 -30.73 -53.60 -20.72
CA TRP E 162 -30.15 -53.21 -19.45
C TRP E 162 -30.49 -51.77 -19.17
N THR E 163 -30.75 -51.42 -17.91
CA THR E 163 -31.04 -50.02 -17.60
C THR E 163 -29.77 -49.26 -17.26
N ASP E 164 -29.91 -47.94 -17.33
CA ASP E 164 -28.94 -47.00 -16.82
C ASP E 164 -28.81 -47.27 -15.32
N GLN E 165 -27.70 -46.84 -14.76
CA GLN E 165 -27.58 -46.80 -13.32
C GLN E 165 -28.77 -46.01 -12.75
N ASP E 166 -29.44 -46.56 -11.75
CA ASP E 166 -30.62 -45.90 -11.15
C ASP E 166 -30.18 -44.68 -10.33
N SER E 167 -31.04 -43.68 -10.19
CA SER E 167 -30.66 -42.42 -9.51
C SER E 167 -30.83 -42.45 -8.00
N LYS E 168 -31.84 -43.17 -7.53
CA LYS E 168 -32.08 -43.29 -6.07
C LYS E 168 -31.01 -44.14 -5.42
N ASP E 169 -30.80 -45.34 -5.94
CA ASP E 169 -30.02 -46.35 -5.23
C ASP E 169 -28.80 -46.87 -5.98
N SER E 170 -28.53 -46.33 -7.17
CA SER E 170 -27.27 -46.62 -7.90
C SER E 170 -27.14 -48.04 -8.49
N THR E 171 -28.22 -48.83 -8.44
CA THR E 171 -28.18 -50.19 -8.95
C THR E 171 -28.46 -50.25 -10.46
N TYR E 172 -28.32 -51.45 -11.01
CA TYR E 172 -28.67 -51.74 -12.39
C TYR E 172 -29.74 -52.81 -12.43
N SER E 173 -30.46 -52.85 -13.54
CA SER E 173 -31.47 -53.87 -13.81
C SER E 173 -31.33 -54.38 -15.23
N MET E 174 -31.85 -55.59 -15.48
CA MET E 174 -31.78 -56.20 -16.80
C MET E 174 -33.10 -56.92 -17.10
N SER E 175 -33.40 -57.09 -18.39
CA SER E 175 -34.58 -57.82 -18.83
C SER E 175 -34.23 -58.74 -19.99
N SER E 176 -34.69 -60.00 -19.91
CA SER E 176 -34.41 -61.02 -20.92
C SER E 176 -35.67 -61.75 -21.35
N THR E 177 -35.82 -61.89 -22.66
CA THR E 177 -37.07 -62.34 -23.24
C THR E 177 -36.80 -63.41 -24.26
N LEU E 178 -37.11 -64.65 -23.86
CA LEU E 178 -37.01 -65.78 -24.73
C LEU E 178 -38.34 -65.92 -25.43
N THR E 179 -38.30 -65.83 -26.74
CA THR E 179 -39.51 -65.75 -27.51
C THR E 179 -39.51 -66.92 -28.53
N LEU E 180 -40.61 -67.67 -28.55
CA LEU E 180 -40.75 -68.89 -29.33
C LEU E 180 -42.08 -68.90 -30.05
N THR E 181 -42.29 -69.95 -30.84
CA THR E 181 -43.60 -70.22 -31.40
C THR E 181 -44.47 -70.93 -30.36
N LYS E 182 -45.79 -70.71 -30.40
CA LYS E 182 -46.72 -71.42 -29.54
C LYS E 182 -46.51 -72.94 -29.65
N ASP E 183 -46.25 -73.44 -30.87
CA ASP E 183 -46.06 -74.88 -31.10
C ASP E 183 -44.86 -75.45 -30.37
N GLU E 184 -43.75 -74.73 -30.41
CA GLU E 184 -42.51 -75.18 -29.81
C GLU E 184 -42.55 -75.04 -28.30
N TYR E 185 -43.27 -74.05 -27.81
CA TYR E 185 -43.45 -73.89 -26.36
C TYR E 185 -44.20 -75.08 -25.76
N GLU E 186 -45.12 -75.64 -26.52
CA GLU E 186 -46.03 -76.63 -26.02
C GLU E 186 -45.38 -78.01 -26.00
N ARG E 187 -44.25 -78.16 -26.67
CA ARG E 187 -43.57 -79.44 -26.70
C ARG E 187 -42.70 -79.69 -25.47
N HIS E 188 -42.73 -78.80 -24.47
CA HIS E 188 -41.73 -78.84 -23.37
C HIS E 188 -42.31 -78.46 -22.01
N ASN E 189 -41.79 -79.08 -20.97
CA ASN E 189 -42.28 -78.89 -19.62
C ASN E 189 -41.69 -77.64 -18.93
N SER E 190 -40.38 -77.60 -18.78
CA SER E 190 -39.76 -76.66 -17.86
C SER E 190 -39.00 -75.53 -18.56
N TYR E 191 -39.20 -74.32 -18.04
CA TYR E 191 -38.51 -73.13 -18.52
C TYR E 191 -37.76 -72.57 -17.32
N THR E 192 -36.48 -72.22 -17.54
CA THR E 192 -35.58 -71.78 -16.46
C THR E 192 -34.70 -70.56 -16.87
N CYS E 193 -34.50 -69.63 -15.95
CA CYS E 193 -33.53 -68.52 -16.07
C CYS E 193 -32.38 -68.72 -15.15
N GLU E 194 -31.16 -68.46 -15.63
CA GLU E 194 -29.98 -68.68 -14.83
C GLU E 194 -29.11 -67.44 -14.81
N ALA E 195 -29.25 -66.71 -13.71
CA ALA E 195 -28.46 -65.51 -13.43
C ALA E 195 -27.07 -65.82 -12.83
N THR E 196 -26.01 -65.40 -13.51
CA THR E 196 -24.66 -65.50 -12.93
C THR E 196 -24.13 -64.09 -12.64
N HIS E 197 -23.61 -63.92 -11.41
CA HIS E 197 -23.18 -62.61 -10.87
C HIS E 197 -22.17 -62.76 -9.71
N LYS E 198 -21.13 -61.93 -9.72
CA LYS E 198 -19.97 -62.13 -8.86
C LYS E 198 -20.33 -62.30 -7.39
N THR E 199 -21.45 -61.69 -6.97
CA THR E 199 -22.00 -61.78 -5.59
C THR E 199 -22.36 -63.18 -5.07
N SER E 200 -22.40 -64.16 -5.98
CA SER E 200 -22.68 -65.54 -5.62
C SER E 200 -21.88 -66.46 -6.56
N THR E 201 -21.37 -67.58 -6.05
CA THR E 201 -20.63 -68.55 -6.91
C THR E 201 -21.58 -69.53 -7.63
N SER E 202 -22.74 -69.76 -7.02
CA SER E 202 -23.83 -70.48 -7.66
C SER E 202 -24.75 -69.51 -8.38
N PRO E 203 -25.27 -69.95 -9.53
CA PRO E 203 -26.19 -69.07 -10.24
C PRO E 203 -27.51 -68.90 -9.49
N ILE E 204 -28.13 -67.72 -9.61
CA ILE E 204 -29.45 -67.51 -9.04
C ILE E 204 -30.44 -68.05 -10.06
N VAL E 205 -31.31 -68.96 -9.65
CA VAL E 205 -32.17 -69.71 -10.58
C VAL E 205 -33.67 -69.44 -10.32
N LYS E 206 -34.41 -69.33 -11.41
CA LYS E 206 -35.85 -69.25 -11.37
C LYS E 206 -36.45 -70.06 -12.50
N SER E 207 -37.50 -70.80 -12.14
CA SER E 207 -38.05 -71.78 -13.03
C SER E 207 -39.55 -71.92 -12.86
N PHE E 208 -40.20 -72.46 -13.88
CA PHE E 208 -41.59 -72.88 -13.80
C PHE E 208 -41.79 -74.02 -14.81
N ASN E 209 -42.80 -74.86 -14.58
CA ASN E 209 -43.20 -75.93 -15.54
C ASN E 209 -44.58 -75.58 -16.09
N ARG E 210 -44.92 -76.07 -17.27
CA ARG E 210 -46.07 -75.52 -17.96
C ARG E 210 -47.47 -75.86 -17.44
N ASN E 211 -47.59 -76.48 -16.28
CA ASN E 211 -48.89 -76.59 -15.59
C ASN E 211 -49.21 -75.34 -14.72
N GLN F 1 -38.25 -16.18 -19.51
CA GLN F 1 -37.43 -17.38 -19.80
C GLN F 1 -37.18 -17.49 -21.31
N VAL F 2 -35.95 -17.77 -21.66
CA VAL F 2 -35.63 -18.00 -23.05
C VAL F 2 -36.03 -19.42 -23.37
N LYS F 3 -36.72 -19.65 -24.49
CA LYS F 3 -37.12 -21.03 -24.85
C LYS F 3 -37.00 -21.30 -26.36
N LEU F 4 -36.61 -22.52 -26.69
CA LEU F 4 -36.52 -22.93 -28.08
C LEU F 4 -37.31 -24.21 -28.27
N GLN F 5 -38.44 -24.11 -28.93
CA GLN F 5 -39.28 -25.28 -29.12
C GLN F 5 -39.13 -25.68 -30.57
N GLU F 6 -38.43 -26.76 -30.82
CA GLU F 6 -38.30 -27.24 -32.20
C GLU F 6 -39.43 -28.17 -32.56
N SER F 7 -39.56 -28.44 -33.83
CA SER F 7 -40.68 -29.22 -34.37
C SER F 7 -40.37 -29.64 -35.82
N GLY F 8 -41.11 -30.61 -36.38
CA GLY F 8 -40.79 -31.14 -37.73
C GLY F 8 -40.49 -32.65 -37.82
N GLY F 9 -40.51 -33.31 -36.69
CA GLY F 9 -41.18 -34.61 -36.63
C GLY F 9 -40.22 -35.66 -37.04
N GLY F 10 -40.72 -36.84 -37.36
CA GLY F 10 -39.97 -38.05 -37.10
C GLY F 10 -39.53 -38.91 -38.24
N LEU F 11 -40.44 -39.71 -38.77
CA LEU F 11 -40.05 -40.82 -39.58
C LEU F 11 -40.12 -40.51 -41.08
N VAL F 12 -39.08 -40.88 -41.80
CA VAL F 12 -38.98 -40.60 -43.25
C VAL F 12 -38.02 -41.58 -43.87
N GLN F 13 -38.22 -41.88 -45.15
CA GLN F 13 -37.40 -42.90 -45.86
C GLN F 13 -36.08 -42.35 -46.33
N PRO F 14 -35.07 -43.23 -46.45
CA PRO F 14 -33.78 -42.83 -47.07
C PRO F 14 -34.01 -42.17 -48.40
N LYS F 15 -33.23 -41.13 -48.68
CA LYS F 15 -33.36 -40.24 -49.87
C LYS F 15 -34.45 -39.16 -49.71
N GLY F 16 -35.18 -39.23 -48.60
CA GLY F 16 -36.30 -38.33 -48.35
C GLY F 16 -35.90 -36.93 -47.96
N SER F 17 -36.92 -36.09 -47.79
CA SER F 17 -36.75 -34.69 -47.36
C SER F 17 -37.46 -34.44 -46.05
N LEU F 18 -36.94 -33.49 -45.26
CA LEU F 18 -37.65 -33.02 -44.06
C LEU F 18 -37.32 -31.59 -43.73
N LYS F 19 -38.31 -30.86 -43.22
CA LYS F 19 -38.09 -29.47 -42.82
C LYS F 19 -38.37 -29.30 -41.34
N LEU F 20 -37.28 -29.24 -40.60
CA LEU F 20 -37.31 -28.97 -39.19
C LEU F 20 -37.46 -27.48 -38.96
N SER F 21 -38.23 -27.11 -37.96
CA SER F 21 -38.41 -25.73 -37.60
C SER F 21 -38.08 -25.52 -36.09
N CYS F 22 -37.86 -24.27 -35.68
CA CYS F 22 -37.68 -23.95 -34.25
C CYS F 22 -38.28 -22.59 -34.00
N ALA F 23 -39.20 -22.54 -33.04
CA ALA F 23 -39.80 -21.31 -32.58
C ALA F 23 -39.06 -20.79 -31.35
N ALA F 24 -38.52 -19.57 -31.43
CA ALA F 24 -37.80 -18.98 -30.29
C ALA F 24 -38.65 -17.93 -29.59
N SER F 25 -38.47 -17.83 -28.29
CA SER F 25 -39.12 -16.76 -27.52
C SER F 25 -38.28 -16.38 -26.27
N GLY F 26 -38.57 -15.21 -25.69
CA GLY F 26 -37.85 -14.77 -24.52
C GLY F 26 -36.68 -13.88 -24.85
N PHE F 27 -36.31 -13.75 -26.11
CA PHE F 27 -35.22 -12.84 -26.51
C PHE F 27 -35.45 -12.23 -27.90
N THR F 28 -34.54 -11.35 -28.27
CA THR F 28 -34.56 -10.78 -29.58
C THR F 28 -33.84 -11.68 -30.58
N PHE F 29 -34.58 -12.65 -31.10
CA PHE F 29 -34.06 -13.62 -32.07
C PHE F 29 -33.21 -12.98 -33.18
N ASN F 30 -33.61 -11.78 -33.61
CA ASN F 30 -32.98 -11.12 -34.77
C ASN F 30 -31.54 -10.70 -34.53
N THR F 31 -31.14 -10.57 -33.26
CA THR F 31 -29.79 -10.14 -32.89
C THR F 31 -28.74 -11.23 -32.81
N TYR F 32 -29.16 -12.47 -32.97
CA TYR F 32 -28.37 -13.67 -32.60
C TYR F 32 -28.08 -14.52 -33.82
N ALA F 33 -26.87 -15.04 -33.93
CA ALA F 33 -26.64 -16.16 -34.82
C ALA F 33 -27.42 -17.35 -34.20
N MET F 34 -27.76 -18.35 -35.00
CA MET F 34 -28.36 -19.57 -34.45
C MET F 34 -27.78 -20.85 -35.04
N ASN F 35 -27.95 -21.94 -34.30
CA ASN F 35 -27.26 -23.22 -34.57
C ASN F 35 -28.15 -24.44 -34.46
N TRP F 36 -27.84 -25.44 -35.28
CA TRP F 36 -28.40 -26.77 -35.11
C TRP F 36 -27.27 -27.69 -34.75
N VAL F 37 -27.49 -28.44 -33.68
CA VAL F 37 -26.57 -29.46 -33.25
C VAL F 37 -27.36 -30.69 -33.08
N ARG F 38 -26.77 -31.83 -33.42
CA ARG F 38 -27.49 -33.11 -33.36
C ARG F 38 -26.79 -34.22 -32.57
N GLN F 39 -27.53 -35.31 -32.37
CA GLN F 39 -27.06 -36.43 -31.55
C GLN F 39 -27.76 -37.72 -31.93
N ALA F 40 -26.95 -38.57 -32.55
CA ALA F 40 -27.39 -39.91 -32.93
C ALA F 40 -27.74 -40.71 -31.65
N PRO F 41 -28.68 -41.65 -31.74
CA PRO F 41 -28.96 -42.47 -30.54
C PRO F 41 -27.69 -43.11 -29.94
N GLY F 42 -27.53 -42.94 -28.62
CA GLY F 42 -26.40 -43.50 -27.88
C GLY F 42 -25.03 -42.96 -28.28
N LYS F 43 -24.95 -41.92 -29.10
CA LYS F 43 -23.67 -41.40 -29.58
C LYS F 43 -23.59 -40.03 -28.96
N GLY F 44 -22.64 -39.21 -29.40
CA GLY F 44 -22.47 -37.88 -28.82
C GLY F 44 -23.02 -36.76 -29.67
N LEU F 45 -22.34 -35.61 -29.61
CA LEU F 45 -22.85 -34.37 -30.16
C LEU F 45 -22.09 -33.97 -31.44
N GLU F 46 -22.83 -33.44 -32.41
CA GLU F 46 -22.26 -33.02 -33.68
C GLU F 46 -22.96 -31.75 -34.15
N TRP F 47 -22.20 -30.67 -34.27
CA TRP F 47 -22.64 -29.45 -34.89
C TRP F 47 -22.93 -29.74 -36.33
N VAL F 48 -24.01 -29.14 -36.83
CA VAL F 48 -24.40 -29.34 -38.23
C VAL F 48 -24.41 -28.05 -39.04
N ALA F 49 -24.95 -26.97 -38.46
CA ALA F 49 -25.09 -25.72 -39.22
C ALA F 49 -25.27 -24.49 -38.36
N ARG F 50 -24.92 -23.37 -38.98
CA ARG F 50 -24.92 -22.06 -38.34
C ARG F 50 -25.40 -21.07 -39.38
N ILE F 51 -26.32 -20.20 -38.99
CA ILE F 51 -26.70 -19.05 -39.80
C ILE F 51 -26.48 -17.81 -38.96
N ARG F 52 -26.08 -16.72 -39.60
CA ARG F 52 -25.79 -15.49 -38.85
C ARG F 52 -26.97 -14.50 -38.80
N SER F 53 -26.77 -13.40 -38.09
CA SER F 53 -27.72 -12.30 -38.02
C SER F 53 -27.79 -11.49 -39.31
N LYS F 54 -28.88 -10.74 -39.43
CA LYS F 54 -29.11 -9.85 -40.55
C LYS F 54 -27.92 -8.98 -40.72
N SER F 55 -27.45 -8.43 -39.61
CA SER F 55 -26.34 -7.48 -39.69
C SER F 55 -25.00 -8.11 -40.14
N ASN F 56 -24.92 -9.43 -40.21
CA ASN F 56 -23.82 -10.12 -40.92
C ASN F 56 -24.27 -10.85 -42.19
N ASN F 57 -25.38 -10.40 -42.75
CA ASN F 57 -25.86 -10.90 -44.05
C ASN F 57 -26.25 -12.37 -44.07
N TYR F 58 -26.77 -12.83 -42.95
CA TYR F 58 -27.41 -14.11 -42.93
C TYR F 58 -26.46 -15.19 -43.47
N ALA F 59 -25.18 -15.08 -43.19
CA ALA F 59 -24.18 -16.01 -43.75
C ALA F 59 -24.36 -17.38 -43.12
N THR F 60 -24.19 -18.41 -43.94
CA THR F 60 -24.47 -19.77 -43.59
C THR F 60 -23.21 -20.62 -43.59
N PHE F 61 -23.14 -21.59 -42.67
CA PHE F 61 -21.99 -22.47 -42.50
C PHE F 61 -22.49 -23.88 -42.19
N TYR F 62 -21.78 -24.88 -42.70
CA TYR F 62 -22.25 -26.27 -42.63
C TYR F 62 -21.15 -27.24 -42.27
N ALA F 63 -21.52 -28.30 -41.52
CA ALA F 63 -20.61 -29.41 -41.30
C ALA F 63 -20.41 -30.16 -42.60
N ASP F 64 -19.20 -30.63 -42.90
CA ASP F 64 -18.95 -31.46 -44.10
C ASP F 64 -19.96 -32.61 -44.24
N SER F 65 -20.28 -33.29 -43.13
CA SER F 65 -21.15 -34.46 -43.19
C SER F 65 -22.56 -34.17 -43.71
N VAL F 66 -22.88 -32.88 -43.86
CA VAL F 66 -24.19 -32.37 -44.22
C VAL F 66 -24.19 -31.39 -45.43
N LYS F 67 -23.03 -30.81 -45.71
CA LYS F 67 -22.79 -29.98 -46.90
C LYS F 67 -23.47 -30.54 -48.17
N ASP F 68 -24.14 -29.67 -48.93
CA ASP F 68 -24.92 -30.03 -50.17
C ASP F 68 -26.23 -30.80 -49.97
N ARG F 69 -26.67 -31.03 -48.76
CA ARG F 69 -27.92 -31.76 -48.55
C ARG F 69 -28.87 -30.96 -47.65
N PHE F 70 -28.33 -30.19 -46.71
CA PHE F 70 -29.13 -29.48 -45.70
C PHE F 70 -29.08 -27.94 -45.99
N THR F 71 -30.14 -27.19 -45.72
CA THR F 71 -30.06 -25.73 -45.89
C THR F 71 -30.63 -25.13 -44.62
N ILE F 72 -29.96 -24.12 -44.12
CA ILE F 72 -30.37 -23.47 -42.89
C ILE F 72 -30.94 -22.12 -43.27
N SER F 73 -31.96 -21.69 -42.55
CA SER F 73 -32.55 -20.38 -42.84
C SER F 73 -33.34 -19.83 -41.65
N ARG F 74 -33.67 -18.55 -41.70
CA ARG F 74 -34.49 -17.90 -40.66
C ARG F 74 -35.57 -16.96 -41.21
N ASP F 75 -36.61 -16.77 -40.40
CA ASP F 75 -37.62 -15.74 -40.61
C ASP F 75 -37.73 -14.94 -39.29
N ASP F 76 -37.06 -13.82 -39.28
CA ASP F 76 -36.95 -13.05 -38.07
C ASP F 76 -38.31 -12.56 -37.59
N SER F 77 -39.17 -12.18 -38.54
CA SER F 77 -40.48 -11.61 -38.19
C SER F 77 -41.34 -12.61 -37.46
N GLN F 78 -41.05 -13.89 -37.63
CA GLN F 78 -41.75 -14.94 -36.87
C GLN F 78 -40.88 -15.69 -35.86
N SER F 79 -39.65 -15.22 -35.61
CA SER F 79 -38.79 -15.86 -34.62
C SER F 79 -38.56 -17.36 -34.93
N MET F 80 -38.39 -17.71 -36.20
CA MET F 80 -38.23 -19.11 -36.59
C MET F 80 -36.87 -19.34 -37.16
N LEU F 81 -36.34 -20.52 -36.87
CA LEU F 81 -35.19 -21.06 -37.51
C LEU F 81 -35.61 -22.35 -38.20
N TYR F 82 -34.93 -22.64 -39.30
CA TYR F 82 -35.29 -23.73 -40.16
C TYR F 82 -34.06 -24.49 -40.58
N LEU F 83 -34.28 -25.77 -40.76
CA LEU F 83 -33.33 -26.68 -41.34
C LEU F 83 -34.09 -27.59 -42.33
N GLN F 84 -33.86 -27.35 -43.62
CA GLN F 84 -34.34 -28.21 -44.69
C GLN F 84 -33.34 -29.32 -44.92
N MET F 85 -33.79 -30.55 -44.81
CA MET F 85 -32.93 -31.69 -45.04
C MET F 85 -33.38 -32.42 -46.30
N HIS F 86 -32.44 -32.66 -47.21
CA HIS F 86 -32.68 -33.40 -48.43
C HIS F 86 -31.71 -34.57 -48.50
N ASN F 87 -32.10 -35.55 -49.31
CA ASN F 87 -31.31 -36.77 -49.49
C ASN F 87 -30.89 -37.44 -48.16
N LEU F 88 -31.87 -37.64 -47.29
CA LEU F 88 -31.58 -38.17 -45.98
C LEU F 88 -30.93 -39.54 -46.07
N LYS F 89 -30.06 -39.82 -45.11
CA LYS F 89 -29.44 -41.14 -44.98
C LYS F 89 -29.75 -41.71 -43.57
N THR F 90 -29.60 -43.02 -43.42
CA THR F 90 -29.81 -43.62 -42.09
C THR F 90 -28.86 -43.02 -41.04
N ASP F 91 -27.66 -42.58 -41.43
CA ASP F 91 -26.77 -41.83 -40.51
C ASP F 91 -27.36 -40.55 -39.94
N ASP F 92 -28.18 -39.86 -40.71
CA ASP F 92 -28.73 -38.61 -40.23
C ASP F 92 -29.79 -38.81 -39.16
N THR F 93 -30.12 -40.06 -38.83
CA THR F 93 -31.11 -40.27 -37.76
C THR F 93 -30.47 -39.78 -36.47
N ALA F 94 -31.25 -39.04 -35.72
CA ALA F 94 -30.70 -38.32 -34.59
C ALA F 94 -31.71 -37.43 -33.90
N MET F 95 -31.34 -36.96 -32.72
CA MET F 95 -32.12 -35.97 -32.01
C MET F 95 -31.54 -34.66 -32.50
N TYR F 96 -32.39 -33.75 -33.02
CA TYR F 96 -31.93 -32.45 -33.52
C TYR F 96 -32.29 -31.28 -32.59
N TYR F 97 -31.28 -30.48 -32.23
CA TYR F 97 -31.42 -29.39 -31.24
C TYR F 97 -31.32 -28.00 -31.85
N CYS F 98 -32.18 -27.09 -31.41
CA CYS F 98 -32.09 -25.69 -31.77
C CYS F 98 -31.24 -25.05 -30.69
N VAL F 99 -30.28 -24.23 -31.11
CA VAL F 99 -29.21 -23.83 -30.18
C VAL F 99 -28.74 -22.39 -30.38
N ARG F 100 -28.91 -21.57 -29.35
CA ARG F 100 -28.47 -20.21 -29.38
C ARG F 100 -27.04 -20.16 -28.86
N PRO F 101 -26.19 -19.33 -29.46
CA PRO F 101 -24.87 -19.18 -28.94
C PRO F 101 -24.77 -17.96 -28.09
N SER F 102 -23.83 -17.98 -27.16
CA SER F 102 -23.52 -16.84 -26.32
C SER F 102 -23.08 -15.61 -27.11
N ILE F 103 -23.66 -14.50 -26.72
CA ILE F 103 -23.27 -13.21 -27.22
C ILE F 103 -21.93 -12.75 -26.59
N TYR F 104 -21.42 -13.44 -25.57
CA TYR F 104 -20.17 -13.06 -24.89
C TYR F 104 -18.93 -13.17 -25.77
N TYR F 105 -18.22 -12.05 -25.92
CA TYR F 105 -17.02 -12.00 -26.75
C TYR F 105 -15.95 -12.94 -26.19
N TYR F 106 -15.89 -12.98 -24.85
CA TYR F 106 -14.90 -13.71 -24.05
C TYR F 106 -15.25 -15.20 -23.90
N ALA F 107 -16.28 -15.65 -24.60
CA ALA F 107 -16.66 -17.09 -24.63
C ALA F 107 -17.27 -17.45 -25.97
N SER F 108 -16.67 -16.97 -27.06
CA SER F 108 -17.10 -17.35 -28.39
C SER F 108 -17.29 -18.83 -28.51
N GLY F 109 -18.49 -19.23 -28.88
CA GLY F 109 -18.84 -20.61 -29.16
C GLY F 109 -19.63 -21.33 -28.09
N TYR F 110 -19.67 -20.77 -26.89
CA TYR F 110 -20.48 -21.29 -25.80
C TYR F 110 -21.92 -21.29 -26.23
N LEU F 111 -22.60 -22.43 -26.12
CA LEU F 111 -23.97 -22.56 -26.59
C LEU F 111 -24.90 -22.47 -25.38
N ASP F 112 -25.50 -21.30 -25.19
CA ASP F 112 -26.04 -20.95 -23.88
C ASP F 112 -27.46 -21.35 -23.67
N VAL F 113 -28.16 -21.66 -24.75
CA VAL F 113 -29.52 -22.21 -24.67
C VAL F 113 -29.73 -23.33 -25.68
N TRP F 114 -30.27 -24.45 -25.18
CA TRP F 114 -30.68 -25.62 -25.98
C TRP F 114 -32.20 -25.83 -25.87
N GLY F 115 -32.82 -26.28 -26.94
CA GLY F 115 -34.22 -26.71 -26.89
C GLY F 115 -34.28 -28.16 -26.46
N ALA F 116 -35.48 -28.68 -26.26
CA ALA F 116 -35.63 -30.14 -26.15
C ALA F 116 -35.39 -30.55 -27.60
N GLY F 117 -34.99 -31.73 -27.89
CA GLY F 117 -34.81 -31.93 -29.35
C GLY F 117 -36.13 -32.10 -30.09
N THR F 118 -36.00 -32.34 -31.37
CA THR F 118 -37.01 -33.00 -32.17
C THR F 118 -36.31 -34.20 -32.79
N THR F 119 -36.99 -35.34 -32.72
CA THR F 119 -36.44 -36.63 -33.11
C THR F 119 -36.63 -36.89 -34.58
N VAL F 120 -35.55 -37.29 -35.25
CA VAL F 120 -35.59 -37.66 -36.65
C VAL F 120 -35.12 -39.11 -36.77
N THR F 121 -35.95 -39.94 -37.39
CA THR F 121 -35.62 -41.34 -37.70
C THR F 121 -35.64 -41.55 -39.23
N VAL F 122 -34.52 -41.98 -39.78
CA VAL F 122 -34.43 -42.28 -41.22
C VAL F 122 -34.40 -43.78 -41.43
N SER F 123 -35.52 -44.34 -41.89
CA SER F 123 -35.67 -45.78 -42.07
C SER F 123 -36.72 -46.20 -43.13
N SER F 124 -36.47 -47.35 -43.78
CA SER F 124 -37.41 -47.94 -44.76
C SER F 124 -38.42 -48.90 -44.12
N ALA F 125 -38.18 -49.21 -42.86
CA ALA F 125 -39.15 -49.92 -42.06
C ALA F 125 -40.42 -49.10 -41.96
N LYS F 126 -41.53 -49.78 -41.72
CA LYS F 126 -42.85 -49.15 -41.68
C LYS F 126 -43.48 -49.06 -40.32
N THR F 127 -44.31 -48.05 -40.14
CA THR F 127 -45.02 -47.78 -38.89
C THR F 127 -45.91 -48.96 -38.51
N THR F 128 -45.57 -49.66 -37.44
CA THR F 128 -46.36 -50.80 -36.93
C THR F 128 -46.82 -50.57 -35.49
N ALA F 129 -47.99 -51.11 -35.17
CA ALA F 129 -48.57 -50.95 -33.84
C ALA F 129 -48.10 -52.08 -32.89
N PRO F 130 -47.98 -51.77 -31.57
CA PRO F 130 -47.51 -52.74 -30.62
C PRO F 130 -48.59 -53.73 -30.19
N SER F 131 -48.17 -54.67 -29.36
CA SER F 131 -49.05 -55.58 -28.66
C SER F 131 -48.61 -55.51 -27.22
N VAL F 132 -49.57 -55.44 -26.30
CA VAL F 132 -49.24 -55.24 -24.88
C VAL F 132 -49.75 -56.37 -24.02
N TYR F 133 -48.81 -57.15 -23.47
CA TYR F 133 -49.19 -58.36 -22.79
C TYR F 133 -48.96 -58.24 -21.28
N PRO F 134 -50.02 -58.43 -20.49
CA PRO F 134 -49.84 -58.35 -19.07
C PRO F 134 -48.98 -59.53 -18.61
N LEU F 135 -48.16 -59.34 -17.58
CA LEU F 135 -47.37 -60.44 -17.00
C LEU F 135 -47.61 -60.58 -15.49
N ALA F 136 -48.20 -61.69 -15.08
CA ALA F 136 -48.40 -61.98 -13.66
C ALA F 136 -47.43 -63.06 -13.22
N PRO F 137 -47.21 -63.21 -11.90
CA PRO F 137 -46.32 -64.21 -11.37
C PRO F 137 -46.77 -65.58 -11.77
N VAL F 138 -45.88 -66.53 -11.65
CA VAL F 138 -46.21 -67.89 -12.02
C VAL F 138 -47.32 -68.36 -11.09
N CYS F 139 -48.15 -69.27 -11.61
CA CYS F 139 -49.25 -69.87 -10.89
C CYS F 139 -48.66 -70.84 -9.85
N GLY F 140 -48.48 -70.39 -8.61
CA GLY F 140 -47.91 -71.28 -7.60
C GLY F 140 -47.34 -70.72 -6.31
N ASP F 141 -46.25 -69.94 -6.43
CA ASP F 141 -45.54 -69.40 -5.25
C ASP F 141 -46.35 -68.64 -4.17
N THR F 142 -46.89 -67.47 -4.50
CA THR F 142 -47.79 -66.74 -3.60
C THR F 142 -47.11 -66.59 -2.22
N THR F 143 -45.82 -66.25 -2.22
CA THR F 143 -44.94 -66.43 -1.04
C THR F 143 -44.55 -65.10 -0.38
N GLY F 144 -43.43 -64.54 -0.80
CA GLY F 144 -42.72 -63.48 -0.07
C GLY F 144 -43.56 -62.28 0.26
N SER F 145 -42.92 -61.34 0.94
CA SER F 145 -43.56 -60.09 1.32
C SER F 145 -44.04 -59.32 0.10
N SER F 146 -43.12 -59.16 -0.84
CA SER F 146 -43.36 -58.40 -2.05
C SER F 146 -43.56 -59.30 -3.25
N VAL F 147 -43.91 -58.66 -4.36
CA VAL F 147 -44.24 -59.36 -5.57
C VAL F 147 -43.95 -58.47 -6.76
N THR F 148 -43.46 -59.11 -7.81
CA THR F 148 -43.12 -58.42 -9.04
C THR F 148 -44.07 -58.77 -10.18
N LEU F 149 -44.64 -57.74 -10.79
CA LEU F 149 -45.50 -57.88 -11.96
C LEU F 149 -44.79 -57.37 -13.19
N GLY F 150 -45.42 -57.43 -14.36
CA GLY F 150 -44.75 -57.03 -15.60
C GLY F 150 -45.67 -56.72 -16.78
N CYS F 151 -45.13 -55.97 -17.75
CA CYS F 151 -45.85 -55.52 -18.94
C CYS F 151 -44.82 -55.56 -20.11
N LEU F 152 -45.24 -56.14 -21.22
CA LEU F 152 -44.35 -56.41 -22.34
C LEU F 152 -44.91 -55.81 -23.63
N VAL F 153 -44.07 -55.08 -24.36
CA VAL F 153 -44.52 -54.31 -25.52
C VAL F 153 -43.72 -54.78 -26.70
N LYS F 154 -44.41 -55.34 -27.69
CA LYS F 154 -43.73 -56.07 -28.74
C LYS F 154 -44.19 -55.63 -30.10
N GLY F 155 -43.23 -55.61 -31.03
CA GLY F 155 -43.50 -55.49 -32.46
C GLY F 155 -44.08 -54.15 -32.83
N TYR F 156 -43.46 -53.08 -32.37
CA TYR F 156 -43.82 -51.71 -32.82
C TYR F 156 -42.69 -51.06 -33.59
N PHE F 157 -43.03 -49.97 -34.27
CA PHE F 157 -42.04 -49.14 -34.95
C PHE F 157 -42.71 -47.84 -35.39
N PRO F 158 -42.03 -46.70 -35.20
CA PRO F 158 -40.76 -46.43 -34.53
C PRO F 158 -40.94 -46.12 -33.06
N GLU F 159 -39.83 -45.70 -32.47
CA GLU F 159 -39.85 -45.09 -31.15
C GLU F 159 -40.60 -43.74 -31.19
N PRO F 160 -41.15 -43.32 -30.06
CA PRO F 160 -41.11 -43.94 -28.75
C PRO F 160 -42.43 -44.54 -28.33
N VAL F 161 -42.42 -45.20 -27.18
CA VAL F 161 -43.65 -45.58 -26.46
C VAL F 161 -43.63 -45.01 -25.05
N THR F 162 -44.83 -44.73 -24.55
CA THR F 162 -45.01 -44.28 -23.18
C THR F 162 -45.53 -45.44 -22.39
N LEU F 163 -44.91 -45.73 -21.25
CA LEU F 163 -45.40 -46.76 -20.38
C LEU F 163 -45.51 -46.31 -18.95
N THR F 164 -46.71 -46.41 -18.37
CA THR F 164 -46.94 -45.97 -16.99
C THR F 164 -47.66 -47.06 -16.21
N TRP F 165 -47.86 -46.83 -14.93
CA TRP F 165 -48.62 -47.76 -14.09
C TRP F 165 -49.74 -47.02 -13.33
N ASN F 166 -50.96 -47.53 -13.45
CA ASN F 166 -52.14 -46.86 -12.91
C ASN F 166 -52.08 -45.38 -13.24
N SER F 167 -51.74 -45.10 -14.50
CA SER F 167 -51.68 -43.76 -15.04
C SER F 167 -50.63 -42.85 -14.45
N GLY F 168 -49.65 -43.41 -13.75
CA GLY F 168 -48.53 -42.64 -13.22
C GLY F 168 -48.55 -42.49 -11.71
N SER F 169 -49.64 -42.89 -11.06
CA SER F 169 -49.75 -42.87 -9.59
C SER F 169 -48.71 -43.79 -8.94
N LEU F 170 -48.37 -44.85 -9.69
CA LEU F 170 -47.30 -45.80 -9.36
C LEU F 170 -46.02 -45.45 -10.11
N SER F 171 -45.01 -45.01 -9.38
CA SER F 171 -43.67 -44.86 -9.96
C SER F 171 -42.56 -45.31 -9.03
N SER F 172 -42.92 -45.95 -7.91
CA SER F 172 -41.94 -46.51 -6.97
C SER F 172 -41.66 -47.95 -7.37
N GLY F 173 -40.39 -48.33 -7.28
CA GLY F 173 -39.99 -49.68 -7.57
C GLY F 173 -40.46 -50.11 -8.94
N VAL F 174 -40.27 -49.21 -9.90
CA VAL F 174 -40.51 -49.51 -11.31
C VAL F 174 -39.16 -49.48 -12.00
N HIS F 175 -38.99 -50.37 -12.97
CA HIS F 175 -37.88 -50.32 -13.93
C HIS F 175 -38.51 -50.42 -15.29
N THR F 176 -38.32 -49.38 -16.10
CA THR F 176 -38.72 -49.45 -17.51
C THR F 176 -37.49 -49.56 -18.44
N PHE F 177 -37.46 -50.63 -19.20
CA PHE F 177 -36.23 -51.05 -19.86
C PHE F 177 -36.15 -50.44 -21.25
N PRO F 178 -34.96 -50.06 -21.68
CA PRO F 178 -34.76 -49.60 -23.06
C PRO F 178 -35.33 -50.52 -24.12
N ALA F 179 -35.88 -49.92 -25.17
CA ALA F 179 -36.38 -50.65 -26.32
C ALA F 179 -35.20 -51.23 -27.05
N VAL F 180 -35.45 -52.36 -27.71
CA VAL F 180 -34.44 -52.99 -28.56
C VAL F 180 -35.06 -53.47 -29.85
N LEU F 181 -34.29 -53.22 -30.91
CA LEU F 181 -34.71 -53.40 -32.30
C LEU F 181 -34.25 -54.75 -32.76
N GLN F 182 -35.13 -55.42 -33.47
CA GLN F 182 -34.87 -56.76 -33.94
C GLN F 182 -35.75 -56.96 -35.20
N SER F 183 -35.11 -57.05 -36.35
CA SER F 183 -35.81 -57.18 -37.64
C SER F 183 -36.80 -56.03 -37.84
N ASP F 184 -36.33 -54.82 -37.53
CA ASP F 184 -37.10 -53.60 -37.71
C ASP F 184 -38.39 -53.59 -36.89
N LEU F 185 -38.40 -54.33 -35.79
CA LEU F 185 -39.45 -54.18 -34.80
C LEU F 185 -38.82 -53.98 -33.46
N TYR F 186 -39.44 -53.12 -32.66
CA TYR F 186 -38.94 -52.81 -31.31
C TYR F 186 -39.68 -53.63 -30.30
N THR F 187 -38.98 -53.91 -29.21
CA THR F 187 -39.55 -54.55 -28.02
C THR F 187 -39.10 -53.88 -26.74
N LEU F 188 -39.98 -53.86 -25.76
CA LEU F 188 -39.65 -53.26 -24.47
C LEU F 188 -40.52 -53.85 -23.37
N SER F 189 -40.03 -53.69 -22.14
CA SER F 189 -40.65 -54.31 -21.00
C SER F 189 -40.55 -53.40 -19.78
N SER F 190 -41.23 -53.78 -18.71
CA SER F 190 -41.25 -52.98 -17.50
C SER F 190 -41.74 -53.80 -16.32
N SER F 191 -40.93 -53.94 -15.28
CA SER F 191 -41.36 -54.59 -14.03
C SER F 191 -41.82 -53.59 -12.96
N VAL F 192 -42.83 -53.99 -12.19
CA VAL F 192 -43.21 -53.23 -11.01
C VAL F 192 -43.27 -54.13 -9.79
N THR F 193 -42.65 -53.68 -8.71
CA THR F 193 -42.58 -54.45 -7.48
C THR F 193 -43.35 -53.77 -6.37
N VAL F 194 -44.17 -54.52 -5.66
CA VAL F 194 -45.02 -53.97 -4.57
C VAL F 194 -45.06 -54.89 -3.34
N THR F 195 -45.76 -54.47 -2.28
CA THR F 195 -46.03 -55.40 -1.15
C THR F 195 -47.21 -56.32 -1.56
N SER F 196 -47.14 -57.58 -1.14
CA SER F 196 -48.11 -58.59 -1.60
C SER F 196 -49.50 -58.48 -0.98
N SER F 197 -49.67 -57.61 0.01
CA SER F 197 -51.00 -57.25 0.50
C SER F 197 -51.70 -56.27 -0.46
N THR F 198 -50.95 -55.32 -1.04
CA THR F 198 -51.52 -54.39 -2.03
C THR F 198 -51.95 -55.08 -3.35
N TRP F 199 -51.36 -56.24 -3.68
CA TRP F 199 -51.78 -57.00 -4.87
C TRP F 199 -51.89 -58.51 -4.57
N PRO F 200 -52.95 -59.18 -5.07
CA PRO F 200 -54.00 -58.71 -5.99
C PRO F 200 -55.11 -57.80 -5.45
N SER F 201 -55.00 -57.38 -4.18
CA SER F 201 -55.98 -56.52 -3.52
C SER F 201 -56.44 -55.36 -4.39
N GLN F 202 -55.55 -54.41 -4.64
CA GLN F 202 -55.82 -53.21 -5.45
C GLN F 202 -55.49 -53.46 -6.94
N SER F 203 -56.14 -52.71 -7.81
CA SER F 203 -55.94 -52.86 -9.26
C SER F 203 -54.57 -52.32 -9.73
N ILE F 204 -53.74 -53.20 -10.30
CA ILE F 204 -52.52 -52.75 -10.96
C ILE F 204 -52.57 -52.97 -12.46
N THR F 205 -52.33 -51.89 -13.19
CA THR F 205 -52.67 -51.82 -14.59
C THR F 205 -51.54 -51.10 -15.30
N CYS F 206 -51.14 -51.59 -16.47
CA CYS F 206 -50.15 -50.86 -17.29
C CYS F 206 -50.79 -50.12 -18.45
N ASN F 207 -50.25 -48.93 -18.69
CA ASN F 207 -50.75 -47.96 -19.64
C ASN F 207 -49.67 -47.65 -20.65
N VAL F 208 -49.89 -48.06 -21.89
CA VAL F 208 -48.93 -47.88 -22.96
C VAL F 208 -49.55 -47.04 -24.06
N ALA F 209 -48.82 -46.03 -24.54
CA ALA F 209 -49.26 -45.23 -25.69
C ALA F 209 -48.20 -45.24 -26.83
N HIS F 210 -48.65 -45.31 -28.07
CA HIS F 210 -47.75 -45.29 -29.24
C HIS F 210 -48.25 -44.20 -30.18
N PRO F 211 -47.77 -42.96 -29.98
CA PRO F 211 -48.15 -41.82 -30.80
C PRO F 211 -48.16 -42.15 -32.28
N ALA F 212 -47.06 -42.70 -32.79
CA ALA F 212 -46.89 -42.91 -34.23
C ALA F 212 -47.93 -43.82 -34.88
N SER F 213 -48.59 -44.66 -34.09
CA SER F 213 -49.71 -45.45 -34.60
C SER F 213 -51.04 -45.07 -33.98
N SER F 214 -51.07 -43.99 -33.20
CA SER F 214 -52.32 -43.59 -32.56
C SER F 214 -52.96 -44.77 -31.82
N THR F 215 -52.17 -45.45 -30.98
CA THR F 215 -52.71 -46.50 -30.08
C THR F 215 -52.55 -46.10 -28.60
N LYS F 216 -53.54 -46.48 -27.81
CA LYS F 216 -53.55 -46.26 -26.38
C LYS F 216 -54.24 -47.48 -25.76
N VAL F 217 -53.42 -48.35 -25.16
CA VAL F 217 -53.84 -49.58 -24.51
C VAL F 217 -53.66 -49.49 -22.98
N ASP F 218 -54.71 -49.85 -22.27
CA ASP F 218 -54.62 -50.18 -20.84
C ASP F 218 -54.57 -51.71 -20.71
N LYS F 219 -53.83 -52.22 -19.73
CA LYS F 219 -53.80 -53.66 -19.50
C LYS F 219 -53.77 -54.03 -18.02
N LYS F 220 -54.81 -54.73 -17.55
CA LYS F 220 -54.89 -55.14 -16.14
C LYS F 220 -54.09 -56.45 -15.89
N ILE F 221 -53.52 -56.56 -14.69
CA ILE F 221 -52.71 -57.73 -14.34
C ILE F 221 -53.46 -58.64 -13.38
N GLU F 222 -54.13 -59.63 -13.96
CA GLU F 222 -54.92 -60.60 -13.21
C GLU F 222 -54.04 -61.78 -12.82
N PRO F 223 -54.31 -62.43 -11.66
CA PRO F 223 -53.67 -63.72 -11.33
C PRO F 223 -54.06 -64.78 -12.33
N ARG F 224 -53.50 -65.98 -12.26
CA ARG F 224 -53.78 -66.96 -13.30
C ARG F 224 -54.71 -68.09 -12.87
#